data_3GQB
#
_entry.id   3GQB
#
_cell.length_a   199.368
_cell.length_b   199.368
_cell.length_c   179.005
_cell.angle_alpha   90.00
_cell.angle_beta   90.00
_cell.angle_gamma   120.00
#
_symmetry.space_group_name_H-M   'P 3 2 1'
#
loop_
_entity.id
_entity.type
_entity.pdbx_description
1 polymer 'V-type ATP synthase alpha chain'
2 polymer 'V-type ATP synthase beta chain'
3 water water
#
loop_
_entity_poly.entity_id
_entity_poly.type
_entity_poly.pdbx_seq_one_letter_code
_entity_poly.pdbx_strand_id
1 'polypeptide(L)'
;MIQGVIQKIAGPAVIAKGMLGARMYDISKVGEEGLVGEIIRLDGDTAFVQVYEDTSGLKVGEPVVSTGLPLAVELGPGML
NGIYDGIQRPLERIREKTGIYITRGVVVHALDREKKWAWTPMVKPGDEVRGGMVLGTVPEFGFTHKILVPPDVRGRVKEV
KPAGEYTVEEPVVVLEDGTELKMYHTWPVRRARPVQRKLDPNTPFLTGMRILDVLFPVAMGGTAAIPGPFGSGKSVTQQS
LAKWSNADVVVYVGSGERGNEMTDVLVEFPELTDPKTGGPLMHRTVLIANTSNMPVAAREASIYVGVTIAEYFRDQGFSV
ALMADSTSRWAEALREISSRLEEMPAEEGYPPYLAARLAAFYERAGKVITLGGEEGAVTIVGAVSPPGGDMSEPVTQSTL
RIVGAFWRLDASLAFRRHFPAINWNGSYSLFTSALDPWYRENVAEDYPELRDAISELLQREAGLQEIVQLVGPDALQDAE
RLVIEVGRIIREDFLQQNAYHEVDAYSSMKKAYGIMKMILAFYKEAEAAIKRGVSIDEILQLPVLERIGRARYVSEEEFP
AYFEEAMKEIQGAFKALA
;
A,C
2 'polypeptide(L)'
;MDLLKKEYTGITYISGPLLFVENAKDLAYGAIVDIKDGTGRVRGGQVIEVSEEYAVIQVFEETTGLDLATTSVSLVEDVA
RLGVSKEMLGRRFNGIGKPIDGLPPITPEKRLPITGLPLNPVARRKPEQFIQTGISTIDVMNTLVRGQKLPIFSGSGLPA
NEIAAQIARQATVRPDLSGEGEKEEPFAVVFAAMGITQRELSYFIQEFERTGALSRSVLFLNKADDPTIERILTPRMALT
VAEYLAFEHDYHVLVILTDMTNYSEALREIGAAREEIPGRRGYPGYMYTDLATIYERAGVVEGKKGSVTQIPILSMPDDD
RTHPIPDLTGYITEGQIQLSRELHRKGIYPPIDPLPSLSRLMNNGVGKGKTREDHKQVSDQLYSAYANGVDIRKLVAIIG
EDALTENDRRYLQFADAFERFFINQGQQNRSIEESLQIAWALLSMLPQGELKRISKDHIGKYYG
;
B,D
#
# COMPACT_ATOMS: atom_id res chain seq x y z
N MET A 1 -28.30 -31.93 27.69
CA MET A 1 -28.73 -30.63 28.32
C MET A 1 -29.33 -30.91 29.69
N ILE A 2 -28.64 -30.50 30.76
CA ILE A 2 -29.17 -30.66 32.13
C ILE A 2 -28.99 -29.37 32.92
N GLN A 3 -29.97 -29.06 33.77
CA GLN A 3 -30.13 -27.71 34.35
C GLN A 3 -29.93 -27.59 35.87
N GLY A 4 -28.70 -27.35 36.29
CA GLY A 4 -28.37 -27.18 37.71
C GLY A 4 -27.96 -25.76 38.12
N VAL A 5 -27.45 -25.64 39.35
CA VAL A 5 -27.02 -24.34 39.87
C VAL A 5 -25.70 -24.48 40.61
N ILE A 6 -25.03 -23.37 40.89
CA ILE A 6 -23.76 -23.39 41.58
C ILE A 6 -23.93 -23.59 43.06
N GLN A 7 -23.40 -24.69 43.58
CA GLN A 7 -23.40 -24.93 45.00
C GLN A 7 -22.19 -24.33 45.68
N LYS A 8 -21.05 -24.34 45.00
CA LYS A 8 -19.76 -23.93 45.57
C LYS A 8 -18.86 -23.33 44.51
N ILE A 9 -17.99 -22.38 44.89
CA ILE A 9 -16.99 -21.83 44.00
C ILE A 9 -15.71 -21.69 44.79
N ALA A 10 -14.64 -22.30 44.28
CA ALA A 10 -13.30 -22.15 44.83
C ALA A 10 -12.32 -22.13 43.65
N GLY A 11 -11.88 -20.93 43.32
CA GLY A 11 -11.05 -20.75 42.14
C GLY A 11 -11.79 -21.20 40.89
N PRO A 12 -11.09 -21.94 40.04
CA PRO A 12 -11.61 -22.26 38.72
C PRO A 12 -12.45 -23.51 38.86
N ALA A 13 -12.63 -23.94 40.09
CA ALA A 13 -13.37 -25.15 40.44
C ALA A 13 -14.75 -24.76 40.95
N VAL A 14 -15.78 -25.42 40.41
CA VAL A 14 -17.18 -25.16 40.77
C VAL A 14 -17.97 -26.47 40.97
N ILE A 15 -18.82 -26.50 41.99
CA ILE A 15 -19.69 -27.64 42.18
C ILE A 15 -21.12 -27.25 41.80
N ALA A 16 -21.70 -27.96 40.83
CA ALA A 16 -23.09 -27.68 40.45
C ALA A 16 -24.01 -28.71 41.07
N LYS A 17 -25.17 -28.30 41.56
CA LYS A 17 -26.18 -29.26 42.04
C LYS A 17 -27.38 -29.37 41.12
N GLY A 18 -28.11 -30.46 41.24
CA GLY A 18 -29.33 -30.64 40.45
C GLY A 18 -29.10 -30.98 39.00
N MET A 19 -27.84 -30.90 38.56
CA MET A 19 -27.44 -31.45 37.27
C MET A 19 -27.58 -32.98 37.21
N LEU A 20 -28.83 -33.46 37.15
CA LEU A 20 -29.08 -34.91 37.14
C LEU A 20 -28.79 -35.49 35.75
N GLY A 21 -28.00 -36.56 35.68
CA GLY A 21 -27.77 -37.22 34.41
C GLY A 21 -26.73 -36.54 33.52
N ALA A 22 -26.10 -35.48 34.06
CA ALA A 22 -24.84 -34.96 33.53
C ALA A 22 -23.81 -36.10 33.40
N ARG A 23 -22.89 -35.96 32.46
CA ARG A 23 -21.88 -36.99 32.16
C ARG A 23 -20.41 -36.52 32.18
N MET A 24 -19.51 -37.42 32.59
CA MET A 24 -18.05 -37.15 32.66
C MET A 24 -17.49 -36.47 31.41
N TYR A 25 -16.92 -35.29 31.59
CA TYR A 25 -16.26 -34.53 30.52
C TYR A 25 -17.15 -33.77 29.57
N ASP A 26 -18.45 -33.84 29.80
CA ASP A 26 -19.33 -33.02 29.01
C ASP A 26 -18.98 -31.57 29.32
N ILE A 27 -19.03 -30.70 28.33
CA ILE A 27 -18.81 -29.28 28.54
C ILE A 27 -20.01 -28.60 29.20
N SER A 28 -19.71 -27.79 30.20
CA SER A 28 -20.75 -27.09 30.94
C SER A 28 -20.72 -25.60 30.61
N LYS A 29 -21.85 -24.94 30.85
CA LYS A 29 -21.90 -23.48 30.77
C LYS A 29 -22.21 -22.88 32.15
N VAL A 30 -21.27 -22.10 32.67
CA VAL A 30 -21.23 -21.81 34.10
C VAL A 30 -21.48 -20.34 34.43
N GLY A 31 -22.43 -20.14 35.35
CA GLY A 31 -22.79 -18.81 35.78
C GLY A 31 -23.68 -18.18 34.76
N GLU A 32 -24.07 -16.93 35.03
CA GLU A 32 -24.92 -16.18 34.14
C GLU A 32 -24.23 -15.84 32.84
N GLU A 33 -22.90 -15.68 32.92
CA GLU A 33 -22.08 -15.40 31.73
C GLU A 33 -21.89 -16.60 30.85
N GLY A 34 -22.22 -17.77 31.36
CA GLY A 34 -22.11 -19.03 30.63
C GLY A 34 -20.68 -19.46 30.36
N LEU A 35 -19.76 -19.12 31.26
CA LEU A 35 -18.36 -19.55 31.16
C LEU A 35 -18.27 -21.03 30.88
N VAL A 36 -17.40 -21.39 29.94
CA VAL A 36 -17.29 -22.77 29.54
C VAL A 36 -16.49 -23.61 30.56
N GLY A 37 -16.93 -24.84 30.81
CA GLY A 37 -16.21 -25.73 31.73
C GLY A 37 -16.44 -27.20 31.47
N GLU A 38 -15.65 -28.05 32.15
CA GLU A 38 -15.81 -29.52 32.08
C GLU A 38 -16.19 -30.16 33.41
N ILE A 39 -17.16 -31.07 33.37
CA ILE A 39 -17.40 -31.94 34.50
C ILE A 39 -16.21 -32.90 34.68
N ILE A 40 -15.50 -32.80 35.80
CA ILE A 40 -14.44 -33.77 36.08
C ILE A 40 -14.79 -34.81 37.13
N ARG A 41 -15.96 -34.66 37.73
CA ARG A 41 -16.38 -35.58 38.81
C ARG A 41 -17.87 -35.56 38.94
N LEU A 42 -18.44 -36.75 39.15
CA LEU A 42 -19.86 -36.85 39.49
C LEU A 42 -19.94 -37.45 40.87
N ASP A 43 -20.53 -36.71 41.81
CA ASP A 43 -20.71 -37.23 43.14
C ASP A 43 -22.12 -36.97 43.51
N GLY A 44 -22.92 -38.05 43.59
CA GLY A 44 -24.35 -38.02 43.89
C GLY A 44 -25.17 -37.14 42.97
N ASP A 45 -25.47 -35.95 43.45
CA ASP A 45 -26.34 -35.04 42.75
C ASP A 45 -25.56 -33.78 42.46
N THR A 46 -24.24 -33.93 42.35
CA THR A 46 -23.38 -32.80 42.12
C THR A 46 -22.32 -33.19 41.11
N ALA A 47 -21.82 -32.20 40.39
CA ALA A 47 -20.84 -32.38 39.35
C ALA A 47 -19.78 -31.35 39.59
N PHE A 48 -18.50 -31.76 39.69
CA PHE A 48 -17.39 -30.83 39.80
C PHE A 48 -17.01 -30.32 38.44
N VAL A 49 -17.13 -29.01 38.26
CA VAL A 49 -16.86 -28.46 36.95
C VAL A 49 -15.52 -27.71 36.97
N GLN A 50 -14.63 -27.98 36.02
CA GLN A 50 -13.40 -27.22 35.95
C GLN A 50 -13.58 -26.09 34.96
N VAL A 51 -13.60 -24.86 35.45
CA VAL A 51 -13.97 -23.75 34.60
C VAL A 51 -12.74 -23.32 33.83
N TYR A 52 -12.82 -23.37 32.50
CA TYR A 52 -11.73 -22.88 31.63
C TYR A 52 -11.34 -21.43 31.81
N GLU A 53 -12.22 -20.58 32.35
CA GLU A 53 -11.86 -19.16 32.48
C GLU A 53 -11.98 -18.64 33.91
N ASP A 54 -11.55 -17.41 34.17
CA ASP A 54 -11.59 -16.82 35.50
C ASP A 54 -13.01 -16.77 36.07
N THR A 55 -13.23 -17.41 37.22
CA THR A 55 -14.55 -17.46 37.84
C THR A 55 -14.91 -16.24 38.69
N SER A 56 -13.94 -15.35 38.91
CA SER A 56 -14.10 -14.36 39.97
C SER A 56 -15.33 -13.49 39.71
N GLY A 57 -16.16 -13.32 40.73
CA GLY A 57 -17.42 -12.57 40.55
C GLY A 57 -18.68 -13.44 40.54
N LEU A 58 -18.54 -14.73 40.24
CA LEU A 58 -19.68 -15.65 40.27
C LEU A 58 -20.20 -15.82 41.68
N LYS A 59 -21.52 -15.99 41.79
CA LYS A 59 -22.18 -16.13 43.11
C LYS A 59 -22.78 -17.49 43.17
N VAL A 60 -22.76 -18.07 44.37
CA VAL A 60 -23.48 -19.31 44.59
C VAL A 60 -24.89 -19.07 44.09
N GLY A 61 -25.45 -20.03 43.37
CA GLY A 61 -26.88 -20.00 43.02
C GLY A 61 -27.17 -19.77 41.55
N GLU A 62 -26.16 -19.29 40.82
CA GLU A 62 -26.27 -19.02 39.38
C GLU A 62 -26.45 -20.28 38.57
N PRO A 63 -26.98 -20.17 37.33
CA PRO A 63 -27.22 -21.37 36.52
C PRO A 63 -25.91 -22.05 36.11
N VAL A 64 -26.00 -23.38 35.93
CA VAL A 64 -24.93 -24.21 35.40
C VAL A 64 -25.69 -25.18 34.50
N VAL A 65 -25.25 -25.37 33.26
CA VAL A 65 -26.04 -26.18 32.33
C VAL A 65 -25.14 -27.00 31.45
N SER A 66 -25.49 -28.27 31.25
CA SER A 66 -24.58 -29.16 30.52
C SER A 66 -24.87 -29.04 29.06
N THR A 67 -23.80 -29.00 28.27
CA THR A 67 -23.88 -28.94 26.82
C THR A 67 -24.08 -30.35 26.29
N GLY A 68 -23.94 -31.32 27.18
CA GLY A 68 -24.19 -32.74 26.86
C GLY A 68 -23.13 -33.42 26.02
N LEU A 69 -22.02 -32.74 25.77
CA LEU A 69 -21.00 -33.21 24.84
C LEU A 69 -19.61 -32.87 25.33
N PRO A 70 -18.63 -33.77 25.11
CA PRO A 70 -17.26 -33.44 25.54
C PRO A 70 -16.66 -32.35 24.66
N LEU A 71 -15.46 -31.89 25.01
CA LEU A 71 -14.79 -30.85 24.26
C LEU A 71 -14.63 -31.28 22.82
N ALA A 72 -15.11 -30.43 21.91
CA ALA A 72 -15.10 -30.76 20.49
C ALA A 72 -14.57 -29.63 19.64
N VAL A 73 -14.38 -29.94 18.36
CA VAL A 73 -13.79 -29.02 17.42
C VAL A 73 -14.75 -29.00 16.21
N GLU A 74 -14.85 -27.86 15.53
CA GLU A 74 -15.71 -27.76 14.32
C GLU A 74 -14.87 -28.03 13.08
N LEU A 75 -15.30 -29.00 12.28
CA LEU A 75 -14.48 -29.48 11.16
C LEU A 75 -15.20 -29.25 9.85
N GLY A 76 -14.77 -28.22 9.13
CA GLY A 76 -15.46 -27.77 7.92
C GLY A 76 -14.69 -26.71 7.20
N PRO A 77 -15.31 -26.07 6.19
CA PRO A 77 -14.67 -24.92 5.56
C PRO A 77 -14.67 -23.75 6.53
N GLY A 78 -13.55 -23.04 6.60
CA GLY A 78 -13.45 -21.84 7.41
C GLY A 78 -12.18 -21.73 8.25
N MET A 79 -11.32 -22.75 8.22
CA MET A 79 -10.18 -22.85 9.14
C MET A 79 -8.87 -22.32 8.57
N LEU A 80 -8.62 -22.60 7.30
CA LEU A 80 -7.44 -22.13 6.64
C LEU A 80 -7.39 -20.61 6.75
N ASN A 81 -6.18 -20.06 6.75
CA ASN A 81 -5.90 -18.64 7.01
C ASN A 81 -6.48 -18.13 8.31
N GLY A 82 -6.99 -19.05 9.11
CA GLY A 82 -7.57 -18.69 10.38
C GLY A 82 -6.58 -18.78 11.50
N ILE A 83 -6.88 -18.04 12.57
CA ILE A 83 -6.05 -18.01 13.75
C ILE A 83 -6.92 -18.33 14.96
N TYR A 84 -6.81 -19.55 15.47
CA TYR A 84 -7.57 -19.94 16.63
C TYR A 84 -6.73 -20.03 17.88
N ASP A 85 -7.38 -19.87 19.02
CA ASP A 85 -6.71 -20.20 20.25
C ASP A 85 -6.77 -21.72 20.46
N GLY A 86 -6.17 -22.20 21.57
CA GLY A 86 -6.06 -23.64 21.82
C GLY A 86 -7.35 -24.44 21.96
N ILE A 87 -8.50 -23.75 22.02
CA ILE A 87 -9.81 -24.41 22.05
C ILE A 87 -10.73 -23.91 20.90
N GLN A 88 -10.10 -23.71 19.75
CA GLN A 88 -10.77 -23.44 18.47
C GLN A 88 -11.71 -22.27 18.47
N ARG A 89 -11.26 -21.15 19.01
CA ARG A 89 -12.03 -19.90 18.91
C ARG A 89 -11.21 -18.93 18.06
N PRO A 90 -11.87 -18.24 17.11
CA PRO A 90 -11.16 -17.36 16.18
C PRO A 90 -10.78 -16.07 16.90
N LEU A 91 -9.47 -15.81 16.95
CA LEU A 91 -9.01 -14.72 17.79
C LEU A 91 -9.29 -13.41 17.12
N GLU A 92 -9.37 -13.45 15.79
CA GLU A 92 -9.69 -12.25 15.00
C GLU A 92 -11.08 -11.76 15.36
N ARG A 93 -12.07 -12.65 15.32
CA ARG A 93 -13.45 -12.27 15.64
C ARG A 93 -13.55 -11.76 17.07
N ILE A 94 -12.78 -12.36 17.97
CA ILE A 94 -12.80 -11.94 19.36
C ILE A 94 -12.29 -10.51 19.47
N ARG A 95 -11.15 -10.22 18.83
CA ARG A 95 -10.60 -8.89 18.82
C ARG A 95 -11.67 -7.90 18.37
N GLU A 96 -12.26 -8.17 17.20
CA GLU A 96 -13.34 -7.36 16.68
C GLU A 96 -14.49 -7.17 17.64
N LYS A 97 -14.88 -8.24 18.35
CA LYS A 97 -16.02 -8.18 19.25
C LYS A 97 -15.67 -7.46 20.56
N THR A 98 -14.41 -7.56 20.99
CA THR A 98 -14.04 -7.12 22.36
C THR A 98 -12.83 -6.18 22.48
N GLY A 99 -11.98 -6.14 21.45
CA GLY A 99 -10.84 -5.22 21.43
C GLY A 99 -9.47 -5.84 21.70
N ILE A 100 -8.58 -5.02 22.27
CA ILE A 100 -7.24 -5.43 22.52
C ILE A 100 -7.13 -6.51 23.59
N TYR A 101 -8.00 -6.51 24.60
CA TYR A 101 -7.91 -7.50 25.71
C TYR A 101 -8.89 -8.64 25.52
N ILE A 102 -8.61 -9.80 26.09
CA ILE A 102 -9.58 -10.90 25.95
C ILE A 102 -10.54 -10.97 27.12
N THR A 103 -11.80 -10.70 26.81
CA THR A 103 -12.90 -10.70 27.76
C THR A 103 -13.41 -12.10 27.97
N ARG A 104 -13.67 -12.50 29.21
CA ARG A 104 -14.19 -13.85 29.45
C ARG A 104 -15.64 -14.02 28.94
N GLY A 105 -16.02 -15.26 28.65
CA GLY A 105 -17.39 -15.58 28.24
C GLY A 105 -17.83 -15.12 26.86
N VAL A 106 -16.87 -14.80 26.01
CA VAL A 106 -17.16 -14.42 24.64
C VAL A 106 -17.49 -15.64 23.79
N VAL A 107 -18.60 -15.56 23.08
CA VAL A 107 -19.12 -16.69 22.30
C VAL A 107 -19.17 -16.43 20.77
N VAL A 108 -18.06 -16.74 20.11
CA VAL A 108 -17.94 -16.81 18.66
C VAL A 108 -17.85 -18.27 18.20
N HIS A 109 -17.79 -18.48 16.89
CA HIS A 109 -17.89 -19.81 16.28
C HIS A 109 -16.66 -20.15 15.51
N ALA A 110 -16.14 -21.37 15.66
CA ALA A 110 -14.92 -21.74 14.97
C ALA A 110 -15.01 -21.41 13.47
N LEU A 111 -16.15 -21.77 12.88
CA LEU A 111 -16.44 -21.58 11.46
C LEU A 111 -17.50 -20.51 11.27
N ASP A 112 -17.15 -19.52 10.45
CA ASP A 112 -18.01 -18.43 10.13
C ASP A 112 -19.34 -18.94 9.58
N ARG A 113 -20.43 -18.55 10.23
CA ARG A 113 -21.76 -18.93 9.77
C ARG A 113 -22.36 -18.02 8.70
N GLU A 114 -21.75 -16.86 8.46
CA GLU A 114 -22.29 -15.86 7.52
C GLU A 114 -21.75 -16.05 6.10
N LYS A 115 -20.46 -16.38 6.02
CA LYS A 115 -19.76 -16.59 4.77
C LYS A 115 -20.44 -17.65 3.90
N LYS A 116 -20.59 -17.32 2.61
CA LYS A 116 -21.13 -18.24 1.62
C LYS A 116 -20.04 -19.07 0.90
N TRP A 117 -20.27 -20.38 0.79
CA TRP A 117 -19.33 -21.27 0.16
C TRP A 117 -19.97 -21.90 -1.07
N ALA A 118 -19.16 -22.17 -2.10
CA ALA A 118 -19.66 -22.68 -3.38
C ALA A 118 -19.69 -24.19 -3.42
N TRP A 119 -20.80 -24.74 -2.97
CA TRP A 119 -21.12 -26.16 -2.98
C TRP A 119 -21.14 -26.79 -4.38
N THR A 120 -20.34 -27.85 -4.56
CA THR A 120 -20.46 -28.72 -5.72
C THR A 120 -20.77 -30.11 -5.19
N PRO A 121 -22.02 -30.57 -5.37
CA PRO A 121 -22.42 -31.88 -4.85
C PRO A 121 -21.78 -33.00 -5.64
N MET A 122 -21.46 -34.11 -4.96
CA MET A 122 -20.88 -35.29 -5.60
C MET A 122 -21.62 -36.59 -5.27
N VAL A 123 -22.87 -36.46 -4.83
CA VAL A 123 -23.69 -37.61 -4.53
C VAL A 123 -25.11 -37.30 -4.97
N LYS A 124 -25.84 -38.33 -5.37
CA LYS A 124 -27.21 -38.15 -5.82
C LYS A 124 -28.13 -38.88 -4.88
N PRO A 125 -29.44 -38.62 -4.99
CA PRO A 125 -30.34 -39.43 -4.16
C PRO A 125 -30.19 -40.93 -4.48
N GLY A 126 -30.50 -41.78 -3.50
CA GLY A 126 -30.31 -43.22 -3.66
C GLY A 126 -28.89 -43.69 -3.39
N ASP A 127 -27.92 -42.76 -3.42
CA ASP A 127 -26.52 -43.10 -3.14
C ASP A 127 -26.37 -43.59 -1.70
N GLU A 128 -25.49 -44.58 -1.51
CA GLU A 128 -25.17 -45.04 -0.18
C GLU A 128 -23.91 -44.32 0.30
N VAL A 129 -23.93 -43.87 1.55
CA VAL A 129 -22.79 -43.17 2.11
C VAL A 129 -22.38 -43.80 3.42
N ARG A 130 -21.06 -43.92 3.59
CA ARG A 130 -20.42 -44.37 4.80
C ARG A 130 -19.60 -43.21 5.38
N GLY A 131 -19.23 -43.30 6.65
CA GLY A 131 -18.43 -42.25 7.26
C GLY A 131 -17.18 -41.96 6.43
N GLY A 132 -16.80 -40.69 6.33
CA GLY A 132 -15.56 -40.34 5.69
C GLY A 132 -15.63 -40.09 4.20
N MET A 133 -16.73 -40.50 3.58
CA MET A 133 -16.85 -40.35 2.14
C MET A 133 -17.08 -38.92 1.72
N VAL A 134 -16.79 -38.60 0.48
CA VAL A 134 -16.91 -37.22 0.02
C VAL A 134 -18.34 -36.97 -0.40
N LEU A 135 -18.96 -35.92 0.13
CA LEU A 135 -20.33 -35.62 -0.22
C LEU A 135 -20.30 -34.70 -1.42
N GLY A 136 -19.27 -33.85 -1.42
CA GLY A 136 -19.15 -32.79 -2.38
C GLY A 136 -17.92 -31.97 -2.06
N THR A 137 -17.81 -30.84 -2.74
CA THR A 137 -16.59 -30.07 -2.73
C THR A 137 -16.91 -28.59 -2.57
N VAL A 138 -15.94 -27.83 -2.06
CA VAL A 138 -16.08 -26.40 -1.87
C VAL A 138 -14.70 -25.74 -2.00
N PRO A 139 -14.56 -24.70 -2.84
CA PRO A 139 -13.21 -24.13 -2.87
C PRO A 139 -12.85 -23.43 -1.56
N GLU A 140 -11.65 -23.70 -1.06
CA GLU A 140 -11.09 -22.92 0.02
C GLU A 140 -9.68 -22.52 -0.42
N PHE A 141 -9.56 -21.26 -0.84
CA PHE A 141 -8.34 -20.73 -1.43
C PHE A 141 -7.88 -21.58 -2.61
N GLY A 142 -6.76 -22.25 -2.45
CA GLY A 142 -6.27 -23.09 -3.52
C GLY A 142 -6.87 -24.46 -3.43
N PHE A 143 -7.26 -24.87 -2.24
CA PHE A 143 -7.65 -26.26 -2.03
C PHE A 143 -9.10 -26.60 -2.31
N THR A 144 -9.27 -27.81 -2.84
CA THR A 144 -10.56 -28.39 -3.08
C THR A 144 -10.93 -29.13 -1.81
N HIS A 145 -11.50 -28.37 -0.88
CA HIS A 145 -11.96 -28.85 0.41
C HIS A 145 -13.07 -29.85 0.14
N LYS A 146 -12.92 -31.05 0.71
CA LYS A 146 -13.91 -32.09 0.54
C LYS A 146 -14.86 -32.05 1.72
N ILE A 147 -16.16 -32.17 1.46
CA ILE A 147 -17.13 -32.22 2.53
C ILE A 147 -17.31 -33.68 2.94
N LEU A 148 -17.02 -33.99 4.19
CA LEU A 148 -17.00 -35.39 4.57
C LEU A 148 -18.23 -35.79 5.38
N VAL A 149 -18.68 -37.03 5.17
CA VAL A 149 -19.66 -37.63 6.05
C VAL A 149 -18.94 -37.77 7.35
N PRO A 150 -19.54 -37.32 8.45
CA PRO A 150 -18.91 -37.59 9.73
C PRO A 150 -18.59 -39.07 9.83
N PRO A 151 -17.48 -39.44 10.49
CA PRO A 151 -17.31 -40.88 10.71
C PRO A 151 -18.49 -41.25 11.57
N ASP A 152 -18.89 -42.51 11.56
CA ASP A 152 -20.01 -42.86 12.42
C ASP A 152 -21.36 -42.70 11.74
N VAL A 153 -21.47 -41.77 10.80
CA VAL A 153 -22.75 -41.59 10.10
C VAL A 153 -22.77 -42.50 8.86
N ARG A 154 -23.97 -42.92 8.48
CA ARG A 154 -24.24 -43.64 7.23
C ARG A 154 -25.72 -43.80 6.94
N GLY A 155 -26.04 -44.11 5.69
CA GLY A 155 -27.41 -44.31 5.24
C GLY A 155 -27.53 -43.94 3.79
N ARG A 156 -28.76 -43.81 3.30
CA ARG A 156 -28.97 -43.48 1.90
C ARG A 156 -29.27 -42.00 1.76
N VAL A 157 -28.80 -41.40 0.67
CA VAL A 157 -29.16 -40.02 0.33
C VAL A 157 -30.62 -39.89 -0.16
N LYS A 158 -31.39 -39.00 0.49
CA LYS A 158 -32.76 -38.69 0.06
C LYS A 158 -32.78 -37.46 -0.85
N GLU A 159 -32.28 -36.35 -0.34
CA GLU A 159 -32.11 -35.15 -1.17
C GLU A 159 -30.73 -34.52 -0.98
N VAL A 160 -30.40 -33.62 -1.90
CA VAL A 160 -29.09 -32.99 -2.01
C VAL A 160 -29.34 -31.56 -2.47
N LYS A 161 -28.61 -30.61 -1.91
CA LYS A 161 -28.65 -29.27 -2.41
C LYS A 161 -27.96 -29.17 -3.77
N PRO A 162 -28.62 -28.55 -4.75
CA PRO A 162 -27.99 -28.32 -6.05
C PRO A 162 -26.80 -27.37 -5.88
N ALA A 163 -25.81 -27.50 -6.76
CA ALA A 163 -24.69 -26.57 -6.79
C ALA A 163 -25.21 -25.16 -6.53
N GLY A 164 -24.50 -24.43 -5.68
CA GLY A 164 -24.93 -23.08 -5.34
C GLY A 164 -24.13 -22.57 -4.18
N GLU A 165 -24.47 -21.38 -3.71
CA GLU A 165 -23.72 -20.77 -2.63
C GLU A 165 -24.45 -20.85 -1.30
N TYR A 166 -23.85 -21.59 -0.37
CA TYR A 166 -24.44 -21.87 0.93
C TYR A 166 -23.49 -21.54 2.04
N THR A 167 -24.01 -21.41 3.26
CA THR A 167 -23.16 -21.28 4.44
C THR A 167 -22.91 -22.68 4.95
N VAL A 168 -22.06 -22.80 5.96
CA VAL A 168 -21.71 -24.09 6.53
C VAL A 168 -22.86 -24.68 7.36
N GLU A 169 -23.82 -23.84 7.71
CA GLU A 169 -24.92 -24.24 8.56
C GLU A 169 -25.98 -25.04 7.81
N GLU A 170 -26.01 -24.89 6.48
CA GLU A 170 -27.06 -25.46 5.63
C GLU A 170 -26.90 -26.95 5.35
N PRO A 171 -28.02 -27.71 5.50
CA PRO A 171 -28.08 -29.13 5.17
C PRO A 171 -27.91 -29.38 3.68
N VAL A 172 -26.67 -29.43 3.23
CA VAL A 172 -26.39 -29.66 1.83
C VAL A 172 -26.82 -31.05 1.38
N VAL A 173 -26.84 -32.00 2.31
CA VAL A 173 -27.21 -33.38 2.01
C VAL A 173 -28.09 -33.94 3.13
N VAL A 174 -29.20 -34.58 2.77
CA VAL A 174 -30.10 -35.14 3.77
C VAL A 174 -30.38 -36.62 3.48
N LEU A 175 -30.36 -37.43 4.54
CA LEU A 175 -30.50 -38.88 4.40
C LEU A 175 -31.95 -39.33 4.61
N GLU A 176 -32.25 -40.56 4.21
CA GLU A 176 -33.58 -41.15 4.43
C GLU A 176 -33.86 -41.24 5.93
N ASP A 177 -32.81 -41.51 6.67
CA ASP A 177 -32.79 -41.45 8.12
C ASP A 177 -33.43 -40.16 8.64
N GLY A 178 -33.35 -39.11 7.83
CA GLY A 178 -33.66 -37.76 8.26
C GLY A 178 -32.41 -36.95 8.60
N THR A 179 -31.30 -37.66 8.82
CA THR A 179 -30.03 -37.04 9.16
C THR A 179 -29.67 -35.97 8.16
N GLU A 180 -29.30 -34.80 8.70
CA GLU A 180 -28.90 -33.67 7.90
C GLU A 180 -27.41 -33.59 7.98
N LEU A 181 -26.78 -33.47 6.82
CA LEU A 181 -25.33 -33.32 6.77
C LEU A 181 -25.02 -31.96 6.23
N LYS A 182 -24.06 -31.31 6.87
CA LYS A 182 -23.74 -29.92 6.56
C LYS A 182 -22.35 -29.86 6.01
N MET A 183 -21.84 -28.66 5.81
CA MET A 183 -20.49 -28.56 5.29
C MET A 183 -19.47 -28.86 6.37
N TYR A 184 -19.92 -28.94 7.61
CA TYR A 184 -19.04 -29.30 8.72
C TYR A 184 -19.72 -30.32 9.63
N HIS A 185 -18.94 -30.94 10.49
CA HIS A 185 -19.48 -31.68 11.62
C HIS A 185 -18.57 -31.36 12.79
N THR A 186 -19.06 -31.62 14.00
CA THR A 186 -18.17 -31.48 15.17
C THR A 186 -17.58 -32.85 15.48
N TRP A 187 -16.55 -32.86 16.32
CA TRP A 187 -15.82 -34.10 16.65
C TRP A 187 -14.98 -33.90 17.93
N PRO A 188 -15.09 -34.84 18.88
CA PRO A 188 -14.41 -34.73 20.17
C PRO A 188 -12.90 -34.80 20.04
N VAL A 189 -12.18 -33.87 20.66
CA VAL A 189 -10.76 -33.75 20.37
C VAL A 189 -9.86 -34.81 21.00
N ARG A 190 -10.28 -35.43 22.09
CA ARG A 190 -9.40 -36.40 22.78
C ARG A 190 -9.54 -37.83 22.21
N ARG A 191 -10.42 -37.97 21.22
CA ARG A 191 -10.69 -39.23 20.53
C ARG A 191 -10.13 -39.20 19.12
N ALA A 192 -9.10 -39.98 18.85
CA ALA A 192 -8.56 -40.09 17.50
C ALA A 192 -9.66 -40.23 16.42
N ARG A 193 -9.65 -39.36 15.42
CA ARG A 193 -10.51 -39.55 14.25
C ARG A 193 -10.10 -40.83 13.56
N PRO A 194 -11.05 -41.75 13.33
CA PRO A 194 -10.78 -43.05 12.77
C PRO A 194 -10.21 -43.00 11.36
N VAL A 195 -9.47 -44.03 11.01
CA VAL A 195 -8.98 -44.21 9.66
C VAL A 195 -9.27 -45.66 9.31
N GLN A 196 -9.05 -46.00 8.05
CA GLN A 196 -9.33 -47.31 7.54
C GLN A 196 -8.18 -48.22 7.92
N ARG A 197 -6.98 -47.65 8.05
CA ARG A 197 -5.75 -48.45 8.04
C ARG A 197 -4.49 -47.59 8.13
N LYS A 198 -3.60 -47.95 9.05
CA LYS A 198 -2.42 -47.14 9.40
C LYS A 198 -1.18 -47.66 8.67
N LEU A 199 -0.53 -46.82 7.87
CA LEU A 199 0.55 -47.31 6.98
C LEU A 199 2.00 -47.15 7.45
N ASP A 200 2.89 -47.96 6.88
CA ASP A 200 4.34 -47.98 7.20
C ASP A 200 5.13 -46.73 6.77
N PRO A 201 6.17 -46.39 7.53
CA PRO A 201 7.07 -45.28 7.22
C PRO A 201 7.94 -45.49 5.97
N ASN A 202 7.49 -46.32 5.03
CA ASN A 202 8.22 -46.55 3.78
C ASN A 202 8.09 -45.44 2.73
N THR A 203 7.88 -44.21 3.16
CA THR A 203 7.92 -43.08 2.24
C THR A 203 8.62 -41.85 2.84
N PRO A 204 9.27 -41.03 2.00
CA PRO A 204 9.96 -39.87 2.54
C PRO A 204 9.03 -38.72 2.85
N PHE A 205 9.33 -38.00 3.93
CA PHE A 205 8.83 -36.65 4.09
C PHE A 205 9.86 -35.69 3.54
N LEU A 206 9.50 -35.02 2.46
CA LEU A 206 10.43 -34.15 1.76
C LEU A 206 10.33 -32.74 2.32
N THR A 207 11.41 -32.33 2.96
CA THR A 207 11.42 -31.10 3.70
C THR A 207 12.03 -29.94 2.88
N GLY A 208 12.92 -30.29 1.96
CA GLY A 208 13.57 -29.30 1.11
C GLY A 208 15.01 -29.11 1.53
N MET A 209 15.25 -29.24 2.84
CA MET A 209 16.61 -29.13 3.39
C MET A 209 17.38 -30.46 3.35
N ARG A 210 18.48 -30.43 2.63
CA ARG A 210 19.38 -31.58 2.50
C ARG A 210 19.69 -32.39 3.79
N ILE A 211 20.32 -31.80 4.82
CA ILE A 211 20.70 -32.57 6.05
C ILE A 211 19.61 -33.45 6.68
N LEU A 212 18.35 -32.99 6.64
CA LEU A 212 17.24 -33.75 7.19
C LEU A 212 16.71 -34.72 6.14
N ASP A 213 16.73 -34.30 4.87
CA ASP A 213 16.29 -35.15 3.75
C ASP A 213 17.19 -36.36 3.51
N VAL A 214 18.50 -36.07 3.40
CA VAL A 214 19.54 -37.06 3.16
C VAL A 214 20.02 -37.71 4.45
N LEU A 215 20.28 -36.91 5.47
CA LEU A 215 20.88 -37.47 6.67
C LEU A 215 19.95 -38.01 7.76
N PHE A 216 18.97 -37.22 8.19
CA PHE A 216 18.09 -37.62 9.31
C PHE A 216 16.62 -37.54 8.90
N PRO A 217 16.30 -38.11 7.72
CA PRO A 217 14.96 -37.99 7.09
C PRO A 217 13.85 -38.59 7.91
N VAL A 218 12.63 -38.11 7.65
CA VAL A 218 11.41 -38.68 8.24
C VAL A 218 10.45 -39.25 7.19
N ALA A 219 9.84 -40.38 7.55
CA ALA A 219 8.79 -40.94 6.75
C ALA A 219 7.59 -40.02 6.74
N MET A 220 6.81 -40.17 5.66
CA MET A 220 5.51 -39.55 5.53
C MET A 220 4.68 -40.02 6.72
N GLY A 221 4.36 -39.09 7.61
CA GLY A 221 3.49 -39.39 8.74
C GLY A 221 4.32 -39.78 9.93
N GLY A 222 5.64 -39.66 9.78
CA GLY A 222 6.54 -39.95 10.88
C GLY A 222 6.37 -38.87 11.90
N THR A 223 7.14 -38.97 12.98
CA THR A 223 7.30 -37.83 13.86
C THR A 223 8.79 -37.51 14.12
N ALA A 224 9.03 -36.41 14.84
CA ALA A 224 10.34 -35.78 14.87
C ALA A 224 10.37 -34.64 15.87
N ALA A 225 11.46 -34.53 16.64
CA ALA A 225 11.67 -33.38 17.50
C ALA A 225 12.81 -32.44 17.07
N ILE A 226 12.67 -31.19 17.49
CA ILE A 226 13.71 -30.17 17.39
C ILE A 226 13.79 -29.36 18.70
N PRO A 227 15.01 -29.08 19.19
CA PRO A 227 15.17 -28.51 20.53
C PRO A 227 15.11 -26.98 20.60
N GLY A 228 14.58 -26.34 19.55
CA GLY A 228 14.65 -24.89 19.40
C GLY A 228 15.25 -24.06 20.54
N PRO A 229 16.59 -24.07 20.68
CA PRO A 229 17.23 -23.15 21.62
C PRO A 229 17.51 -21.84 20.91
N PHE A 230 17.54 -20.76 21.68
CA PHE A 230 17.87 -19.45 21.13
C PHE A 230 19.24 -19.46 20.42
N GLY A 231 19.47 -18.52 19.53
CA GLY A 231 20.75 -18.45 18.85
C GLY A 231 20.74 -19.21 17.56
N SER A 232 20.24 -20.44 17.57
CA SER A 232 19.98 -21.18 16.33
C SER A 232 18.70 -20.63 15.73
N GLY A 233 18.62 -20.69 14.39
CA GLY A 233 17.44 -20.19 13.67
C GLY A 233 16.24 -21.12 13.62
N LYS A 234 15.59 -21.32 14.77
CA LYS A 234 14.38 -22.17 14.86
C LYS A 234 13.30 -21.75 13.86
N SER A 235 12.77 -20.53 14.03
CA SER A 235 11.82 -19.96 13.09
C SER A 235 12.15 -20.43 11.68
N VAL A 236 13.07 -19.72 11.04
CA VAL A 236 13.53 -19.97 9.67
C VAL A 236 13.43 -21.45 9.22
N THR A 237 14.13 -22.34 9.92
CA THR A 237 14.14 -23.78 9.65
C THR A 237 12.72 -24.34 9.66
N GLN A 238 11.93 -23.91 10.66
CA GLN A 238 10.54 -24.34 10.86
C GLN A 238 9.72 -23.85 9.71
N GLN A 239 9.90 -22.56 9.38
CA GLN A 239 9.11 -21.90 8.34
C GLN A 239 9.37 -22.52 6.98
N SER A 240 10.64 -22.74 6.63
CA SER A 240 11.05 -23.49 5.45
C SER A 240 10.31 -24.83 5.22
N LEU A 241 9.99 -25.58 6.26
CA LEU A 241 9.36 -26.89 6.03
C LEU A 241 7.95 -26.63 5.59
N ALA A 242 7.38 -25.57 6.13
CA ALA A 242 5.98 -25.26 5.87
C ALA A 242 5.85 -24.86 4.43
N LYS A 243 6.84 -24.11 3.96
CA LYS A 243 6.92 -23.64 2.58
C LYS A 243 7.20 -24.76 1.62
N TRP A 244 8.22 -25.57 1.89
CA TRP A 244 8.77 -26.44 0.88
C TRP A 244 8.51 -27.95 1.03
N SER A 245 7.70 -28.35 2.01
CA SER A 245 7.49 -29.79 2.27
C SER A 245 6.45 -30.42 1.32
N ASN A 246 6.62 -31.71 1.03
CA ASN A 246 5.58 -32.43 0.28
C ASN A 246 4.33 -32.62 1.15
N ALA A 247 3.79 -31.51 1.65
CA ALA A 247 2.57 -31.47 2.48
C ALA A 247 1.50 -30.52 1.90
N ASP A 248 0.25 -30.95 1.92
CA ASP A 248 -0.76 -30.12 1.30
C ASP A 248 -1.18 -28.98 2.22
N VAL A 249 -1.06 -29.20 3.53
CA VAL A 249 -1.60 -28.30 4.54
C VAL A 249 -0.67 -28.29 5.73
N VAL A 250 -0.60 -27.16 6.42
CA VAL A 250 0.25 -27.02 7.60
C VAL A 250 -0.57 -26.52 8.77
N VAL A 251 -0.69 -27.32 9.81
CA VAL A 251 -1.27 -26.87 11.06
C VAL A 251 -0.10 -26.59 11.96
N TYR A 252 -0.06 -25.37 12.49
CA TYR A 252 0.95 -24.99 13.48
C TYR A 252 0.26 -24.69 14.77
N VAL A 253 0.18 -25.66 15.68
CA VAL A 253 -0.27 -25.28 17.02
C VAL A 253 0.93 -24.80 17.81
N GLY A 254 0.78 -23.68 18.50
CA GLY A 254 1.79 -23.26 19.42
C GLY A 254 1.08 -22.64 20.59
N SER A 255 1.22 -23.20 21.77
CA SER A 255 0.69 -22.44 22.89
C SER A 255 1.55 -22.56 24.11
N GLY A 256 1.22 -21.70 25.06
CA GLY A 256 2.07 -21.41 26.20
C GLY A 256 3.31 -20.68 25.71
N GLU A 257 3.16 -19.65 24.91
CA GLU A 257 4.34 -18.94 24.42
C GLU A 257 4.46 -17.53 25.00
N ARG A 258 5.66 -16.97 24.95
CA ARG A 258 5.85 -15.57 25.23
C ARG A 258 5.06 -14.75 24.21
N GLY A 259 4.30 -13.75 24.68
CA GLY A 259 3.43 -12.94 23.82
C GLY A 259 4.07 -12.42 22.54
N ASN A 260 5.36 -12.14 22.62
CA ASN A 260 6.09 -11.59 21.49
C ASN A 260 6.76 -12.67 20.62
N GLU A 261 7.02 -13.82 21.22
CA GLU A 261 7.36 -15.06 20.51
C GLU A 261 6.19 -15.45 19.61
N MET A 262 5.00 -15.43 20.20
CA MET A 262 3.82 -15.91 19.52
C MET A 262 3.47 -14.91 18.48
N THR A 263 3.64 -13.63 18.80
CA THR A 263 3.23 -12.56 17.89
C THR A 263 4.13 -12.55 16.67
N ASP A 264 5.39 -12.90 16.89
CA ASP A 264 6.34 -13.14 15.82
C ASP A 264 5.87 -14.19 14.82
N VAL A 265 4.73 -14.82 15.08
CA VAL A 265 4.22 -15.83 14.19
C VAL A 265 3.00 -15.32 13.43
N LEU A 266 2.23 -14.46 14.06
CA LEU A 266 1.00 -14.01 13.44
C LEU A 266 1.29 -12.83 12.52
N VAL A 267 2.55 -12.41 12.52
CA VAL A 267 2.96 -11.27 11.73
C VAL A 267 3.94 -11.73 10.65
N GLU A 268 4.77 -12.71 10.98
CA GLU A 268 5.68 -13.28 10.00
C GLU A 268 4.94 -14.13 8.97
N PHE A 269 4.18 -15.12 9.42
CA PHE A 269 3.45 -16.01 8.49
C PHE A 269 2.69 -15.34 7.36
N PRO A 270 1.85 -14.34 7.65
CA PRO A 270 1.10 -13.66 6.58
C PRO A 270 2.01 -13.09 5.46
N GLU A 271 3.33 -13.11 5.67
CA GLU A 271 4.28 -12.61 4.67
C GLU A 271 5.07 -13.69 3.90
N LEU A 272 4.95 -14.96 4.34
CA LEU A 272 5.60 -16.07 3.63
C LEU A 272 4.89 -16.34 2.32
N THR A 273 5.63 -16.89 1.38
CA THR A 273 5.08 -17.18 0.07
C THR A 273 4.96 -18.69 -0.14
N ASP A 274 3.84 -19.09 -0.71
CA ASP A 274 3.62 -20.44 -1.20
C ASP A 274 4.35 -20.63 -2.54
N PRO A 275 5.44 -21.44 -2.55
CA PRO A 275 6.20 -21.68 -3.77
C PRO A 275 5.38 -22.37 -4.86
N LYS A 276 4.34 -23.10 -4.47
CA LYS A 276 3.48 -23.78 -5.44
C LYS A 276 2.57 -22.80 -6.20
N THR A 277 2.15 -21.72 -5.54
CA THR A 277 1.13 -20.83 -6.09
C THR A 277 1.59 -19.40 -6.40
N GLY A 278 2.52 -18.89 -5.61
CA GLY A 278 3.02 -17.52 -5.76
C GLY A 278 2.35 -16.58 -4.77
N GLY A 279 1.34 -17.10 -4.08
CA GLY A 279 0.59 -16.34 -3.07
C GLY A 279 0.84 -16.90 -1.67
N PRO A 280 0.19 -16.31 -0.64
CA PRO A 280 0.57 -16.54 0.76
C PRO A 280 0.51 -17.99 1.17
N LEU A 281 1.34 -18.37 2.14
CA LEU A 281 1.34 -19.73 2.66
C LEU A 281 0.24 -19.86 3.71
N MET A 282 -0.18 -18.71 4.24
CA MET A 282 -1.30 -18.67 5.17
C MET A 282 -2.58 -19.31 4.63
N HIS A 283 -2.75 -19.26 3.32
CA HIS A 283 -3.94 -19.79 2.67
C HIS A 283 -3.99 -21.32 2.64
N ARG A 284 -3.06 -21.95 3.34
CA ARG A 284 -3.07 -23.42 3.50
C ARG A 284 -2.41 -23.82 4.83
N THR A 285 -2.75 -23.04 5.85
CA THR A 285 -2.24 -23.19 7.18
C THR A 285 -3.34 -22.81 8.15
N VAL A 286 -3.47 -23.58 9.22
CA VAL A 286 -4.29 -23.15 10.33
C VAL A 286 -3.25 -22.88 11.38
N LEU A 287 -3.36 -21.78 12.10
CA LEU A 287 -2.52 -21.59 13.29
C LEU A 287 -3.37 -21.57 14.53
N ILE A 288 -3.08 -22.45 15.46
CA ILE A 288 -3.56 -22.27 16.82
C ILE A 288 -2.44 -21.57 17.59
N ALA A 289 -2.79 -20.47 18.25
CA ALA A 289 -1.82 -19.65 18.99
C ALA A 289 -2.27 -19.36 20.44
N ASN A 290 -1.33 -19.44 21.39
CA ASN A 290 -1.60 -19.30 22.83
C ASN A 290 -0.43 -18.78 23.69
N THR A 291 -0.77 -18.02 24.73
CA THR A 291 0.23 -17.31 25.49
C THR A 291 0.30 -17.68 26.96
N SER A 292 1.46 -17.43 27.59
CA SER A 292 1.67 -17.57 29.04
C SER A 292 0.41 -17.41 29.88
N ASN A 293 -0.25 -16.25 29.75
CA ASN A 293 -1.37 -15.86 30.62
C ASN A 293 -2.76 -16.16 30.08
N MET A 294 -2.83 -16.74 28.88
CA MET A 294 -4.09 -17.20 28.39
C MET A 294 -4.36 -18.52 29.08
N PRO A 295 -5.64 -18.82 29.36
CA PRO A 295 -6.13 -19.85 30.28
C PRO A 295 -5.45 -21.20 30.15
N VAL A 296 -5.22 -21.84 31.31
CA VAL A 296 -4.46 -23.09 31.41
C VAL A 296 -4.99 -24.12 30.42
N ALA A 297 -6.26 -24.47 30.59
CA ALA A 297 -6.98 -25.40 29.73
C ALA A 297 -6.76 -25.26 28.19
N ALA A 298 -6.73 -24.05 27.63
CA ALA A 298 -6.46 -23.89 26.20
C ALA A 298 -5.01 -24.26 25.78
N ARG A 299 -4.06 -23.82 26.60
CA ARG A 299 -2.66 -24.19 26.43
C ARG A 299 -2.41 -25.72 26.40
N GLU A 300 -3.34 -26.48 26.98
CA GLU A 300 -3.20 -27.94 27.00
C GLU A 300 -4.01 -28.64 25.92
N ALA A 301 -5.25 -28.19 25.72
CA ALA A 301 -6.01 -28.60 24.54
C ALA A 301 -5.18 -28.31 23.24
N SER A 302 -4.58 -27.13 23.16
CA SER A 302 -3.82 -26.70 21.96
C SER A 302 -3.35 -27.80 20.98
N ILE A 303 -2.38 -28.61 21.39
CA ILE A 303 -1.91 -29.72 20.55
C ILE A 303 -3.01 -30.77 20.23
N TYR A 304 -4.06 -30.87 21.06
CA TYR A 304 -5.15 -31.83 20.74
C TYR A 304 -6.12 -31.27 19.70
N VAL A 305 -6.69 -30.09 19.98
CA VAL A 305 -7.39 -29.31 18.96
C VAL A 305 -6.63 -29.30 17.65
N GLY A 306 -5.31 -29.11 17.72
CA GLY A 306 -4.49 -29.06 16.52
C GLY A 306 -4.34 -30.43 15.88
N VAL A 307 -4.33 -31.48 16.70
CA VAL A 307 -4.14 -32.80 16.10
C VAL A 307 -5.46 -33.27 15.47
N THR A 308 -6.57 -32.95 16.09
CA THR A 308 -7.86 -33.24 15.47
C THR A 308 -8.02 -32.45 14.17
N ILE A 309 -7.82 -31.13 14.23
CA ILE A 309 -7.84 -30.36 13.01
C ILE A 309 -6.88 -31.00 12.00
N ALA A 310 -5.66 -31.34 12.42
CA ALA A 310 -4.70 -31.93 11.51
C ALA A 310 -5.30 -33.20 10.91
N GLU A 311 -5.95 -34.00 11.76
CA GLU A 311 -6.53 -35.29 11.32
C GLU A 311 -7.63 -35.10 10.30
N TYR A 312 -8.45 -34.08 10.49
CA TYR A 312 -9.51 -33.73 9.54
C TYR A 312 -8.97 -33.47 8.14
N PHE A 313 -8.03 -32.54 8.03
CA PHE A 313 -7.32 -32.31 6.76
C PHE A 313 -6.59 -33.57 6.27
N ARG A 314 -6.06 -34.39 7.16
CA ARG A 314 -5.55 -35.67 6.70
C ARG A 314 -6.64 -36.41 5.98
N ASP A 315 -7.81 -36.48 6.64
CA ASP A 315 -8.96 -37.31 6.21
C ASP A 315 -9.52 -37.02 4.80
N GLN A 316 -9.27 -35.80 4.31
CA GLN A 316 -9.68 -35.41 2.96
C GLN A 316 -8.65 -35.87 1.93
N GLY A 317 -7.58 -36.51 2.42
CA GLY A 317 -6.61 -37.13 1.55
C GLY A 317 -5.43 -36.27 1.18
N PHE A 318 -5.02 -35.40 2.10
CA PHE A 318 -3.83 -34.58 1.92
C PHE A 318 -2.74 -35.03 2.88
N SER A 319 -1.51 -34.62 2.60
CA SER A 319 -0.43 -34.68 3.58
C SER A 319 -0.56 -33.43 4.43
N VAL A 320 -0.39 -33.59 5.74
CA VAL A 320 -0.54 -32.51 6.69
C VAL A 320 0.71 -32.45 7.52
N ALA A 321 1.25 -31.25 7.64
CA ALA A 321 2.43 -31.00 8.44
C ALA A 321 1.95 -30.27 9.66
N LEU A 322 2.16 -30.88 10.80
CA LEU A 322 1.86 -30.24 12.05
C LEU A 322 3.17 -30.07 12.81
N MET A 323 3.47 -28.82 13.14
CA MET A 323 4.52 -28.53 14.11
C MET A 323 3.94 -27.80 15.33
N ALA A 324 4.04 -28.44 16.49
CA ALA A 324 3.75 -27.79 17.74
C ALA A 324 5.05 -27.30 18.37
N ASP A 325 5.00 -26.06 18.85
CA ASP A 325 6.15 -25.38 19.44
C ASP A 325 5.56 -24.28 20.34
N SER A 326 5.71 -24.42 21.66
CA SER A 326 6.61 -25.40 22.25
C SER A 326 5.96 -26.54 23.02
N THR A 327 6.57 -27.72 22.84
CA THR A 327 6.07 -28.99 23.36
C THR A 327 6.35 -29.14 24.87
N SER A 328 7.42 -28.49 25.32
CA SER A 328 7.77 -28.38 26.73
C SER A 328 6.81 -27.46 27.46
N ARG A 329 6.33 -26.47 26.73
CA ARG A 329 5.37 -25.49 27.29
C ARG A 329 4.00 -26.10 27.43
N TRP A 330 3.62 -26.89 26.41
CA TRP A 330 2.46 -27.75 26.55
C TRP A 330 2.55 -28.54 27.85
N ALA A 331 3.68 -29.22 28.04
CA ALA A 331 3.94 -30.03 29.23
C ALA A 331 3.83 -29.24 30.51
N GLU A 332 4.28 -28.00 30.49
CA GLU A 332 4.12 -27.14 31.63
C GLU A 332 2.64 -27.02 31.95
N ALA A 333 1.84 -26.72 30.93
CA ALA A 333 0.39 -26.67 31.08
C ALA A 333 -0.21 -27.94 31.70
N LEU A 334 0.20 -29.12 31.20
CA LEU A 334 -0.24 -30.38 31.77
C LEU A 334 0.19 -30.55 33.23
N ARG A 335 1.21 -29.84 33.63
CA ARG A 335 1.65 -29.92 35.02
C ARG A 335 0.67 -29.15 35.90
N GLU A 336 0.33 -27.96 35.43
CA GLU A 336 -0.50 -27.01 36.17
C GLU A 336 -1.89 -27.60 36.42
N ILE A 337 -2.48 -28.14 35.36
CA ILE A 337 -3.77 -28.77 35.51
C ILE A 337 -3.67 -29.85 36.59
N SER A 338 -2.78 -30.83 36.40
CA SER A 338 -2.48 -31.85 37.39
C SER A 338 -2.44 -31.29 38.82
N SER A 339 -1.74 -30.18 39.00
CA SER A 339 -1.68 -29.55 40.32
C SER A 339 -3.05 -29.01 40.72
N ARG A 340 -3.70 -28.27 39.80
CA ARG A 340 -5.02 -27.67 40.08
C ARG A 340 -6.02 -28.75 40.48
N LEU A 341 -6.06 -29.82 39.70
CA LEU A 341 -6.75 -31.03 40.12
C LEU A 341 -6.14 -31.58 41.40
N GLU A 342 -5.42 -30.73 42.12
CA GLU A 342 -4.93 -31.02 43.46
C GLU A 342 -4.23 -32.39 43.54
N GLU A 343 -3.72 -32.86 42.40
CA GLU A 343 -3.01 -34.14 42.36
C GLU A 343 -1.63 -34.00 42.98
N MET A 344 -1.25 -35.02 43.74
CA MET A 344 0.03 -35.08 44.42
C MET A 344 1.16 -35.14 43.40
N PRO A 345 2.09 -34.16 43.48
CA PRO A 345 3.19 -34.00 42.52
C PRO A 345 4.09 -35.25 42.42
N ALA A 346 4.27 -35.71 41.18
CA ALA A 346 5.05 -36.91 40.90
C ALA A 346 6.52 -36.58 40.94
N GLU A 347 7.33 -37.62 40.73
CA GLU A 347 8.77 -37.49 40.74
C GLU A 347 9.33 -36.73 39.54
N GLU A 348 10.08 -35.67 39.82
CA GLU A 348 10.63 -34.78 38.80
C GLU A 348 9.56 -33.88 38.19
N GLY A 349 8.97 -33.05 39.04
CA GLY A 349 8.11 -31.93 38.65
C GLY A 349 7.28 -32.07 37.38
N TYR A 350 6.56 -33.18 37.27
CA TYR A 350 5.54 -33.40 36.24
C TYR A 350 4.66 -34.52 36.74
N PRO A 351 3.35 -34.44 36.48
CA PRO A 351 2.48 -35.60 36.66
C PRO A 351 3.00 -36.81 35.85
N PRO A 352 2.66 -38.04 36.30
CA PRO A 352 3.13 -39.28 35.68
C PRO A 352 2.31 -39.74 34.45
N TYR A 353 1.43 -38.87 33.95
CA TYR A 353 0.71 -39.12 32.72
C TYR A 353 1.51 -38.54 31.57
N LEU A 354 2.47 -37.67 31.90
CA LEU A 354 3.27 -36.89 30.91
C LEU A 354 3.68 -37.63 29.63
N ALA A 355 4.33 -38.78 29.81
CA ALA A 355 4.69 -39.66 28.70
C ALA A 355 3.44 -40.20 27.97
N ALA A 356 2.61 -40.95 28.69
CA ALA A 356 1.37 -41.47 28.16
C ALA A 356 0.73 -40.49 27.18
N ARG A 357 0.63 -39.25 27.63
CA ARG A 357 -0.12 -38.28 26.90
C ARG A 357 0.72 -37.78 25.76
N LEU A 358 2.00 -37.49 26.00
CA LEU A 358 2.87 -37.14 24.88
C LEU A 358 2.69 -38.15 23.74
N ALA A 359 2.09 -39.30 24.08
CA ALA A 359 1.90 -40.40 23.13
C ALA A 359 0.46 -40.53 22.61
N ALA A 360 -0.54 -40.37 23.49
CA ALA A 360 -1.91 -40.27 23.00
C ALA A 360 -1.95 -39.19 21.91
N PHE A 361 -1.15 -38.13 22.08
CA PHE A 361 -0.96 -37.12 21.04
C PHE A 361 -0.03 -37.59 19.93
N TYR A 362 1.23 -37.79 20.25
CA TYR A 362 2.20 -38.16 19.23
C TYR A 362 1.81 -39.39 18.40
N GLU A 363 1.21 -40.40 19.04
CA GLU A 363 0.84 -41.61 18.32
C GLU A 363 -0.37 -41.45 17.39
N ARG A 364 -1.15 -40.37 17.55
CA ARG A 364 -2.15 -40.02 16.56
C ARG A 364 -1.50 -39.63 15.22
N ALA A 365 -0.20 -39.43 15.20
CA ALA A 365 0.46 -39.19 13.93
C ALA A 365 0.38 -40.45 13.10
N GLY A 366 0.74 -40.35 11.82
CA GLY A 366 0.76 -41.52 10.99
C GLY A 366 0.25 -41.18 9.62
N LYS A 367 0.71 -41.96 8.65
CA LYS A 367 0.25 -41.92 7.30
C LYS A 367 -0.72 -43.06 7.17
N VAL A 368 -1.83 -42.80 6.49
CA VAL A 368 -3.00 -43.68 6.59
C VAL A 368 -3.72 -43.74 5.25
N ILE A 369 -4.47 -44.80 5.03
CA ILE A 369 -5.55 -44.74 4.08
C ILE A 369 -6.80 -44.38 4.89
N THR A 370 -7.36 -43.23 4.53
CA THR A 370 -8.46 -42.61 5.25
C THR A 370 -9.72 -43.46 5.18
N LEU A 371 -10.74 -43.08 5.93
CA LEU A 371 -12.07 -43.70 5.77
C LEU A 371 -12.65 -43.51 4.36
N GLY A 372 -12.25 -42.44 3.68
CA GLY A 372 -12.72 -42.18 2.33
C GLY A 372 -12.01 -42.97 1.24
N GLY A 373 -10.91 -43.65 1.61
CA GLY A 373 -10.18 -44.50 0.68
C GLY A 373 -8.92 -43.86 0.18
N GLU A 374 -8.93 -42.54 0.06
CA GLU A 374 -7.72 -41.79 -0.29
C GLU A 374 -6.62 -42.12 0.70
N GLU A 375 -5.42 -41.61 0.42
CA GLU A 375 -4.29 -41.74 1.31
C GLU A 375 -3.97 -40.34 1.82
N GLY A 376 -3.47 -40.25 3.03
CA GLY A 376 -3.15 -38.98 3.67
C GLY A 376 -2.23 -39.24 4.84
N ALA A 377 -1.78 -38.16 5.47
CA ALA A 377 -0.78 -38.30 6.53
C ALA A 377 -0.78 -37.13 7.47
N VAL A 378 -0.24 -37.36 8.66
CA VAL A 378 0.08 -36.32 9.60
C VAL A 378 1.49 -36.64 10.06
N THR A 379 2.43 -35.82 9.63
CA THR A 379 3.82 -35.90 10.05
C THR A 379 3.99 -34.82 11.10
N ILE A 380 4.39 -35.21 12.31
CA ILE A 380 4.58 -34.20 13.36
C ILE A 380 6.05 -33.83 13.56
N VAL A 381 6.32 -32.52 13.61
CA VAL A 381 7.61 -31.98 14.06
C VAL A 381 7.41 -31.16 15.33
N GLY A 382 7.56 -31.80 16.48
CA GLY A 382 7.49 -31.09 17.72
C GLY A 382 8.81 -30.42 18.06
N ALA A 383 8.72 -29.30 18.79
CA ALA A 383 9.89 -28.66 19.38
C ALA A 383 9.92 -28.92 20.87
N VAL A 384 11.11 -29.21 21.37
CA VAL A 384 11.36 -29.34 22.77
C VAL A 384 12.15 -28.09 23.13
N SER A 385 11.61 -27.22 23.98
CA SER A 385 12.21 -25.88 24.19
C SER A 385 12.53 -25.51 25.66
N PRO A 386 13.63 -26.04 26.20
CA PRO A 386 14.09 -25.67 27.55
C PRO A 386 15.40 -24.82 27.60
N PRO A 387 15.28 -23.47 27.63
CA PRO A 387 16.39 -22.53 27.82
C PRO A 387 17.48 -23.00 28.80
N GLY A 388 17.11 -23.92 29.69
CA GLY A 388 18.07 -24.52 30.60
C GLY A 388 19.12 -25.27 29.82
N GLY A 389 18.80 -25.61 28.57
CA GLY A 389 19.68 -26.38 27.72
C GLY A 389 19.92 -27.75 28.36
N ASP A 390 18.83 -28.33 28.86
CA ASP A 390 18.87 -29.65 29.50
C ASP A 390 18.04 -30.73 28.78
N MET A 391 18.75 -31.61 28.09
CA MET A 391 18.18 -32.79 27.43
C MET A 391 17.57 -33.78 28.43
N SER A 392 17.56 -33.39 29.70
CA SER A 392 17.23 -34.26 30.84
C SER A 392 15.76 -34.17 31.17
N GLU A 393 15.20 -32.98 30.97
CA GLU A 393 13.77 -32.74 30.97
C GLU A 393 13.07 -34.06 30.71
N PRO A 394 12.27 -34.56 31.71
CA PRO A 394 11.50 -35.75 31.37
C PRO A 394 10.76 -35.52 30.03
N VAL A 395 10.50 -34.26 29.70
CA VAL A 395 9.80 -33.94 28.47
C VAL A 395 10.61 -34.43 27.26
N THR A 396 11.87 -34.00 27.17
CA THR A 396 12.73 -34.43 26.07
C THR A 396 12.94 -35.96 25.98
N GLN A 397 13.25 -36.61 27.10
CA GLN A 397 13.26 -38.09 27.19
C GLN A 397 12.04 -38.74 26.55
N SER A 398 10.84 -38.44 27.09
CA SER A 398 9.61 -39.10 26.64
C SER A 398 9.37 -38.88 25.15
N THR A 399 9.37 -37.61 24.72
CA THR A 399 9.41 -37.24 23.31
C THR A 399 10.35 -38.10 22.46
N LEU A 400 11.63 -38.13 22.87
CA LEU A 400 12.69 -38.81 22.13
C LEU A 400 12.63 -40.32 22.29
N ARG A 401 11.85 -40.77 23.26
CA ARG A 401 11.69 -42.18 23.48
C ARG A 401 10.69 -42.62 22.42
N ILE A 402 10.10 -41.62 21.74
CA ILE A 402 8.92 -41.80 20.88
C ILE A 402 9.05 -41.34 19.42
N VAL A 403 9.67 -40.19 19.17
CA VAL A 403 9.77 -39.71 17.78
C VAL A 403 10.72 -40.55 16.94
N GLY A 404 10.51 -40.55 15.63
CA GLY A 404 11.35 -41.33 14.73
C GLY A 404 12.64 -40.67 14.25
N ALA A 405 12.86 -39.44 14.71
CA ALA A 405 14.09 -38.72 14.42
C ALA A 405 14.16 -37.51 15.34
N PHE A 406 15.38 -36.99 15.51
CA PHE A 406 15.64 -35.77 16.24
C PHE A 406 16.55 -34.89 15.39
N TRP A 407 16.11 -33.66 15.16
CA TRP A 407 16.93 -32.66 14.47
C TRP A 407 17.46 -31.65 15.49
N ARG A 408 18.65 -31.92 16.02
CA ARG A 408 19.25 -31.12 17.08
C ARG A 408 19.79 -29.81 16.55
N LEU A 409 19.10 -28.73 16.87
CA LEU A 409 19.60 -27.40 16.52
C LEU A 409 20.58 -26.97 17.58
N ASP A 410 21.40 -25.98 17.21
CA ASP A 410 22.61 -25.68 17.94
C ASP A 410 23.00 -24.26 17.61
N ALA A 411 23.01 -23.41 18.63
CA ALA A 411 23.26 -21.98 18.46
C ALA A 411 24.73 -21.75 18.18
N SER A 412 25.50 -22.80 18.44
CA SER A 412 26.93 -22.83 18.29
C SER A 412 27.26 -22.81 16.81
N LEU A 413 26.55 -23.67 16.08
CA LEU A 413 26.71 -23.75 14.65
C LEU A 413 26.26 -22.44 14.01
N ALA A 414 25.15 -21.89 14.53
CA ALA A 414 24.62 -20.63 14.03
C ALA A 414 25.69 -19.56 14.12
N PHE A 415 26.32 -19.45 15.29
CA PHE A 415 27.39 -18.46 15.52
C PHE A 415 28.50 -18.52 14.47
N ARG A 416 28.91 -19.74 14.12
CA ARG A 416 29.88 -19.97 13.04
C ARG A 416 29.32 -19.56 11.67
N ARG A 417 28.00 -19.34 11.60
CA ARG A 417 27.26 -18.96 10.37
C ARG A 417 26.88 -20.15 9.49
N HIS A 418 26.85 -21.33 10.10
CA HIS A 418 26.40 -22.55 9.43
C HIS A 418 24.89 -22.81 9.61
N PHE A 419 24.19 -22.95 8.48
CA PHE A 419 22.73 -22.90 8.43
C PHE A 419 22.14 -23.92 7.45
N PRO A 420 21.03 -24.57 7.86
CA PRO A 420 20.37 -24.34 9.14
C PRO A 420 21.10 -25.08 10.27
N ALA A 421 21.25 -24.40 11.40
CA ALA A 421 22.15 -24.86 12.47
C ALA A 421 21.83 -26.24 13.09
N ILE A 422 21.66 -27.27 12.26
CA ILE A 422 21.48 -28.63 12.80
C ILE A 422 22.79 -29.42 12.95
N ASN A 423 22.91 -30.11 14.08
CA ASN A 423 24.12 -30.83 14.44
C ASN A 423 24.05 -32.29 13.94
N TRP A 424 24.94 -32.63 13.00
CA TRP A 424 24.98 -33.98 12.44
C TRP A 424 25.38 -35.07 13.46
N ASN A 425 26.21 -34.73 14.45
CA ASN A 425 26.60 -35.70 15.50
C ASN A 425 25.49 -35.93 16.54
N GLY A 426 24.80 -34.87 16.92
CA GLY A 426 23.69 -34.98 17.87
C GLY A 426 22.40 -35.54 17.31
N SER A 427 22.10 -35.22 16.06
CA SER A 427 20.85 -35.61 15.46
C SER A 427 20.89 -37.02 14.91
N TYR A 428 19.74 -37.58 14.59
CA TYR A 428 19.64 -38.94 14.05
C TYR A 428 18.28 -39.16 13.36
N SER A 429 18.14 -40.30 12.68
CA SER A 429 16.87 -40.72 12.07
C SER A 429 16.62 -42.22 12.30
N LEU A 430 15.37 -42.59 12.62
CA LEU A 430 15.02 -43.98 12.91
C LEU A 430 14.36 -44.63 11.72
N PHE A 431 14.04 -43.79 10.73
CA PHE A 431 13.22 -44.20 9.59
C PHE A 431 14.05 -44.72 8.43
N THR A 432 15.25 -44.16 8.34
CA THR A 432 16.28 -44.48 7.35
C THR A 432 16.29 -45.90 6.76
N SER A 433 16.27 -46.91 7.64
CA SER A 433 16.38 -48.30 7.19
C SER A 433 15.30 -48.70 6.17
N ALA A 434 14.04 -48.33 6.45
CA ALA A 434 12.89 -48.72 5.63
C ALA A 434 12.55 -47.76 4.47
N LEU A 435 13.27 -46.65 4.37
CA LEU A 435 13.17 -45.74 3.22
C LEU A 435 14.18 -46.06 2.10
N ASP A 436 15.10 -46.99 2.35
CA ASP A 436 16.08 -47.34 1.33
C ASP A 436 15.45 -47.95 0.06
N PRO A 437 14.48 -48.89 0.22
CA PRO A 437 13.78 -49.35 -0.99
C PRO A 437 13.25 -48.19 -1.85
N TRP A 438 12.45 -47.28 -1.26
CA TRP A 438 11.96 -46.09 -1.98
C TRP A 438 13.12 -45.35 -2.63
N TYR A 439 14.21 -45.20 -1.88
CA TYR A 439 15.40 -44.51 -2.33
C TYR A 439 15.96 -45.12 -3.60
N ARG A 440 16.32 -46.40 -3.51
CA ARG A 440 16.88 -47.14 -4.63
C ARG A 440 15.94 -47.05 -5.82
N GLU A 441 14.64 -47.03 -5.52
CA GLU A 441 13.60 -47.01 -6.52
C GLU A 441 13.35 -45.63 -7.11
N ASN A 442 13.60 -44.58 -6.33
CA ASN A 442 13.12 -43.25 -6.71
C ASN A 442 14.17 -42.17 -6.84
N VAL A 443 15.38 -42.51 -6.44
CA VAL A 443 16.46 -41.56 -6.43
C VAL A 443 17.64 -42.08 -7.26
N ALA A 444 18.02 -43.33 -7.01
CA ALA A 444 19.18 -43.97 -7.65
C ALA A 444 19.46 -45.28 -6.92
N GLU A 445 19.71 -46.33 -7.70
CA GLU A 445 20.00 -47.64 -7.15
C GLU A 445 21.00 -47.53 -5.98
N ASP A 446 21.93 -46.60 -6.10
CA ASP A 446 23.01 -46.45 -5.14
C ASP A 446 22.88 -45.18 -4.33
N TYR A 447 21.69 -44.97 -3.76
CA TYR A 447 21.46 -43.84 -2.86
C TYR A 447 22.12 -44.07 -1.50
N PRO A 448 21.58 -45.04 -0.71
CA PRO A 448 22.10 -45.34 0.62
C PRO A 448 23.63 -45.34 0.72
N GLU A 449 24.31 -46.07 -0.14
CA GLU A 449 25.78 -46.11 -0.14
C GLU A 449 26.38 -44.70 -0.22
N LEU A 450 25.91 -43.91 -1.18
CA LEU A 450 26.42 -42.54 -1.36
C LEU A 450 26.19 -41.64 -0.13
N ARG A 451 25.01 -41.73 0.48
CA ARG A 451 24.74 -40.97 1.70
C ARG A 451 25.49 -41.59 2.87
N ASP A 452 25.72 -42.90 2.80
CA ASP A 452 26.47 -43.59 3.84
C ASP A 452 27.92 -43.17 3.77
N ALA A 453 28.44 -43.05 2.56
CA ALA A 453 29.81 -42.57 2.35
C ALA A 453 29.98 -41.16 2.88
N ILE A 454 28.92 -40.36 2.83
CA ILE A 454 28.98 -38.96 3.24
C ILE A 454 28.98 -38.83 4.75
N SER A 455 28.03 -39.49 5.41
CA SER A 455 28.02 -39.50 6.88
C SER A 455 29.30 -40.15 7.40
N GLU A 456 29.89 -41.02 6.59
CA GLU A 456 31.15 -41.70 6.95
C GLU A 456 32.35 -40.77 6.91
N LEU A 457 32.40 -39.89 5.91
CA LEU A 457 33.43 -38.88 5.88
C LEU A 457 33.19 -37.87 7.00
N LEU A 458 31.93 -37.67 7.38
CA LEU A 458 31.59 -36.70 8.43
C LEU A 458 32.14 -37.14 9.78
N GLN A 459 31.79 -38.37 10.18
CA GLN A 459 32.34 -38.96 11.40
C GLN A 459 33.83 -38.73 11.44
N ARG A 460 34.50 -39.18 10.37
CA ARG A 460 35.96 -39.12 10.24
C ARG A 460 36.53 -37.70 10.26
N GLU A 461 35.88 -36.76 9.59
CA GLU A 461 36.19 -35.34 9.79
C GLU A 461 36.06 -34.96 11.27
N ALA A 462 34.95 -35.40 11.89
CA ALA A 462 34.64 -35.11 13.29
C ALA A 462 35.69 -35.66 14.26
N GLY A 463 36.20 -36.86 13.96
CA GLY A 463 37.23 -37.51 14.75
C GLY A 463 38.65 -37.27 14.25
N LEU A 464 38.85 -36.20 13.48
CA LEU A 464 40.19 -35.76 13.07
C LEU A 464 40.54 -34.39 13.62
N GLN A 465 39.61 -33.44 13.53
CA GLN A 465 39.76 -32.17 14.23
C GLN A 465 39.99 -32.44 15.72
N GLU A 466 39.82 -33.70 16.11
CA GLU A 466 39.99 -34.18 17.50
C GLU A 466 41.43 -34.64 17.75
N ILE A 467 42.04 -35.30 16.77
CA ILE A 467 43.47 -35.68 16.86
C ILE A 467 44.37 -34.66 16.15
N VAL A 468 43.77 -33.55 15.73
CA VAL A 468 44.50 -32.36 15.36
C VAL A 468 44.48 -31.49 16.61
N GLN A 469 43.45 -31.71 17.42
CA GLN A 469 43.19 -30.93 18.62
C GLN A 469 44.27 -31.13 19.68
N LEU A 470 44.86 -32.32 19.74
CA LEU A 470 45.82 -32.65 20.80
C LEU A 470 47.24 -33.01 20.32
N VAL A 471 47.44 -33.02 18.99
CA VAL A 471 48.76 -33.32 18.42
C VAL A 471 49.12 -32.45 17.20
N GLY A 472 48.39 -31.36 17.01
CA GLY A 472 48.62 -30.48 15.86
C GLY A 472 48.36 -31.12 14.50
N PRO A 473 48.02 -30.29 13.49
CA PRO A 473 47.76 -30.75 12.12
C PRO A 473 49.01 -31.22 11.38
N ASP A 474 50.18 -31.06 11.98
CA ASP A 474 51.44 -31.52 11.39
C ASP A 474 51.54 -33.03 11.39
N ALA A 475 51.00 -33.65 12.44
CA ALA A 475 51.04 -35.10 12.62
C ALA A 475 50.02 -35.85 11.75
N LEU A 476 49.50 -35.18 10.72
CA LEU A 476 48.46 -35.75 9.86
C LEU A 476 49.03 -36.35 8.57
N GLN A 477 48.78 -37.64 8.38
CA GLN A 477 49.11 -38.34 7.14
C GLN A 477 48.41 -37.61 5.98
N ASP A 478 48.81 -37.85 4.73
CA ASP A 478 48.24 -37.07 3.63
C ASP A 478 46.74 -37.21 3.49
N ALA A 479 46.27 -38.44 3.56
CA ALA A 479 44.85 -38.74 3.42
C ALA A 479 43.97 -37.99 4.44
N GLU A 480 44.61 -37.44 5.47
CA GLU A 480 43.93 -36.66 6.49
C GLU A 480 43.61 -35.25 6.03
N ARG A 481 44.64 -34.50 5.63
CA ARG A 481 44.45 -33.16 5.07
C ARG A 481 43.37 -33.13 4.00
N LEU A 482 43.19 -34.28 3.35
CA LEU A 482 42.09 -34.46 2.39
C LEU A 482 40.73 -34.66 3.07
N VAL A 483 40.61 -35.70 3.89
CA VAL A 483 39.41 -35.99 4.70
C VAL A 483 38.80 -34.74 5.36
N ILE A 484 39.61 -34.00 6.12
CA ILE A 484 39.23 -32.70 6.64
C ILE A 484 38.74 -31.74 5.54
N GLU A 485 39.39 -31.72 4.39
CA GLU A 485 39.11 -30.72 3.35
C GLU A 485 37.87 -31.03 2.50
N VAL A 486 37.39 -32.26 2.58
CA VAL A 486 36.13 -32.61 1.92
C VAL A 486 34.99 -32.59 2.95
N GLY A 487 35.25 -33.09 4.15
CA GLY A 487 34.40 -32.80 5.28
C GLY A 487 34.05 -31.33 5.24
N ARG A 488 35.06 -30.50 4.97
CA ARG A 488 34.85 -29.08 4.77
C ARG A 488 33.87 -28.85 3.60
N ILE A 489 34.22 -29.41 2.44
CA ILE A 489 33.46 -29.26 1.21
C ILE A 489 31.99 -29.62 1.38
N ILE A 490 31.74 -30.67 2.16
CA ILE A 490 30.38 -31.12 2.43
C ILE A 490 29.68 -30.09 3.31
N ARG A 491 30.39 -29.57 4.33
CA ARG A 491 29.80 -28.58 5.22
C ARG A 491 29.36 -27.38 4.40
N GLU A 492 30.29 -26.76 3.68
CA GLU A 492 30.01 -25.51 2.99
C GLU A 492 29.13 -25.65 1.74
N ASP A 493 29.22 -26.80 1.07
CA ASP A 493 28.51 -27.00 -0.21
C ASP A 493 27.39 -28.03 -0.16
N PHE A 494 27.24 -28.74 0.96
CA PHE A 494 26.15 -29.71 1.04
C PHE A 494 25.20 -29.65 2.25
N LEU A 495 25.73 -29.27 3.43
CA LEU A 495 24.89 -29.07 4.64
C LEU A 495 24.36 -27.66 4.72
N GLN A 496 25.07 -26.73 4.12
CA GLN A 496 24.60 -25.37 4.08
C GLN A 496 23.61 -25.15 2.98
N GLN A 497 22.45 -24.64 3.40
CA GLN A 497 21.33 -24.37 2.53
C GLN A 497 20.90 -22.94 2.83
N ASN A 498 21.04 -22.06 1.86
CA ASN A 498 20.57 -20.69 2.04
C ASN A 498 19.05 -20.68 1.98
N ALA A 499 18.43 -20.26 3.08
CA ALA A 499 17.00 -20.30 3.19
C ALA A 499 16.35 -19.10 2.49
N TYR A 500 17.00 -17.94 2.51
CA TYR A 500 16.44 -16.78 1.78
C TYR A 500 16.89 -16.75 0.32
N HIS A 501 17.56 -17.80 -0.14
CA HIS A 501 18.01 -17.86 -1.52
C HIS A 501 16.96 -18.41 -2.50
N GLU A 502 16.85 -17.75 -3.64
CA GLU A 502 15.84 -18.09 -4.64
C GLU A 502 15.98 -19.51 -5.24
N VAL A 503 17.17 -20.09 -5.16
CA VAL A 503 17.38 -21.49 -5.58
C VAL A 503 17.72 -22.42 -4.42
N ASP A 504 18.84 -22.18 -3.73
CA ASP A 504 19.29 -23.05 -2.65
C ASP A 504 18.23 -23.18 -1.53
N ALA A 505 17.22 -22.31 -1.56
CA ALA A 505 16.13 -22.37 -0.59
C ALA A 505 15.50 -23.76 -0.56
N TYR A 506 15.58 -24.46 -1.69
CA TYR A 506 15.06 -25.82 -1.84
C TYR A 506 16.08 -26.68 -2.62
N SER A 507 16.09 -27.99 -2.34
CA SER A 507 16.85 -29.00 -3.08
C SER A 507 16.12 -30.35 -3.00
N SER A 508 15.95 -31.02 -4.14
CA SER A 508 15.32 -32.34 -4.15
C SER A 508 16.34 -33.49 -4.14
N MET A 509 15.86 -34.71 -3.94
CA MET A 509 16.74 -35.87 -3.78
C MET A 509 17.71 -36.05 -4.96
N LYS A 510 17.22 -35.74 -6.18
CA LYS A 510 17.98 -35.87 -7.41
C LYS A 510 19.18 -34.93 -7.44
N LYS A 511 18.91 -33.67 -7.12
CA LYS A 511 19.97 -32.66 -7.06
C LYS A 511 20.90 -32.97 -5.89
N ALA A 512 20.32 -33.36 -4.76
CA ALA A 512 21.07 -33.79 -3.58
C ALA A 512 21.92 -35.05 -3.85
N TYR A 513 21.48 -35.88 -4.80
CA TYR A 513 22.28 -37.01 -5.26
C TYR A 513 23.47 -36.54 -6.08
N GLY A 514 23.23 -35.58 -6.97
CA GLY A 514 24.26 -34.98 -7.79
C GLY A 514 25.36 -34.31 -6.99
N ILE A 515 24.96 -33.42 -6.09
CA ILE A 515 25.90 -32.67 -5.26
C ILE A 515 26.72 -33.62 -4.38
N MET A 516 26.10 -34.72 -3.97
CA MET A 516 26.81 -35.78 -3.28
C MET A 516 27.84 -36.45 -4.18
N LYS A 517 27.35 -36.99 -5.30
CA LYS A 517 28.17 -37.79 -6.23
C LYS A 517 29.42 -37.05 -6.71
N MET A 518 29.28 -35.74 -6.97
CA MET A 518 30.39 -34.85 -7.33
C MET A 518 31.48 -34.77 -6.27
N ILE A 519 31.08 -34.57 -5.02
CA ILE A 519 31.99 -34.52 -3.88
C ILE A 519 32.85 -35.79 -3.82
N LEU A 520 32.19 -36.95 -3.86
CA LEU A 520 32.86 -38.25 -3.78
C LEU A 520 33.69 -38.59 -5.02
N ALA A 521 33.24 -38.10 -6.18
CA ALA A 521 34.01 -38.18 -7.41
C ALA A 521 35.30 -37.39 -7.26
N PHE A 522 35.16 -36.11 -6.92
CA PHE A 522 36.31 -35.24 -6.64
C PHE A 522 37.19 -35.88 -5.57
N TYR A 523 36.55 -36.40 -4.53
CA TYR A 523 37.24 -37.02 -3.41
C TYR A 523 38.15 -38.14 -3.89
N LYS A 524 37.59 -39.13 -4.59
CA LYS A 524 38.36 -40.31 -5.01
C LYS A 524 39.37 -40.08 -6.16
N GLU A 525 39.29 -38.91 -6.79
CA GLU A 525 40.27 -38.50 -7.79
C GLU A 525 41.42 -37.79 -7.10
N ALA A 526 41.12 -37.19 -5.95
CA ALA A 526 42.16 -36.63 -5.09
C ALA A 526 42.86 -37.76 -4.34
N GLU A 527 42.07 -38.77 -3.95
CA GLU A 527 42.58 -39.94 -3.24
C GLU A 527 43.66 -40.68 -4.03
N ALA A 528 43.46 -40.77 -5.34
CA ALA A 528 44.41 -41.40 -6.26
C ALA A 528 45.48 -40.41 -6.75
N ALA A 529 45.29 -39.13 -6.43
CA ALA A 529 46.25 -38.09 -6.81
C ALA A 529 47.39 -37.92 -5.81
N ILE A 530 47.07 -37.81 -4.52
CA ILE A 530 48.10 -37.69 -3.48
C ILE A 530 48.97 -38.95 -3.40
N LYS A 531 48.32 -40.09 -3.62
CA LYS A 531 48.94 -41.41 -3.65
C LYS A 531 49.93 -41.53 -4.83
N ARG A 532 49.88 -40.54 -5.71
CA ARG A 532 50.59 -40.51 -6.98
C ARG A 532 51.61 -39.38 -7.00
N GLY A 533 51.76 -38.72 -5.85
CA GLY A 533 52.77 -37.67 -5.68
C GLY A 533 52.33 -36.30 -6.10
N VAL A 534 51.03 -36.06 -6.08
CA VAL A 534 50.48 -34.75 -6.43
C VAL A 534 50.27 -33.92 -5.17
N SER A 535 50.51 -32.61 -5.29
CA SER A 535 50.38 -31.68 -4.17
C SER A 535 48.92 -31.53 -3.74
N ILE A 536 48.64 -31.83 -2.47
CA ILE A 536 47.30 -31.66 -1.90
C ILE A 536 46.87 -30.21 -2.02
N ASP A 537 47.87 -29.36 -2.01
CA ASP A 537 47.67 -27.93 -2.06
C ASP A 537 47.32 -27.52 -3.49
N GLU A 538 47.93 -28.23 -4.46
CA GLU A 538 47.64 -28.10 -5.89
C GLU A 538 46.26 -28.67 -6.20
N ILE A 539 45.93 -29.79 -5.55
CA ILE A 539 44.57 -30.33 -5.57
C ILE A 539 43.62 -29.21 -5.11
N LEU A 540 43.96 -28.61 -3.96
CA LEU A 540 43.16 -27.56 -3.35
C LEU A 540 43.19 -26.22 -4.10
N GLN A 541 43.83 -26.19 -5.27
CA GLN A 541 43.85 -25.00 -6.10
C GLN A 541 42.91 -25.13 -7.31
N LEU A 542 42.43 -26.34 -7.55
CA LEU A 542 41.65 -26.64 -8.74
C LEU A 542 40.35 -25.81 -8.86
N PRO A 543 40.19 -25.10 -9.99
CA PRO A 543 39.05 -24.24 -10.30
C PRO A 543 37.71 -24.99 -10.45
N VAL A 544 37.71 -26.31 -10.32
CA VAL A 544 36.46 -27.09 -10.34
C VAL A 544 35.91 -27.34 -8.92
N LEU A 545 36.59 -26.83 -7.91
CA LEU A 545 36.05 -26.79 -6.55
C LEU A 545 34.84 -25.86 -6.55
N GLU A 546 34.89 -24.89 -7.47
CA GLU A 546 33.88 -23.84 -7.58
C GLU A 546 32.66 -24.29 -8.39
N ARG A 547 32.83 -25.30 -9.23
CA ARG A 547 31.70 -25.89 -9.93
C ARG A 547 30.86 -26.64 -8.90
N ILE A 548 31.56 -27.25 -7.95
CA ILE A 548 30.93 -27.86 -6.79
C ILE A 548 30.28 -26.74 -5.96
N GLY A 549 31.13 -25.85 -5.45
CA GLY A 549 30.72 -24.72 -4.63
C GLY A 549 29.44 -24.05 -5.10
N ARG A 550 29.39 -23.68 -6.37
CA ARG A 550 28.24 -22.93 -6.88
C ARG A 550 27.15 -23.79 -7.54
N ALA A 551 27.06 -25.05 -7.11
CA ALA A 551 26.05 -25.99 -7.63
C ALA A 551 24.68 -25.80 -6.93
N ARG A 552 24.71 -25.76 -5.60
CA ARG A 552 23.49 -25.60 -4.80
C ARG A 552 22.75 -24.31 -5.18
N TYR A 553 23.38 -23.47 -5.99
CA TYR A 553 22.79 -22.20 -6.39
C TYR A 553 22.19 -22.27 -7.79
N VAL A 554 22.32 -23.44 -8.43
CA VAL A 554 21.90 -23.60 -9.83
C VAL A 554 20.48 -24.16 -9.91
N SER A 555 19.63 -23.43 -10.62
CA SER A 555 18.31 -23.90 -11.03
C SER A 555 18.17 -25.42 -11.00
N GLU A 556 17.02 -25.90 -10.53
CA GLU A 556 16.76 -27.33 -10.42
C GLU A 556 16.67 -28.00 -11.77
N GLU A 557 16.19 -27.24 -12.75
CA GLU A 557 16.01 -27.72 -14.11
C GLU A 557 17.34 -27.75 -14.87
N GLU A 558 18.20 -26.77 -14.58
CA GLU A 558 19.50 -26.64 -15.23
C GLU A 558 20.58 -27.53 -14.60
N PHE A 559 20.20 -28.29 -13.58
CA PHE A 559 21.17 -29.06 -12.81
C PHE A 559 21.67 -30.36 -13.48
N PRO A 560 20.76 -31.17 -14.07
CA PRO A 560 21.15 -32.40 -14.76
C PRO A 560 22.34 -32.24 -15.74
N ALA A 561 22.33 -31.14 -16.50
CA ALA A 561 23.42 -30.83 -17.42
C ALA A 561 24.64 -30.34 -16.64
N TYR A 562 24.38 -29.57 -15.59
CA TYR A 562 25.43 -29.05 -14.74
C TYR A 562 26.18 -30.21 -14.05
N PHE A 563 25.42 -31.23 -13.63
CA PHE A 563 25.99 -32.44 -13.05
C PHE A 563 26.80 -33.25 -14.06
N GLU A 564 26.20 -33.51 -15.22
CA GLU A 564 26.82 -34.30 -16.29
C GLU A 564 28.14 -33.68 -16.81
N GLU A 565 28.15 -32.34 -16.94
CA GLU A 565 29.36 -31.65 -17.39
C GLU A 565 30.42 -31.55 -16.29
N ALA A 566 29.99 -31.22 -15.07
CA ALA A 566 30.90 -31.14 -13.93
C ALA A 566 31.54 -32.48 -13.59
N MET A 567 30.74 -33.55 -13.68
CA MET A 567 31.24 -34.92 -13.48
C MET A 567 32.33 -35.23 -14.50
N LYS A 568 32.15 -34.71 -15.72
CA LYS A 568 33.12 -34.85 -16.80
C LYS A 568 34.33 -33.96 -16.61
N GLU A 569 34.17 -32.90 -15.85
CA GLU A 569 35.27 -31.96 -15.61
C GLU A 569 36.17 -32.40 -14.45
N ILE A 570 35.65 -33.25 -13.58
CA ILE A 570 36.43 -33.84 -12.49
C ILE A 570 37.47 -34.79 -13.05
N GLN A 571 37.12 -35.48 -14.12
CA GLN A 571 38.03 -36.40 -14.80
C GLN A 571 39.19 -35.64 -15.45
N GLY A 572 38.84 -34.75 -16.39
CA GLY A 572 39.80 -33.99 -17.18
C GLY A 572 40.74 -33.09 -16.40
N ALA A 573 40.22 -32.45 -15.36
CA ALA A 573 41.04 -31.57 -14.52
C ALA A 573 42.00 -32.35 -13.63
N PHE A 574 41.61 -33.56 -13.23
CA PHE A 574 42.47 -34.44 -12.47
C PHE A 574 43.41 -35.28 -13.35
N LYS A 575 42.93 -35.67 -14.53
CA LYS A 575 43.75 -36.37 -15.52
C LYS A 575 44.85 -35.44 -16.05
N ALA A 576 44.55 -34.14 -16.08
CA ALA A 576 45.53 -33.12 -16.49
C ALA A 576 46.68 -32.98 -15.49
N LEU A 577 46.40 -33.18 -14.22
CA LEU A 577 47.44 -33.15 -13.19
C LEU A 577 48.19 -34.48 -13.18
N ALA A 578 49.11 -34.63 -14.13
CA ALA A 578 49.87 -35.88 -14.25
C ALA A 578 50.72 -36.12 -13.01
N LYS B 5 -26.32 -1.25 54.29
CA LYS B 5 -25.78 -2.47 53.58
C LYS B 5 -25.62 -3.64 54.55
N LYS B 6 -25.76 -4.86 54.02
CA LYS B 6 -25.68 -6.06 54.86
C LYS B 6 -24.43 -6.10 55.76
N GLU B 7 -24.62 -6.64 56.95
CA GLU B 7 -23.53 -7.05 57.81
C GLU B 7 -23.69 -8.55 57.96
N TYR B 8 -22.60 -9.30 57.88
CA TYR B 8 -22.73 -10.72 58.12
C TYR B 8 -22.07 -11.00 59.47
N THR B 9 -22.85 -11.51 60.39
CA THR B 9 -22.36 -11.69 61.73
C THR B 9 -22.17 -13.16 62.10
N GLY B 10 -22.61 -14.07 61.23
CA GLY B 10 -22.62 -15.51 61.51
C GLY B 10 -21.27 -16.14 61.30
N ILE B 11 -20.30 -15.73 62.11
CA ILE B 11 -18.93 -16.19 61.99
C ILE B 11 -18.79 -17.48 62.77
N THR B 12 -18.33 -18.54 62.12
CA THR B 12 -18.31 -19.86 62.78
C THR B 12 -16.93 -20.37 63.17
N TYR B 13 -15.87 -19.69 62.75
CA TYR B 13 -14.53 -20.29 62.81
C TYR B 13 -13.48 -19.35 62.33
N ILE B 14 -12.43 -19.18 63.12
CA ILE B 14 -11.26 -18.40 62.69
C ILE B 14 -10.00 -19.21 62.99
N SER B 15 -9.13 -19.32 61.97
CA SER B 15 -7.84 -19.95 62.16
C SER B 15 -6.80 -19.53 61.14
N GLY B 16 -5.60 -19.19 61.62
CA GLY B 16 -4.55 -18.62 60.76
C GLY B 16 -5.08 -17.36 60.10
N PRO B 17 -5.04 -17.30 58.77
CA PRO B 17 -5.62 -16.15 58.07
C PRO B 17 -7.08 -16.32 57.68
N LEU B 18 -7.64 -17.51 57.90
CA LEU B 18 -9.00 -17.76 57.41
C LEU B 18 -10.07 -17.48 58.44
N LEU B 19 -11.13 -16.79 58.00
CA LEU B 19 -12.39 -16.80 58.77
C LEU B 19 -13.59 -17.34 57.97
N PHE B 20 -14.55 -17.99 58.62
CA PHE B 20 -15.69 -18.58 57.91
C PHE B 20 -16.97 -17.86 58.33
N VAL B 21 -17.79 -17.44 57.36
CA VAL B 21 -19.02 -16.75 57.64
C VAL B 21 -20.19 -17.58 57.12
N GLU B 22 -21.17 -17.83 57.96
CA GLU B 22 -22.31 -18.60 57.60
C GLU B 22 -23.27 -17.68 56.90
N ASN B 23 -24.31 -18.27 56.30
CA ASN B 23 -25.33 -17.50 55.58
C ASN B 23 -24.79 -16.33 54.76
N ALA B 24 -23.83 -16.60 53.87
CA ALA B 24 -23.25 -15.54 53.04
C ALA B 24 -23.26 -15.84 51.54
N LYS B 25 -24.15 -16.72 51.12
CA LYS B 25 -24.42 -16.99 49.72
C LYS B 25 -24.41 -15.76 48.83
N ASP B 26 -24.54 -14.57 49.39
CA ASP B 26 -24.60 -13.39 48.53
C ASP B 26 -23.26 -12.68 48.33
N LEU B 27 -22.22 -13.22 48.95
CA LEU B 27 -20.88 -12.71 48.71
C LEU B 27 -20.33 -13.42 47.51
N ALA B 28 -19.78 -12.65 46.58
CA ALA B 28 -19.21 -13.22 45.38
C ALA B 28 -17.81 -13.72 45.62
N TYR B 29 -17.48 -14.82 45.00
CA TYR B 29 -16.11 -15.26 44.96
C TYR B 29 -15.07 -14.18 44.54
N GLY B 30 -14.09 -13.94 45.39
CA GLY B 30 -13.07 -12.96 45.06
C GLY B 30 -13.45 -11.59 45.59
N ALA B 31 -14.63 -11.47 46.18
CA ALA B 31 -15.06 -10.18 46.71
C ALA B 31 -14.10 -9.71 47.80
N ILE B 32 -13.75 -8.43 47.70
CA ILE B 32 -13.09 -7.70 48.78
C ILE B 32 -14.11 -7.39 49.86
N VAL B 33 -13.77 -7.72 51.10
CA VAL B 33 -14.67 -7.45 52.23
C VAL B 33 -14.03 -6.64 53.34
N ASP B 34 -14.88 -6.01 54.14
CA ASP B 34 -14.46 -5.32 55.36
C ASP B 34 -14.87 -6.12 56.55
N ILE B 35 -14.06 -6.04 57.61
CA ILE B 35 -14.21 -6.85 58.80
C ILE B 35 -13.98 -5.97 60.01
N LYS B 36 -15.00 -5.76 60.82
CA LYS B 36 -14.84 -4.97 62.02
C LYS B 36 -14.91 -5.82 63.29
N ASP B 37 -14.02 -5.51 64.22
CA ASP B 37 -13.93 -6.21 65.50
C ASP B 37 -14.65 -5.40 66.58
N GLY B 38 -14.77 -5.95 67.78
CA GLY B 38 -15.42 -5.25 68.88
C GLY B 38 -14.87 -3.84 69.09
N THR B 39 -13.54 -3.75 69.17
CA THR B 39 -12.84 -2.46 69.36
C THR B 39 -13.25 -1.38 68.35
N GLY B 40 -13.85 -1.79 67.24
CA GLY B 40 -14.28 -0.84 66.21
C GLY B 40 -13.31 -0.76 65.05
N ARG B 41 -12.10 -1.29 65.24
CA ARG B 41 -11.07 -1.37 64.20
C ARG B 41 -11.59 -2.15 62.99
N VAL B 42 -11.22 -1.71 61.78
CA VAL B 42 -11.67 -2.36 60.53
C VAL B 42 -10.53 -2.96 59.70
N ARG B 43 -10.82 -4.10 59.06
CA ARG B 43 -9.78 -4.94 58.48
C ARG B 43 -10.23 -5.54 57.15
N GLY B 44 -9.28 -5.70 56.23
CA GLY B 44 -9.61 -6.21 54.92
C GLY B 44 -9.48 -7.71 54.85
N GLY B 45 -10.21 -8.28 53.89
CA GLY B 45 -10.10 -9.69 53.55
C GLY B 45 -10.64 -9.91 52.16
N GLN B 46 -10.62 -11.17 51.71
CA GLN B 46 -11.11 -11.50 50.39
C GLN B 46 -11.84 -12.82 50.43
N VAL B 47 -12.98 -12.90 49.75
CA VAL B 47 -13.72 -14.16 49.69
C VAL B 47 -12.95 -15.10 48.77
N ILE B 48 -12.40 -16.18 49.32
CA ILE B 48 -11.58 -17.08 48.49
C ILE B 48 -12.33 -18.34 48.22
N GLU B 49 -13.50 -18.48 48.83
CA GLU B 49 -14.35 -19.63 48.58
C GLU B 49 -15.75 -19.33 49.09
N VAL B 50 -16.75 -19.87 48.42
CA VAL B 50 -18.15 -19.58 48.75
C VAL B 50 -18.98 -20.82 48.48
N SER B 51 -19.90 -21.14 49.39
CA SER B 51 -20.84 -22.20 49.15
C SER B 51 -22.15 -21.83 49.83
N GLU B 52 -23.12 -22.75 49.78
CA GLU B 52 -24.35 -22.58 50.57
C GLU B 52 -24.07 -22.57 52.05
N GLU B 53 -23.14 -23.39 52.53
CA GLU B 53 -22.84 -23.44 53.95
C GLU B 53 -22.17 -22.19 54.49
N TYR B 54 -21.13 -21.71 53.80
CA TYR B 54 -20.40 -20.54 54.31
C TYR B 54 -19.39 -20.04 53.31
N ALA B 55 -18.78 -18.91 53.61
CA ALA B 55 -17.81 -18.32 52.74
C ALA B 55 -16.52 -18.26 53.52
N VAL B 56 -15.39 -18.58 52.86
CA VAL B 56 -14.11 -18.51 53.52
C VAL B 56 -13.44 -17.22 53.14
N ILE B 57 -13.16 -16.39 54.14
CA ILE B 57 -12.52 -15.13 53.85
C ILE B 57 -11.12 -15.25 54.32
N GLN B 58 -10.20 -14.77 53.49
CA GLN B 58 -8.79 -14.72 53.83
C GLN B 58 -8.45 -13.31 54.26
N VAL B 59 -8.17 -13.15 55.55
CA VAL B 59 -8.01 -11.84 56.18
C VAL B 59 -6.66 -11.23 55.77
N PHE B 60 -6.64 -9.92 55.51
CA PHE B 60 -5.40 -9.27 55.11
C PHE B 60 -4.37 -9.07 56.22
N GLU B 61 -4.78 -8.46 57.32
CA GLU B 61 -3.88 -8.19 58.44
C GLU B 61 -3.90 -9.38 59.38
N GLU B 62 -3.18 -9.27 60.49
CA GLU B 62 -3.23 -10.27 61.55
C GLU B 62 -4.66 -10.50 61.96
N THR B 63 -4.86 -11.57 62.67
CA THR B 63 -6.17 -12.06 63.03
C THR B 63 -6.50 -11.69 64.49
N THR B 64 -5.47 -11.21 65.21
CA THR B 64 -5.56 -10.75 66.61
C THR B 64 -6.73 -9.81 66.85
N GLY B 65 -7.65 -10.23 67.71
CA GLY B 65 -8.76 -9.39 68.13
C GLY B 65 -10.10 -9.91 67.68
N LEU B 66 -10.10 -10.67 66.60
CA LEU B 66 -11.34 -11.15 66.04
C LEU B 66 -11.91 -12.16 66.98
N ASP B 67 -13.24 -12.20 67.04
CA ASP B 67 -13.97 -13.21 67.81
C ASP B 67 -15.21 -13.53 67.01
N LEU B 68 -16.05 -14.42 67.54
CA LEU B 68 -17.15 -14.98 66.76
C LEU B 68 -18.45 -14.29 67.12
N ALA B 69 -18.39 -13.43 68.14
CA ALA B 69 -19.58 -12.84 68.76
C ALA B 69 -19.76 -11.34 68.42
N THR B 70 -18.65 -10.64 68.21
CA THR B 70 -18.71 -9.19 68.00
C THR B 70 -18.09 -8.75 66.67
N THR B 71 -17.87 -9.72 65.79
CA THR B 71 -17.20 -9.49 64.50
C THR B 71 -18.21 -9.58 63.36
N SER B 72 -18.18 -8.60 62.44
CA SER B 72 -19.09 -8.59 61.30
C SER B 72 -18.35 -8.32 60.00
N VAL B 73 -18.72 -9.01 58.93
CA VAL B 73 -18.08 -8.86 57.63
C VAL B 73 -19.05 -8.09 56.76
N SER B 74 -18.57 -7.36 55.76
CA SER B 74 -19.44 -6.66 54.82
C SER B 74 -18.76 -6.42 53.48
N LEU B 75 -19.55 -6.37 52.41
CA LEU B 75 -19.01 -6.16 51.06
C LEU B 75 -18.37 -4.79 50.88
N VAL B 76 -17.12 -4.76 50.43
CA VAL B 76 -16.50 -3.51 50.00
C VAL B 76 -16.61 -3.38 48.50
N GLU B 77 -16.40 -4.49 47.79
CA GLU B 77 -16.48 -4.48 46.33
C GLU B 77 -16.37 -5.89 45.79
N ASP B 78 -16.96 -6.15 44.63
CA ASP B 78 -17.05 -7.53 44.15
C ASP B 78 -15.77 -8.02 43.50
N VAL B 79 -14.99 -7.10 42.98
CA VAL B 79 -13.70 -7.39 42.39
C VAL B 79 -12.76 -6.30 42.90
N ALA B 80 -11.54 -6.63 43.32
CA ALA B 80 -10.54 -5.59 43.60
C ALA B 80 -10.26 -4.65 42.37
N ARG B 81 -10.59 -3.37 42.52
CA ARG B 81 -10.40 -2.39 41.45
C ARG B 81 -9.49 -1.26 41.90
N LEU B 82 -9.04 -0.44 40.95
CA LEU B 82 -8.15 0.66 41.29
C LEU B 82 -8.58 1.98 40.70
N GLY B 83 -8.64 2.97 41.58
CA GLY B 83 -8.88 4.35 41.21
C GLY B 83 -7.68 4.79 40.42
N VAL B 84 -7.91 5.04 39.14
CA VAL B 84 -6.83 5.37 38.22
C VAL B 84 -7.21 6.57 37.36
N SER B 85 -6.25 7.47 37.16
CA SER B 85 -6.34 8.55 36.17
C SER B 85 -4.92 8.84 35.68
N LYS B 86 -4.73 9.90 34.90
CA LYS B 86 -3.37 10.24 34.48
C LYS B 86 -2.74 11.29 35.37
N GLU B 87 -3.41 11.60 36.48
CA GLU B 87 -2.89 12.57 37.45
C GLU B 87 -2.13 11.89 38.60
N MET B 88 -1.79 10.61 38.38
CA MET B 88 -1.04 9.81 39.35
C MET B 88 0.47 10.02 39.23
N LEU B 89 0.89 10.81 38.25
CA LEU B 89 2.32 11.10 38.10
C LEU B 89 2.79 11.90 39.31
N GLY B 90 4.09 11.84 39.59
CA GLY B 90 4.65 12.52 40.77
C GLY B 90 4.14 12.02 42.10
N ARG B 91 3.17 11.11 42.07
CA ARG B 91 2.54 10.59 43.28
C ARG B 91 3.32 9.42 43.84
N ARG B 92 2.86 8.87 44.96
CA ARG B 92 3.62 7.84 45.67
C ARG B 92 2.73 7.06 46.66
N PHE B 93 2.33 5.86 46.22
CA PHE B 93 1.36 5.02 46.94
C PHE B 93 2.00 3.82 47.63
N ASN B 94 1.17 2.98 48.22
CA ASN B 94 1.63 1.76 48.87
C ASN B 94 1.09 0.51 48.20
N GLY B 95 1.35 -0.66 48.81
CA GLY B 95 0.76 -1.91 48.37
C GLY B 95 -0.62 -1.82 47.75
N ILE B 96 -1.63 -1.40 48.52
CA ILE B 96 -3.03 -1.26 48.02
C ILE B 96 -3.32 0.04 47.26
N GLY B 97 -2.31 0.89 47.09
CA GLY B 97 -2.48 2.09 46.28
C GLY B 97 -3.20 3.23 46.97
N LYS B 98 -3.05 3.33 48.28
CA LYS B 98 -3.51 4.50 49.00
C LYS B 98 -2.31 5.41 49.26
N PRO B 99 -2.52 6.73 49.23
CA PRO B 99 -1.45 7.75 49.19
C PRO B 99 -0.50 7.75 50.39
N ILE B 100 0.79 7.93 50.14
CA ILE B 100 1.82 7.86 51.18
C ILE B 100 2.78 9.05 51.11
N ASP B 101 2.49 10.00 50.22
CA ASP B 101 3.38 11.13 49.99
C ASP B 101 2.93 12.32 50.81
N GLY B 102 1.99 12.06 51.72
CA GLY B 102 1.39 13.11 52.54
C GLY B 102 0.56 14.08 51.73
N LEU B 103 0.23 13.69 50.50
CA LEU B 103 -0.62 14.51 49.64
C LEU B 103 -2.07 14.02 49.69
N PRO B 104 -2.98 14.70 48.95
CA PRO B 104 -4.39 14.32 49.06
C PRO B 104 -4.71 13.05 48.29
N PRO B 105 -5.69 12.25 48.79
CA PRO B 105 -6.26 11.15 48.01
C PRO B 105 -6.84 11.68 46.70
N ILE B 106 -6.71 10.91 45.62
CA ILE B 106 -6.91 11.42 44.26
C ILE B 106 -8.23 11.00 43.58
N THR B 107 -8.65 11.79 42.58
CA THR B 107 -9.91 11.56 41.86
C THR B 107 -9.68 10.75 40.58
N PRO B 108 -10.38 9.60 40.46
CA PRO B 108 -10.18 8.62 39.38
C PRO B 108 -11.17 8.74 38.22
N GLU B 109 -10.67 8.63 37.00
CA GLU B 109 -11.54 8.68 35.84
C GLU B 109 -12.15 7.33 35.53
N LYS B 110 -11.57 6.27 36.10
CA LYS B 110 -12.17 4.92 36.07
C LYS B 110 -11.62 4.04 37.18
N ARG B 111 -12.40 3.05 37.58
CA ARG B 111 -11.92 2.00 38.49
C ARG B 111 -11.71 0.72 37.69
N LEU B 112 -10.46 0.26 37.64
CA LEU B 112 -10.11 -0.90 36.83
C LEU B 112 -9.82 -2.17 37.63
N PRO B 113 -10.34 -3.32 37.18
CA PRO B 113 -10.00 -4.59 37.83
C PRO B 113 -8.49 -4.73 37.81
N ILE B 114 -7.86 -4.78 38.98
CA ILE B 114 -6.41 -4.72 39.02
C ILE B 114 -5.77 -6.00 38.47
N THR B 115 -6.58 -7.05 38.30
CA THR B 115 -6.14 -8.30 37.71
C THR B 115 -5.88 -8.21 36.22
N GLY B 116 -6.44 -7.18 35.59
CA GLY B 116 -6.26 -6.95 34.16
C GLY B 116 -6.84 -8.04 33.29
N LEU B 117 -6.43 -8.04 32.01
CA LEU B 117 -6.86 -9.05 31.05
C LEU B 117 -5.73 -9.47 30.10
N PRO B 118 -5.77 -10.71 29.60
CA PRO B 118 -4.68 -10.99 28.65
C PRO B 118 -4.90 -10.22 27.33
N LEU B 119 -3.84 -9.65 26.76
CA LEU B 119 -3.92 -9.03 25.46
C LEU B 119 -4.22 -10.12 24.46
N ASN B 120 -5.04 -9.81 23.46
CA ASN B 120 -5.26 -10.73 22.39
C ASN B 120 -4.02 -10.77 21.51
N PRO B 121 -3.39 -11.96 21.32
CA PRO B 121 -2.13 -12.09 20.57
C PRO B 121 -2.20 -11.42 19.19
N VAL B 122 -3.39 -11.50 18.59
CA VAL B 122 -3.64 -10.95 17.28
C VAL B 122 -3.65 -9.41 17.27
N ALA B 123 -3.82 -8.83 18.45
CA ALA B 123 -3.87 -7.39 18.60
C ALA B 123 -2.51 -6.83 19.00
N ARG B 124 -1.49 -7.66 19.11
CA ARG B 124 -0.16 -7.16 19.48
C ARG B 124 0.61 -6.61 18.30
N ARG B 125 1.94 -6.53 18.38
CA ARG B 125 2.74 -5.75 17.44
C ARG B 125 4.19 -6.01 17.80
N LYS B 126 4.98 -6.55 16.89
CA LYS B 126 6.40 -6.73 17.18
C LYS B 126 6.99 -5.46 17.81
N PRO B 127 7.58 -5.58 19.02
CA PRO B 127 8.27 -4.45 19.64
C PRO B 127 9.49 -4.05 18.82
N GLU B 128 9.62 -2.75 18.54
CA GLU B 128 10.57 -2.27 17.52
C GLU B 128 11.48 -1.09 17.94
N GLN B 129 10.96 -0.16 18.73
CA GLN B 129 11.75 0.99 19.16
C GLN B 129 12.61 0.66 20.38
N PHE B 130 13.77 1.27 20.47
CA PHE B 130 14.62 1.05 21.62
C PHE B 130 14.36 2.09 22.71
N ILE B 131 14.86 1.80 23.92
CA ILE B 131 14.79 2.73 25.05
C ILE B 131 16.20 2.89 25.56
N GLN B 132 16.68 4.12 25.56
CA GLN B 132 18.03 4.37 25.96
C GLN B 132 18.11 4.34 27.50
N THR B 133 18.84 3.36 28.04
CA THR B 133 18.91 3.25 29.50
C THR B 133 20.02 4.11 30.06
N GLY B 134 21.01 4.40 29.23
CA GLY B 134 22.18 5.16 29.64
C GLY B 134 23.31 4.27 30.08
N ILE B 135 23.08 2.97 30.14
CA ILE B 135 24.13 2.02 30.43
C ILE B 135 24.51 1.36 29.12
N SER B 136 25.81 1.44 28.79
CA SER B 136 26.38 0.91 27.56
C SER B 136 26.13 -0.58 27.42
N THR B 137 26.41 -1.37 28.47
CA THR B 137 26.20 -2.81 28.39
C THR B 137 24.73 -3.13 28.11
N ILE B 138 23.80 -2.35 28.67
CA ILE B 138 22.43 -2.54 28.25
C ILE B 138 22.28 -1.99 26.84
N ASP B 139 22.40 -0.66 26.70
CA ASP B 139 22.02 0.04 25.48
C ASP B 139 22.63 -0.52 24.19
N VAL B 140 23.93 -0.75 24.21
CA VAL B 140 24.64 -1.17 23.00
C VAL B 140 24.53 -2.67 22.74
N MET B 141 24.65 -3.45 23.80
CA MET B 141 24.74 -4.89 23.66
C MET B 141 23.41 -5.63 23.84
N ASN B 142 22.60 -5.19 24.80
CA ASN B 142 21.42 -5.97 25.22
C ASN B 142 20.16 -5.14 25.17
N THR B 143 20.01 -4.39 24.09
CA THR B 143 19.11 -3.23 24.09
C THR B 143 17.75 -3.55 24.67
N LEU B 144 17.30 -2.72 25.60
CA LEU B 144 15.93 -2.77 26.04
C LEU B 144 15.18 -2.18 24.85
N VAL B 145 14.16 -2.89 24.36
CA VAL B 145 13.29 -2.32 23.34
C VAL B 145 11.88 -2.16 23.87
N ARG B 146 11.19 -1.12 23.42
CA ARG B 146 9.83 -0.81 23.92
C ARG B 146 8.83 -1.94 23.75
N GLY B 147 8.24 -2.39 24.84
CA GLY B 147 7.28 -3.50 24.78
C GLY B 147 7.83 -4.80 25.33
N GLN B 148 9.12 -4.80 25.68
CA GLN B 148 9.86 -5.96 26.16
C GLN B 148 9.74 -6.12 27.68
N LYS B 149 10.04 -7.31 28.15
CA LYS B 149 10.30 -7.54 29.57
C LYS B 149 11.68 -8.13 29.62
N LEU B 150 12.56 -7.44 30.33
CA LEU B 150 13.95 -7.79 30.35
C LEU B 150 14.37 -7.66 31.81
N PRO B 151 14.49 -8.76 32.52
CA PRO B 151 14.77 -8.49 33.92
C PRO B 151 16.25 -8.46 34.27
N ILE B 152 16.54 -7.83 35.41
CA ILE B 152 17.87 -7.86 36.02
C ILE B 152 17.97 -9.03 36.99
N PHE B 153 18.96 -9.89 36.77
CA PHE B 153 19.24 -10.99 37.66
C PHE B 153 20.37 -10.57 38.58
N SER B 154 20.08 -10.43 39.87
CA SER B 154 21.09 -9.91 40.81
C SER B 154 21.45 -10.92 41.90
N GLY B 155 21.93 -10.42 43.03
CA GLY B 155 22.20 -11.25 44.20
C GLY B 155 22.12 -10.44 45.49
N SER B 156 21.61 -11.09 46.55
CA SER B 156 21.72 -10.53 47.91
C SER B 156 23.15 -10.06 48.08
N GLY B 157 23.29 -8.80 48.48
CA GLY B 157 24.59 -8.14 48.53
C GLY B 157 24.69 -7.14 47.39
N LEU B 158 24.58 -7.66 46.17
CA LEU B 158 24.66 -6.88 44.92
C LEU B 158 23.70 -5.68 44.86
N PRO B 159 24.08 -4.64 44.09
CA PRO B 159 23.46 -3.32 44.10
C PRO B 159 22.41 -3.11 43.01
N ALA B 160 21.31 -3.86 43.10
CA ALA B 160 20.26 -3.76 42.10
C ALA B 160 19.49 -2.45 42.27
N ASN B 161 19.16 -2.14 43.50
CA ASN B 161 18.52 -0.87 43.83
C ASN B 161 19.12 0.31 43.08
N GLU B 162 20.44 0.45 43.19
CA GLU B 162 21.21 1.46 42.44
C GLU B 162 21.00 1.44 40.92
N ILE B 163 21.05 0.25 40.31
CA ILE B 163 20.80 0.11 38.87
C ILE B 163 19.34 0.48 38.58
N ALA B 164 18.45 -0.08 39.38
CA ALA B 164 17.02 0.21 39.29
C ALA B 164 16.78 1.70 39.31
N ALA B 165 17.26 2.34 40.37
CA ALA B 165 17.25 3.79 40.51
C ALA B 165 17.89 4.50 39.31
N GLN B 166 18.95 3.92 38.76
CA GLN B 166 19.71 4.59 37.69
C GLN B 166 18.99 4.57 36.36
N ILE B 167 18.54 3.39 35.96
CA ILE B 167 17.78 3.29 34.72
C ILE B 167 16.53 4.18 34.86
N ALA B 168 15.90 4.17 36.02
CA ALA B 168 14.78 5.05 36.29
C ALA B 168 15.08 6.53 36.02
N ARG B 169 16.23 7.01 36.49
CA ARG B 169 16.61 8.39 36.25
C ARG B 169 17.02 8.65 34.80
N GLN B 170 17.72 7.69 34.18
CA GLN B 170 18.37 7.90 32.89
C GLN B 170 17.50 7.61 31.68
N ALA B 171 16.66 6.60 31.79
CA ALA B 171 15.88 6.08 30.66
C ALA B 171 15.15 7.17 29.86
N THR B 172 15.09 6.99 28.56
CA THR B 172 14.40 7.94 27.68
C THR B 172 14.19 7.39 26.27
N VAL B 173 13.21 7.98 25.61
CA VAL B 173 12.83 7.62 24.27
C VAL B 173 13.61 8.53 23.34
N ARG B 174 14.01 8.03 22.18
CA ARG B 174 14.87 8.79 21.25
C ARG B 174 14.18 9.16 19.92
N PRO B 175 13.21 10.10 19.96
CA PRO B 175 12.40 10.50 18.81
C PRO B 175 13.24 11.08 17.70
N ASP B 176 14.26 11.86 18.05
CA ASP B 176 15.14 12.52 17.08
C ASP B 176 15.90 11.51 16.21
N LEU B 177 15.96 10.26 16.66
CA LEU B 177 16.61 9.21 15.91
C LEU B 177 15.62 8.43 15.06
N SER B 178 14.34 8.60 15.35
CA SER B 178 13.25 7.96 14.60
C SER B 178 12.35 8.97 13.87
N GLY B 179 12.76 10.24 13.88
CA GLY B 179 12.01 11.33 13.24
C GLY B 179 10.72 11.69 13.94
N GLU B 180 10.17 10.72 14.69
CA GLU B 180 8.88 10.80 15.39
C GLU B 180 8.56 12.14 16.05
N GLY B 181 7.32 12.60 15.85
CA GLY B 181 6.78 13.72 16.62
C GLY B 181 6.78 13.36 18.09
N GLU B 182 7.15 14.32 18.94
CA GLU B 182 7.33 14.06 20.36
C GLU B 182 6.02 14.14 21.15
N LYS B 183 4.94 14.58 20.50
CA LYS B 183 3.64 14.75 21.18
C LYS B 183 3.00 13.46 21.71
N GLU B 184 2.78 12.48 20.84
CA GLU B 184 2.21 11.19 21.26
C GLU B 184 3.28 10.32 21.96
N GLU B 185 4.22 10.97 22.64
CA GLU B 185 5.37 10.27 23.18
C GLU B 185 5.78 10.57 24.65
N PRO B 186 4.82 10.92 25.53
CA PRO B 186 5.26 11.12 26.91
C PRO B 186 5.86 9.83 27.51
N PHE B 187 6.93 9.96 28.28
CA PHE B 187 7.58 8.80 28.89
C PHE B 187 7.43 8.75 30.42
N ALA B 188 6.88 7.67 30.94
CA ALA B 188 6.65 7.59 32.38
C ALA B 188 7.26 6.32 32.99
N VAL B 189 7.62 6.39 34.27
CA VAL B 189 8.16 5.24 35.00
C VAL B 189 7.18 4.76 36.10
N VAL B 190 6.71 3.53 36.01
CA VAL B 190 5.98 2.95 37.11
C VAL B 190 6.86 2.06 38.00
N PHE B 191 7.21 2.59 39.17
CA PHE B 191 8.12 1.90 40.05
C PHE B 191 7.29 1.10 41.06
N ALA B 192 7.58 -0.20 41.16
CA ALA B 192 6.85 -1.09 42.06
C ALA B 192 7.86 -1.83 42.95
N ALA B 193 7.83 -1.52 44.24
CA ALA B 193 8.80 -2.08 45.12
C ALA B 193 8.08 -3.04 46.02
N MET B 194 8.59 -4.27 46.08
CA MET B 194 7.98 -5.33 46.86
C MET B 194 8.88 -5.77 48.00
N GLY B 195 8.37 -5.60 49.23
CA GLY B 195 9.04 -6.07 50.43
C GLY B 195 10.34 -5.35 50.72
N ILE B 196 10.37 -4.05 50.46
CA ILE B 196 11.57 -3.28 50.72
C ILE B 196 11.66 -2.85 52.19
N THR B 197 12.87 -2.56 52.63
CA THR B 197 13.06 -2.10 54.00
C THR B 197 13.03 -0.59 53.98
N GLN B 198 12.68 -0.01 55.12
CA GLN B 198 12.64 1.44 55.29
C GLN B 198 13.89 2.11 54.75
N ARG B 199 15.04 1.49 54.94
CA ARG B 199 16.33 2.00 54.48
C ARG B 199 16.38 2.14 52.96
N GLU B 200 15.81 1.16 52.26
CA GLU B 200 15.73 1.18 50.79
C GLU B 200 14.65 2.10 50.25
N LEU B 201 13.52 2.19 50.95
CA LEU B 201 12.44 3.10 50.61
C LEU B 201 12.97 4.55 50.63
N SER B 202 13.54 4.89 51.78
CA SER B 202 14.26 6.14 52.00
C SER B 202 15.09 6.46 50.77
N TYR B 203 15.88 5.47 50.33
CA TYR B 203 16.72 5.60 49.13
C TYR B 203 15.92 5.90 47.84
N PHE B 204 15.04 5.01 47.43
CA PHE B 204 14.26 5.22 46.21
C PHE B 204 13.53 6.54 46.19
N ILE B 205 12.95 6.94 47.31
CA ILE B 205 12.34 8.26 47.37
C ILE B 205 13.42 9.31 47.11
N GLN B 206 14.43 9.35 47.96
CA GLN B 206 15.54 10.29 47.77
C GLN B 206 15.93 10.37 46.28
N GLU B 207 16.10 9.21 45.65
CA GLU B 207 16.59 9.12 44.27
C GLU B 207 15.62 9.69 43.26
N PHE B 208 14.33 9.49 43.50
CA PHE B 208 13.29 9.99 42.61
C PHE B 208 13.11 11.50 42.74
N GLU B 209 13.53 12.07 43.87
CA GLU B 209 13.37 13.50 44.12
C GLU B 209 14.61 14.27 43.69
N ARG B 210 15.76 13.70 44.00
CA ARG B 210 17.05 14.36 43.84
C ARG B 210 17.21 15.11 42.51
N THR B 211 16.79 14.48 41.42
CA THR B 211 16.89 15.13 40.10
C THR B 211 15.54 15.18 39.37
N GLY B 212 14.46 15.15 40.17
CA GLY B 212 13.11 15.38 39.69
C GLY B 212 12.49 14.25 38.90
N ALA B 213 13.15 13.09 38.92
CA ALA B 213 12.64 11.88 38.26
C ALA B 213 11.24 11.57 38.75
N LEU B 214 10.92 12.06 39.95
CA LEU B 214 9.63 11.82 40.56
C LEU B 214 8.45 12.34 39.74
N SER B 215 8.63 13.49 39.09
CA SER B 215 7.52 14.19 38.44
C SER B 215 6.85 13.38 37.33
N ARG B 216 7.53 12.35 36.85
CA ARG B 216 7.03 11.53 35.73
C ARG B 216 6.90 10.04 36.10
N SER B 217 6.70 9.77 37.38
CA SER B 217 6.68 8.41 37.89
C SER B 217 5.44 8.23 38.74
N VAL B 218 5.10 6.97 39.01
CA VAL B 218 4.05 6.61 39.94
C VAL B 218 4.70 5.51 40.75
N LEU B 219 4.89 5.75 42.05
CA LEU B 219 5.58 4.75 42.89
C LEU B 219 4.59 3.87 43.65
N PHE B 220 4.80 2.57 43.58
CA PHE B 220 4.05 1.66 44.40
C PHE B 220 5.01 0.98 45.37
N LEU B 221 5.18 1.59 46.53
CA LEU B 221 6.15 1.14 47.50
C LEU B 221 5.52 0.18 48.49
N ASN B 222 6.13 -0.98 48.65
CA ASN B 222 5.65 -1.95 49.64
C ASN B 222 6.80 -2.42 50.52
N LYS B 223 6.57 -2.38 51.82
CA LYS B 223 7.62 -2.67 52.77
C LYS B 223 7.62 -4.14 53.18
N ALA B 224 8.75 -4.56 53.74
CA ALA B 224 8.87 -5.92 54.24
C ALA B 224 7.89 -6.18 55.37
N ASP B 225 7.57 -5.15 56.15
CA ASP B 225 6.76 -5.35 57.36
C ASP B 225 5.25 -5.20 57.11
N ASP B 226 4.89 -4.95 55.85
CA ASP B 226 3.48 -4.81 55.47
C ASP B 226 2.81 -6.16 55.40
N PRO B 227 1.47 -6.18 55.47
CA PRO B 227 0.77 -7.45 55.35
C PRO B 227 1.05 -8.02 53.97
N THR B 228 1.45 -9.28 53.93
CA THR B 228 2.02 -9.90 52.73
C THR B 228 1.12 -9.79 51.51
N ILE B 229 -0.17 -9.99 51.66
CA ILE B 229 -1.06 -9.84 50.50
C ILE B 229 -0.88 -8.51 49.75
N GLU B 230 -0.47 -7.45 50.43
CA GLU B 230 -0.16 -6.19 49.73
C GLU B 230 0.97 -6.38 48.70
N ARG B 231 1.83 -7.35 48.94
CA ARG B 231 2.96 -7.62 48.05
C ARG B 231 2.46 -8.26 46.76
N ILE B 232 1.47 -9.15 46.90
CA ILE B 232 0.86 -9.79 45.75
C ILE B 232 0.12 -8.77 44.91
N LEU B 233 -0.49 -7.78 45.55
CA LEU B 233 -1.25 -6.74 44.84
C LEU B 233 -0.40 -5.66 44.15
N THR B 234 0.79 -5.40 44.68
CA THR B 234 1.62 -4.30 44.17
C THR B 234 1.84 -4.35 42.67
N PRO B 235 2.41 -5.47 42.16
CA PRO B 235 2.71 -5.53 40.72
C PRO B 235 1.42 -5.34 39.89
N ARG B 236 0.29 -5.81 40.42
CA ARG B 236 -0.99 -5.68 39.74
C ARG B 236 -1.48 -4.21 39.68
N MET B 237 -1.26 -3.48 40.76
CA MET B 237 -1.63 -2.06 40.84
C MET B 237 -0.88 -1.34 39.77
N ALA B 238 0.44 -1.49 39.85
CA ALA B 238 1.42 -0.91 38.94
C ALA B 238 1.10 -1.17 37.47
N LEU B 239 0.81 -2.41 37.13
CA LEU B 239 0.59 -2.73 35.74
C LEU B 239 -0.76 -2.23 35.27
N THR B 240 -1.68 -2.12 36.22
CA THR B 240 -2.98 -1.53 35.94
C THR B 240 -2.79 -0.09 35.54
N VAL B 241 -2.02 0.66 36.34
CA VAL B 241 -1.80 2.07 36.04
C VAL B 241 -0.99 2.20 34.74
N ALA B 242 -0.12 1.22 34.50
CA ALA B 242 0.74 1.23 33.33
C ALA B 242 -0.01 0.93 32.05
N GLU B 243 -0.81 -0.13 32.03
CA GLU B 243 -1.67 -0.44 30.88
C GLU B 243 -2.57 0.73 30.56
N TYR B 244 -2.98 1.44 31.60
CA TYR B 244 -3.87 2.58 31.47
C TYR B 244 -3.20 3.78 30.78
N LEU B 245 -2.13 4.28 31.39
CA LEU B 245 -1.31 5.33 30.77
C LEU B 245 -0.82 4.92 29.38
N ALA B 246 -0.52 3.65 29.18
CA ALA B 246 0.01 3.26 27.89
C ALA B 246 -1.05 3.17 26.80
N PHE B 247 -2.08 2.38 27.04
CA PHE B 247 -3.04 2.01 25.98
C PHE B 247 -4.30 2.86 25.90
N GLU B 248 -4.33 3.93 26.67
CA GLU B 248 -5.41 4.90 26.54
C GLU B 248 -4.86 6.31 26.54
N HIS B 249 -3.58 6.45 26.85
CA HIS B 249 -2.96 7.77 26.92
C HIS B 249 -1.66 7.92 26.13
N ASP B 250 -1.30 6.89 25.37
CA ASP B 250 -0.15 6.92 24.49
C ASP B 250 1.17 7.17 25.22
N TYR B 251 1.19 6.91 26.53
CA TYR B 251 2.43 6.91 27.27
C TYR B 251 3.27 5.70 26.90
N HIS B 252 4.57 5.93 26.78
CA HIS B 252 5.56 4.87 26.89
C HIS B 252 5.91 4.74 28.36
N VAL B 253 5.58 3.57 28.92
CA VAL B 253 5.79 3.33 30.32
C VAL B 253 6.92 2.33 30.52
N LEU B 254 7.73 2.57 31.54
CA LEU B 254 8.74 1.62 31.91
C LEU B 254 8.41 1.22 33.33
N VAL B 255 8.14 -0.08 33.53
CA VAL B 255 7.78 -0.59 34.83
C VAL B 255 8.99 -1.32 35.35
N ILE B 256 9.38 -0.95 36.57
CA ILE B 256 10.47 -1.60 37.28
C ILE B 256 9.86 -2.26 38.51
N LEU B 257 10.13 -3.55 38.68
CA LEU B 257 9.53 -4.34 39.74
C LEU B 257 10.66 -4.92 40.56
N THR B 258 10.88 -4.34 41.73
CA THR B 258 11.94 -4.82 42.59
C THR B 258 11.28 -5.01 43.94
N ASP B 259 11.39 -6.18 44.55
CA ASP B 259 12.27 -7.26 44.14
C ASP B 259 11.43 -8.55 43.97
N MET B 260 11.48 -9.15 42.78
CA MET B 260 10.56 -10.24 42.49
C MET B 260 10.73 -11.43 43.42
N THR B 261 11.93 -11.64 43.94
CA THR B 261 12.13 -12.72 44.89
C THR B 261 11.21 -12.52 46.09
N ASN B 262 11.15 -11.28 46.59
CA ASN B 262 10.22 -10.93 47.68
C ASN B 262 8.79 -11.20 47.20
N TYR B 263 8.53 -10.98 45.91
CA TYR B 263 7.17 -11.28 45.44
C TYR B 263 6.87 -12.78 45.57
N SER B 264 7.80 -13.59 45.06
CA SER B 264 7.54 -15.03 44.97
C SER B 264 7.51 -15.57 46.41
N GLU B 265 8.42 -15.08 47.25
CA GLU B 265 8.44 -15.43 48.67
C GLU B 265 7.11 -15.16 49.39
N ALA B 266 6.44 -14.07 49.00
CA ALA B 266 5.09 -13.74 49.44
C ALA B 266 4.04 -14.62 48.79
N LEU B 267 4.22 -14.98 47.52
CA LEU B 267 3.22 -15.80 46.84
C LEU B 267 3.04 -17.14 47.55
N ARG B 268 4.16 -17.76 47.93
CA ARG B 268 4.13 -19.10 48.52
C ARG B 268 3.51 -19.02 49.90
N GLU B 269 4.06 -18.08 50.70
CA GLU B 269 3.59 -17.78 52.03
C GLU B 269 2.05 -17.76 52.06
N ILE B 270 1.47 -16.94 51.20
CA ILE B 270 0.02 -16.89 51.04
C ILE B 270 -0.56 -18.26 50.70
N GLY B 271 0.33 -19.25 50.52
CA GLY B 271 -0.05 -20.63 50.20
C GLY B 271 0.30 -21.62 51.28
N ALA B 272 1.38 -21.36 52.01
CA ALA B 272 1.68 -22.10 53.24
C ALA B 272 0.54 -21.82 54.24
N ALA B 273 -0.11 -20.67 54.03
CA ALA B 273 -1.18 -20.20 54.88
C ALA B 273 -2.57 -20.37 54.24
N ARG B 274 -2.64 -21.13 53.16
CA ARG B 274 -3.91 -21.41 52.51
C ARG B 274 -3.96 -22.91 52.30
N GLU B 275 -2.93 -23.59 52.82
CA GLU B 275 -2.86 -25.06 52.87
C GLU B 275 -1.96 -25.71 51.82
N GLU B 276 -1.72 -24.98 50.72
CA GLU B 276 -1.29 -25.56 49.44
C GLU B 276 0.06 -26.31 49.48
N ILE B 277 0.07 -27.51 48.89
CA ILE B 277 1.28 -28.33 48.77
C ILE B 277 2.27 -27.74 47.75
N PRO B 278 3.49 -27.45 48.22
CA PRO B 278 4.48 -26.73 47.41
C PRO B 278 5.02 -27.50 46.21
N GLY B 279 5.36 -26.77 45.15
CA GLY B 279 5.98 -27.35 43.97
C GLY B 279 7.50 -27.35 44.05
N ARG B 280 8.15 -27.38 42.89
CA ARG B 280 9.60 -27.56 42.82
C ARG B 280 10.28 -26.62 43.79
N ARG B 281 11.41 -27.09 44.31
CA ARG B 281 12.17 -26.42 45.37
C ARG B 281 11.30 -25.62 46.35
N GLY B 282 10.06 -26.08 46.51
CA GLY B 282 9.16 -25.60 47.54
C GLY B 282 8.56 -24.22 47.41
N TYR B 283 8.13 -23.84 46.18
CA TYR B 283 7.18 -22.72 45.96
C TYR B 283 5.87 -23.22 45.28
N PRO B 284 4.84 -22.35 45.17
CA PRO B 284 3.53 -22.77 44.63
C PRO B 284 3.56 -23.39 43.21
N GLY B 285 2.91 -24.53 43.07
CA GLY B 285 2.76 -25.22 41.80
C GLY B 285 2.41 -24.39 40.56
N TYR B 286 1.66 -23.29 40.75
CA TYR B 286 1.22 -22.44 39.65
C TYR B 286 2.04 -21.18 39.63
N MET B 287 3.28 -21.26 40.11
CA MET B 287 4.09 -20.05 40.14
C MET B 287 4.42 -19.57 38.72
N TYR B 288 4.56 -20.52 37.79
CA TYR B 288 4.78 -20.15 36.41
C TYR B 288 3.61 -19.32 35.85
N THR B 289 2.37 -19.80 36.03
CA THR B 289 1.20 -19.10 35.57
C THR B 289 1.02 -17.75 36.25
N ASP B 290 1.20 -17.72 37.56
CA ASP B 290 1.04 -16.49 38.30
C ASP B 290 1.97 -15.44 37.73
N LEU B 291 3.28 -15.71 37.75
CA LEU B 291 4.27 -14.78 37.15
C LEU B 291 3.88 -14.43 35.72
N ALA B 292 3.44 -15.42 34.94
CA ALA B 292 3.00 -15.12 33.58
C ALA B 292 1.96 -13.98 33.57
N THR B 293 0.99 -14.07 34.47
CA THR B 293 -0.05 -13.05 34.52
C THR B 293 0.50 -11.71 34.92
N ILE B 294 1.75 -11.70 35.40
CA ILE B 294 2.40 -10.39 35.67
C ILE B 294 3.24 -9.88 34.50
N TYR B 295 4.19 -10.69 34.09
CA TYR B 295 5.18 -10.28 33.11
C TYR B 295 4.54 -10.05 31.77
N GLU B 296 3.58 -10.90 31.45
CA GLU B 296 2.87 -10.82 30.16
C GLU B 296 2.06 -9.55 29.94
N ARG B 297 1.86 -8.76 30.99
CA ARG B 297 1.13 -7.50 30.86
C ARG B 297 2.12 -6.43 30.40
N ALA B 298 2.70 -6.63 29.24
CA ALA B 298 3.65 -5.70 28.68
C ALA B 298 3.58 -5.87 27.21
N GLY B 299 3.96 -4.83 26.48
CA GLY B 299 4.01 -4.95 25.04
C GLY B 299 3.53 -3.74 24.31
N VAL B 300 3.34 -3.92 23.00
CA VAL B 300 2.90 -2.86 22.13
C VAL B 300 1.80 -3.45 21.25
N VAL B 301 0.89 -2.60 20.81
CA VAL B 301 -0.38 -3.00 20.19
C VAL B 301 -0.63 -2.21 18.91
N GLU B 302 -1.22 -2.86 17.89
CA GLU B 302 -1.52 -2.17 16.63
C GLU B 302 -2.53 -1.06 16.84
N GLY B 303 -2.26 0.09 16.25
CA GLY B 303 -3.16 1.21 16.35
C GLY B 303 -2.98 2.04 17.60
N LYS B 304 -1.91 1.78 18.35
CA LYS B 304 -1.63 2.54 19.56
C LYS B 304 -0.19 3.03 19.56
N LYS B 305 -0.01 4.31 19.85
CA LYS B 305 1.32 4.92 19.84
C LYS B 305 2.13 4.57 21.08
N GLY B 306 1.44 4.11 22.14
CA GLY B 306 2.07 3.90 23.45
C GLY B 306 2.59 2.50 23.69
N SER B 307 3.14 2.26 24.90
CA SER B 307 3.80 0.99 25.22
C SER B 307 3.99 0.71 26.73
N VAL B 308 4.14 -0.57 27.06
CA VAL B 308 4.45 -0.98 28.44
C VAL B 308 5.70 -1.87 28.41
N THR B 309 6.71 -1.48 29.16
CA THR B 309 7.98 -2.19 29.15
C THR B 309 8.31 -2.56 30.59
N GLN B 310 8.72 -3.81 30.84
CA GLN B 310 8.97 -4.21 32.22
C GLN B 310 10.43 -4.49 32.48
N ILE B 311 10.90 -4.04 33.63
CA ILE B 311 12.18 -4.56 34.11
C ILE B 311 11.93 -5.12 35.50
N PRO B 312 11.57 -6.40 35.58
CA PRO B 312 11.58 -7.05 36.90
C PRO B 312 13.01 -7.19 37.37
N ILE B 313 13.18 -7.37 38.68
CA ILE B 313 14.52 -7.39 39.27
C ILE B 313 14.43 -8.43 40.37
N LEU B 314 15.41 -9.33 40.41
CA LEU B 314 15.29 -10.48 41.31
C LEU B 314 16.63 -10.99 41.80
N SER B 315 16.76 -11.11 43.12
CA SER B 315 17.98 -11.66 43.72
C SER B 315 17.83 -13.16 43.76
N MET B 316 18.70 -13.85 43.02
CA MET B 316 18.70 -15.30 43.01
C MET B 316 19.16 -15.78 44.40
N PRO B 317 18.43 -16.73 45.02
CA PRO B 317 18.78 -17.21 46.38
C PRO B 317 20.24 -17.58 46.68
N ASP B 318 20.90 -18.35 45.82
CA ASP B 318 22.34 -18.60 46.02
C ASP B 318 23.09 -18.49 44.72
N ASP B 319 22.83 -17.40 43.97
CA ASP B 319 23.36 -17.24 42.59
C ASP B 319 22.98 -18.44 41.70
N ASP B 320 21.88 -19.10 42.04
CA ASP B 320 21.46 -20.32 41.39
C ASP B 320 20.42 -20.00 40.31
N ARG B 321 20.91 -19.78 39.10
CA ARG B 321 20.04 -19.45 37.98
C ARG B 321 19.00 -20.55 37.72
N THR B 322 19.19 -21.71 38.36
CA THR B 322 18.27 -22.83 38.21
C THR B 322 17.19 -22.84 39.30
N HIS B 323 17.23 -21.87 40.20
CA HIS B 323 16.20 -21.77 41.21
C HIS B 323 14.83 -21.45 40.57
N PRO B 324 13.73 -22.00 41.12
CA PRO B 324 12.41 -21.73 40.54
C PRO B 324 12.16 -20.27 40.18
N ILE B 325 12.55 -19.34 41.05
CA ILE B 325 12.26 -17.93 40.85
C ILE B 325 12.85 -17.43 39.55
N PRO B 326 14.20 -17.51 39.39
CA PRO B 326 14.81 -17.06 38.13
C PRO B 326 14.56 -17.98 36.94
N ASP B 327 14.35 -19.26 37.22
CA ASP B 327 14.20 -20.25 36.17
C ASP B 327 12.89 -20.02 35.46
N LEU B 328 11.82 -19.83 36.25
CA LEU B 328 10.50 -19.58 35.71
C LEU B 328 10.45 -18.18 35.09
N THR B 329 10.92 -17.16 35.80
CA THR B 329 11.00 -15.83 35.21
C THR B 329 11.72 -15.91 33.83
N GLY B 330 12.79 -16.72 33.78
CA GLY B 330 13.52 -16.99 32.53
C GLY B 330 12.70 -17.53 31.37
N TYR B 331 11.81 -18.49 31.63
CA TYR B 331 10.95 -19.03 30.59
C TYR B 331 9.84 -18.05 30.14
N ILE B 332 9.64 -16.97 30.89
CA ILE B 332 8.57 -16.09 30.54
C ILE B 332 9.09 -14.81 29.94
N THR B 333 10.14 -14.23 30.53
CA THR B 333 10.66 -12.97 30.06
C THR B 333 11.59 -13.14 28.86
N GLU B 334 11.96 -12.01 28.24
CA GLU B 334 12.70 -12.00 27.00
C GLU B 334 14.22 -11.76 27.14
N GLY B 335 14.85 -12.58 27.96
CA GLY B 335 16.30 -12.50 28.14
C GLY B 335 16.57 -12.11 29.55
N GLN B 336 17.67 -11.41 29.78
CA GLN B 336 17.99 -10.90 31.12
C GLN B 336 19.33 -10.19 31.14
N ILE B 337 19.49 -9.37 32.18
CA ILE B 337 20.77 -8.78 32.50
C ILE B 337 21.23 -9.42 33.81
N GLN B 338 22.49 -9.84 33.87
CA GLN B 338 22.98 -10.54 35.05
C GLN B 338 24.10 -9.79 35.73
N LEU B 339 24.03 -9.76 37.05
CA LEU B 339 24.98 -9.04 37.85
C LEU B 339 26.04 -9.98 38.38
N SER B 340 27.22 -9.87 37.78
CA SER B 340 28.40 -10.65 38.12
C SER B 340 29.02 -10.15 39.43
N ARG B 341 29.02 -11.01 40.44
CA ARG B 341 29.83 -10.83 41.65
C ARG B 341 31.29 -10.62 41.26
N GLU B 342 31.70 -11.25 40.16
CA GLU B 342 33.05 -11.13 39.61
C GLU B 342 33.45 -9.69 39.32
N LEU B 343 32.52 -8.91 38.77
CA LEU B 343 32.78 -7.53 38.43
C LEU B 343 32.62 -6.65 39.66
N HIS B 344 32.01 -7.20 40.70
CA HIS B 344 31.78 -6.44 41.91
C HIS B 344 33.07 -6.21 42.71
N ARG B 345 33.93 -7.22 42.81
CA ARG B 345 35.18 -7.05 43.56
C ARG B 345 36.15 -6.14 42.82
N LYS B 346 36.44 -6.46 41.56
CA LYS B 346 37.28 -5.61 40.70
C LYS B 346 36.84 -4.14 40.72
N GLY B 347 35.88 -3.82 41.58
CA GLY B 347 35.44 -2.46 41.83
C GLY B 347 34.51 -1.89 40.78
N ILE B 348 34.06 -2.74 39.85
CA ILE B 348 33.22 -2.28 38.74
C ILE B 348 31.73 -2.13 39.10
N TYR B 349 31.15 -1.05 38.58
CA TYR B 349 29.72 -0.75 38.66
C TYR B 349 29.27 -0.07 37.36
N PRO B 350 28.08 -0.40 36.83
CA PRO B 350 27.12 -1.43 37.24
C PRO B 350 27.61 -2.78 36.75
N PRO B 351 27.82 -3.71 37.70
CA PRO B 351 28.40 -5.02 37.47
C PRO B 351 27.59 -5.89 36.50
N ILE B 352 27.62 -5.56 35.21
CA ILE B 352 26.83 -6.29 34.21
C ILE B 352 27.77 -6.93 33.23
N ASP B 353 27.94 -8.24 33.30
CA ASP B 353 28.81 -8.86 32.29
C ASP B 353 27.99 -9.39 31.11
N PRO B 354 28.33 -8.95 29.89
CA PRO B 354 27.53 -9.14 28.67
C PRO B 354 27.32 -10.56 28.15
N LEU B 355 28.20 -11.50 28.50
CA LEU B 355 28.16 -12.87 27.92
C LEU B 355 27.03 -13.78 28.43
N PRO B 356 26.73 -13.72 29.75
CA PRO B 356 25.52 -14.40 30.29
C PRO B 356 24.27 -13.54 30.12
N SER B 357 24.46 -12.27 29.80
CA SER B 357 23.33 -11.38 29.48
C SER B 357 22.86 -11.60 28.05
N LEU B 358 21.62 -11.22 27.79
CA LEU B 358 20.93 -11.43 26.52
C LEU B 358 19.62 -10.68 26.56
N SER B 359 19.30 -10.07 25.43
CA SER B 359 18.08 -9.33 25.21
C SER B 359 17.57 -9.84 23.88
N ARG B 360 16.57 -10.69 23.97
CA ARG B 360 16.07 -11.45 22.82
C ARG B 360 15.30 -10.65 21.78
N LEU B 361 14.90 -9.43 22.12
CA LEU B 361 14.10 -8.61 21.21
C LEU B 361 14.95 -7.49 20.61
N MET B 362 16.24 -7.54 20.91
CA MET B 362 17.20 -6.50 20.54
C MET B 362 17.29 -6.23 19.03
N ASN B 363 17.53 -7.31 18.26
CA ASN B 363 17.83 -7.19 16.83
C ASN B 363 16.74 -6.46 16.05
N ASN B 364 15.62 -6.19 16.71
CA ASN B 364 14.48 -5.53 16.08
C ASN B 364 14.19 -4.16 16.67
N GLY B 365 15.18 -3.62 17.37
CA GLY B 365 15.03 -2.32 18.03
C GLY B 365 16.13 -1.34 17.70
N VAL B 366 17.25 -1.89 17.23
CA VAL B 366 18.41 -1.12 16.78
C VAL B 366 18.28 -0.74 15.29
N GLY B 367 19.30 -0.05 14.77
CA GLY B 367 19.45 0.15 13.32
C GLY B 367 18.96 1.45 12.73
N LYS B 368 19.11 1.57 11.42
CA LYS B 368 18.69 2.77 10.69
C LYS B 368 17.30 3.23 11.11
N GLY B 369 17.19 4.49 11.52
CA GLY B 369 15.93 5.08 11.94
C GLY B 369 15.58 4.87 13.41
N LYS B 370 16.29 3.95 14.07
CA LYS B 370 16.02 3.64 15.46
C LYS B 370 17.17 4.07 16.35
N THR B 371 18.39 3.77 15.91
CA THR B 371 19.59 4.22 16.58
C THR B 371 20.55 4.75 15.51
N ARG B 372 21.79 4.23 15.49
CA ARG B 372 22.72 4.48 14.40
C ARG B 372 22.86 3.17 13.65
N GLU B 373 23.20 3.24 12.37
CA GLU B 373 23.10 2.08 11.48
C GLU B 373 24.29 1.08 11.53
N ASP B 374 25.30 1.40 12.33
CA ASP B 374 26.42 0.48 12.58
C ASP B 374 26.08 -0.40 13.77
N HIS B 375 25.09 0.04 14.55
CA HIS B 375 24.72 -0.51 15.85
C HIS B 375 24.73 -2.05 15.96
N LYS B 376 23.81 -2.68 15.24
CA LYS B 376 23.60 -4.13 15.25
C LYS B 376 24.91 -4.89 15.12
N GLN B 377 25.64 -4.59 14.03
CA GLN B 377 26.92 -5.22 13.73
C GLN B 377 27.96 -4.92 14.79
N VAL B 378 28.01 -3.67 15.22
CA VAL B 378 29.02 -3.24 16.17
C VAL B 378 28.83 -4.02 17.46
N SER B 379 27.58 -4.16 17.87
CA SER B 379 27.18 -4.93 19.07
C SER B 379 27.62 -6.39 19.00
N ASP B 380 27.36 -7.02 17.85
CA ASP B 380 27.79 -8.38 17.60
C ASP B 380 29.32 -8.49 17.66
N GLN B 381 30.02 -7.59 16.97
CA GLN B 381 31.48 -7.59 17.04
C GLN B 381 31.90 -7.52 18.50
N LEU B 382 31.41 -6.50 19.20
CA LEU B 382 31.74 -6.27 20.61
C LEU B 382 31.54 -7.51 21.45
N TYR B 383 30.44 -8.23 21.20
CA TYR B 383 30.26 -9.55 21.78
C TYR B 383 31.42 -10.40 21.30
N SER B 384 31.27 -10.97 20.11
CA SER B 384 32.32 -11.76 19.45
C SER B 384 33.71 -11.50 20.03
N ALA B 385 34.15 -10.24 20.02
CA ALA B 385 35.50 -9.88 20.43
C ALA B 385 35.76 -9.98 21.94
N TYR B 386 34.72 -10.23 22.72
CA TYR B 386 34.86 -10.38 24.17
C TYR B 386 34.83 -11.87 24.50
N ALA B 387 33.90 -12.58 23.85
CA ALA B 387 33.84 -14.02 23.86
C ALA B 387 35.16 -14.58 23.40
N ASN B 388 35.65 -14.03 22.28
CA ASN B 388 36.97 -14.39 21.74
C ASN B 388 38.09 -13.98 22.69
N GLY B 389 37.92 -12.85 23.38
CA GLY B 389 38.88 -12.38 24.36
C GLY B 389 38.83 -13.12 25.69
N VAL B 390 37.64 -13.55 26.09
CA VAL B 390 37.46 -14.30 27.35
C VAL B 390 38.01 -15.73 27.25
N ASP B 391 37.82 -16.37 26.10
CA ASP B 391 38.26 -17.74 25.87
C ASP B 391 39.78 -17.88 25.81
N ILE B 392 40.46 -16.77 25.57
CA ILE B 392 41.93 -16.73 25.65
C ILE B 392 42.38 -16.64 27.11
N ARG B 393 41.63 -15.90 27.92
CA ARG B 393 41.88 -15.80 29.35
C ARG B 393 41.88 -17.18 30.01
N LYS B 394 40.94 -18.02 29.60
CA LYS B 394 40.85 -19.39 30.08
C LYS B 394 42.04 -20.23 29.61
N LEU B 395 42.51 -19.95 28.40
CA LEU B 395 43.66 -20.66 27.82
C LEU B 395 44.95 -20.44 28.60
N VAL B 396 45.17 -19.20 29.04
CA VAL B 396 46.39 -18.80 29.73
C VAL B 396 46.09 -18.41 31.18
N ALA B 397 45.40 -19.28 31.91
CA ALA B 397 44.86 -18.92 33.22
C ALA B 397 45.69 -19.34 34.44
N ILE B 398 45.44 -20.53 34.97
CA ILE B 398 45.90 -20.88 36.32
C ILE B 398 47.37 -21.35 36.42
N ILE B 399 47.85 -22.09 35.44
CA ILE B 399 49.17 -22.75 35.56
C ILE B 399 50.40 -21.90 35.16
N GLY B 400 50.37 -21.31 33.97
CA GLY B 400 51.54 -20.57 33.47
C GLY B 400 51.23 -19.40 32.55
N GLU B 401 51.64 -18.20 32.97
CA GLU B 401 51.40 -16.97 32.21
C GLU B 401 52.36 -16.80 31.03
N ASP B 402 51.89 -16.12 30.00
CA ASP B 402 52.67 -15.79 28.78
C ASP B 402 52.69 -16.88 27.71
N ALA B 403 51.68 -17.74 27.72
CA ALA B 403 51.52 -18.76 26.70
C ALA B 403 50.67 -18.20 25.56
N LEU B 404 51.15 -17.11 24.93
CA LEU B 404 50.34 -16.38 23.96
C LEU B 404 51.11 -15.75 22.81
N THR B 405 50.44 -15.67 21.67
CA THR B 405 51.01 -15.11 20.44
C THR B 405 50.99 -13.57 20.44
N GLU B 406 51.13 -12.96 19.28
CA GLU B 406 51.02 -11.51 19.14
C GLU B 406 49.56 -11.05 19.13
N ASN B 407 48.79 -11.56 18.18
CA ASN B 407 47.42 -11.13 17.96
C ASN B 407 46.49 -11.37 19.16
N ASP B 408 46.53 -12.59 19.68
CA ASP B 408 45.74 -12.98 20.85
C ASP B 408 46.17 -12.22 22.10
N ARG B 409 47.33 -11.57 22.03
CA ARG B 409 47.77 -10.64 23.07
C ARG B 409 46.89 -9.41 23.02
N ARG B 410 46.43 -9.07 21.82
CA ARG B 410 45.68 -7.83 21.56
C ARG B 410 44.16 -7.94 21.70
N TYR B 411 43.62 -9.15 21.45
CA TYR B 411 42.24 -9.49 21.83
C TYR B 411 42.17 -9.55 23.37
N LEU B 412 43.34 -9.59 24.01
CA LEU B 412 43.43 -9.71 25.46
C LEU B 412 43.27 -8.36 26.16
N GLN B 413 44.04 -7.36 25.71
CA GLN B 413 43.97 -5.99 26.23
C GLN B 413 42.68 -5.28 25.81
N PHE B 414 41.89 -5.92 24.96
CA PHE B 414 40.56 -5.46 24.54
C PHE B 414 39.50 -5.93 25.54
N ALA B 415 39.87 -6.90 26.37
CA ALA B 415 38.98 -7.36 27.45
C ALA B 415 39.20 -6.56 28.72
N ASP B 416 40.46 -6.23 29.01
CA ASP B 416 40.79 -5.45 30.20
C ASP B 416 40.11 -4.09 30.16
N ALA B 417 40.26 -3.41 29.02
CA ALA B 417 39.75 -2.04 28.86
C ALA B 417 38.26 -1.96 28.51
N PHE B 418 37.72 -3.02 27.93
CA PHE B 418 36.28 -3.15 27.76
C PHE B 418 35.56 -3.16 29.11
N GLU B 419 36.24 -3.65 30.16
CA GLU B 419 35.72 -3.54 31.52
C GLU B 419 35.89 -2.12 32.01
N ARG B 420 37.14 -1.70 32.16
CA ARG B 420 37.50 -0.39 32.70
C ARG B 420 36.72 0.77 32.06
N PHE B 421 36.43 0.66 30.76
CA PHE B 421 35.83 1.78 30.02
C PHE B 421 34.38 1.58 29.64
N PHE B 422 34.10 0.46 28.98
CA PHE B 422 32.72 0.12 28.59
C PHE B 422 31.85 -0.24 29.79
N ILE B 423 32.10 -1.41 30.37
CA ILE B 423 31.32 -1.94 31.50
C ILE B 423 31.32 -1.04 32.72
N ASN B 424 32.45 -0.42 33.00
CA ASN B 424 32.62 0.34 34.24
C ASN B 424 32.40 1.84 34.04
N GLN B 425 31.13 2.26 34.07
CA GLN B 425 30.79 3.66 33.80
C GLN B 425 30.28 4.41 35.04
N GLY B 426 30.18 3.72 36.17
CA GLY B 426 29.66 4.33 37.38
C GLY B 426 28.29 4.93 37.19
N GLN B 427 28.19 6.25 37.29
CA GLN B 427 26.90 6.96 37.22
C GLN B 427 26.82 7.91 36.03
N GLN B 428 27.66 7.67 35.02
CA GLN B 428 27.56 8.39 33.77
C GLN B 428 26.27 8.01 33.06
N ASN B 429 25.54 9.00 32.59
CA ASN B 429 24.47 8.78 31.63
C ASN B 429 25.00 8.84 30.21
N ARG B 430 25.26 7.68 29.61
CA ARG B 430 25.80 7.62 28.24
C ARG B 430 24.72 7.45 27.18
N SER B 431 24.58 8.46 26.32
CA SER B 431 23.74 8.34 25.11
C SER B 431 24.24 7.23 24.19
N ILE B 432 23.33 6.64 23.42
CA ILE B 432 23.65 5.57 22.48
C ILE B 432 24.84 5.93 21.56
N GLU B 433 24.96 7.21 21.19
CA GLU B 433 26.06 7.67 20.37
C GLU B 433 27.37 7.55 21.13
N GLU B 434 27.42 8.10 22.34
CA GLU B 434 28.63 8.02 23.19
C GLU B 434 29.01 6.58 23.49
N SER B 435 28.00 5.74 23.63
CA SER B 435 28.19 4.32 23.81
C SER B 435 28.83 3.72 22.57
N LEU B 436 28.39 4.18 21.40
CA LEU B 436 28.90 3.66 20.12
C LEU B 436 30.26 4.27 19.76
N GLN B 437 30.56 5.42 20.35
CA GLN B 437 31.83 6.08 20.16
C GLN B 437 32.92 5.33 20.96
N ILE B 438 32.63 5.04 22.22
CA ILE B 438 33.52 4.26 23.08
C ILE B 438 33.67 2.87 22.49
N ALA B 439 32.56 2.33 21.99
CA ALA B 439 32.55 1.01 21.40
C ALA B 439 33.55 0.99 20.25
N TRP B 440 33.51 2.05 19.45
CA TRP B 440 34.36 2.16 18.28
C TRP B 440 35.83 2.40 18.56
N ALA B 441 36.13 3.14 19.63
CA ALA B 441 37.52 3.33 20.07
C ALA B 441 38.01 2.13 20.88
N LEU B 442 37.10 1.29 21.32
CA LEU B 442 37.49 0.02 21.89
C LEU B 442 37.80 -0.98 20.78
N LEU B 443 36.93 -1.04 19.76
CA LEU B 443 37.14 -1.92 18.61
C LEU B 443 38.49 -1.66 17.93
N SER B 444 38.73 -0.40 17.57
CA SER B 444 39.87 -0.04 16.73
C SER B 444 41.23 -0.40 17.32
N MET B 445 41.21 -1.03 18.51
CA MET B 445 42.39 -1.66 19.08
C MET B 445 42.78 -2.86 18.22
N LEU B 446 41.76 -3.57 17.73
CA LEU B 446 41.97 -4.67 16.79
C LEU B 446 42.22 -4.09 15.40
N PRO B 447 42.88 -4.86 14.53
CA PRO B 447 43.05 -4.47 13.13
C PRO B 447 41.75 -4.61 12.35
N GLN B 448 41.67 -3.94 11.19
CA GLN B 448 40.43 -3.87 10.40
C GLN B 448 39.84 -5.22 10.00
N GLY B 449 40.66 -6.09 9.43
CA GLY B 449 40.23 -7.39 8.92
C GLY B 449 39.69 -8.36 9.96
N GLU B 450 39.77 -7.98 11.23
CA GLU B 450 39.29 -8.83 12.33
C GLU B 450 37.85 -8.51 12.75
N LEU B 451 37.41 -7.29 12.43
CA LEU B 451 36.02 -6.89 12.59
C LEU B 451 35.19 -7.57 11.49
N LYS B 452 34.85 -8.83 11.71
CA LYS B 452 34.26 -9.64 10.65
C LYS B 452 32.73 -9.57 10.58
N ARG B 453 32.11 -9.17 11.69
CA ARG B 453 30.66 -9.09 11.78
C ARG B 453 30.15 -7.71 11.35
N ILE B 454 31.04 -6.93 10.73
CA ILE B 454 30.73 -5.55 10.33
C ILE B 454 30.99 -5.34 8.84
N SER B 455 30.00 -4.75 8.17
CA SER B 455 30.11 -4.42 6.75
C SER B 455 31.30 -3.48 6.49
N LYS B 456 32.16 -3.84 5.53
CA LYS B 456 33.45 -3.18 5.30
C LYS B 456 33.46 -1.66 5.43
N ASP B 457 32.44 -1.00 4.87
CA ASP B 457 32.36 0.45 4.90
C ASP B 457 32.17 1.05 6.30
N HIS B 458 31.21 0.54 7.09
CA HIS B 458 30.94 1.04 8.45
C HIS B 458 32.25 1.27 9.18
N ILE B 459 33.10 0.25 9.15
CA ILE B 459 34.47 0.32 9.64
C ILE B 459 35.10 1.68 9.35
N GLY B 460 35.36 1.95 8.06
CA GLY B 460 36.01 3.18 7.60
C GLY B 460 35.42 4.50 8.11
N LYS B 461 34.15 4.46 8.46
CA LYS B 461 33.45 5.61 9.04
C LYS B 461 33.91 5.93 10.46
N TYR B 462 33.81 4.93 11.33
CA TYR B 462 33.87 5.14 12.77
C TYR B 462 35.15 4.58 13.39
N TYR B 463 36.00 4.05 12.53
CA TYR B 463 37.22 3.40 12.94
C TYR B 463 38.35 4.42 12.77
N GLY B 464 38.22 5.25 11.72
CA GLY B 464 39.14 6.32 11.44
C GLY B 464 38.41 7.62 11.11
N MET C 1 -37.18 17.67 -0.17
CA MET C 1 -38.01 17.20 -1.31
C MET C 1 -39.24 18.11 -1.47
N ILE C 2 -39.27 18.88 -2.56
CA ILE C 2 -40.41 19.77 -2.84
C ILE C 2 -40.88 19.64 -4.31
N GLN C 3 -42.19 19.73 -4.53
CA GLN C 3 -42.82 19.26 -5.78
C GLN C 3 -43.49 20.35 -6.63
N GLY C 4 -42.71 20.95 -7.54
CA GLY C 4 -43.22 21.97 -8.44
C GLY C 4 -43.30 21.53 -9.90
N VAL C 5 -43.55 22.51 -10.78
CA VAL C 5 -43.65 22.26 -12.22
C VAL C 5 -42.94 23.34 -12.98
N ILE C 6 -42.73 23.14 -14.27
CA ILE C 6 -41.96 24.11 -15.07
C ILE C 6 -42.85 25.25 -15.52
N GLN C 7 -42.52 26.46 -15.11
CA GLN C 7 -43.29 27.61 -15.58
C GLN C 7 -42.69 28.25 -16.84
N LYS C 8 -41.37 28.09 -17.04
CA LYS C 8 -40.65 28.71 -18.18
C LYS C 8 -39.37 27.95 -18.54
N ILE C 9 -39.01 27.97 -19.82
CA ILE C 9 -37.78 27.32 -20.26
C ILE C 9 -37.11 28.23 -21.24
N ALA C 10 -35.87 28.60 -20.93
CA ALA C 10 -35.03 29.39 -21.83
C ALA C 10 -33.60 28.87 -21.74
N GLY C 11 -33.25 28.06 -22.72
CA GLY C 11 -31.96 27.43 -22.74
C GLY C 11 -31.87 26.53 -21.53
N PRO C 12 -30.69 26.51 -20.91
CA PRO C 12 -30.44 25.64 -19.77
C PRO C 12 -31.12 26.21 -18.53
N ALA C 13 -31.81 27.33 -18.66
CA ALA C 13 -32.45 28.01 -17.52
C ALA C 13 -33.93 27.65 -17.40
N VAL C 14 -34.37 27.30 -16.21
CA VAL C 14 -35.74 26.90 -16.03
C VAL C 14 -36.33 27.58 -14.80
N ILE C 15 -37.59 27.98 -14.88
CA ILE C 15 -38.28 28.52 -13.72
C ILE C 15 -39.33 27.51 -13.27
N ALA C 16 -39.18 27.01 -12.06
CA ALA C 16 -40.15 26.08 -11.49
C ALA C 16 -41.12 26.84 -10.59
N LYS C 17 -42.41 26.49 -10.65
CA LYS C 17 -43.37 27.07 -9.69
C LYS C 17 -43.86 26.07 -8.66
N GLY C 18 -44.36 26.58 -7.54
CA GLY C 18 -44.94 25.73 -6.51
C GLY C 18 -43.92 24.96 -5.70
N MET C 19 -42.67 25.04 -6.09
CA MET C 19 -41.60 24.53 -5.26
C MET C 19 -41.45 25.40 -3.99
N LEU C 20 -42.39 25.22 -3.05
CA LEU C 20 -42.39 26.01 -1.82
C LEU C 20 -41.36 25.44 -0.85
N GLY C 21 -40.49 26.29 -0.30
CA GLY C 21 -39.54 25.83 0.70
C GLY C 21 -38.30 25.15 0.11
N ALA C 22 -38.20 25.17 -1.23
CA ALA C 22 -36.92 24.91 -1.92
C ALA C 22 -35.84 25.85 -1.42
N ARG C 23 -34.58 25.43 -1.50
CA ARG C 23 -33.46 26.23 -0.97
C ARG C 23 -32.34 26.45 -1.99
N MET C 24 -31.66 27.57 -1.84
CA MET C 24 -30.55 27.97 -2.71
C MET C 24 -29.51 26.88 -2.83
N TYR C 25 -29.26 26.45 -4.07
CA TYR C 25 -28.20 25.48 -4.43
C TYR C 25 -28.50 24.02 -4.25
N ASP C 26 -29.70 23.72 -3.75
CA ASP C 26 -30.17 22.36 -3.67
C ASP C 26 -30.29 21.88 -5.09
N ILE C 27 -30.03 20.60 -5.31
CA ILE C 27 -30.09 20.00 -6.64
C ILE C 27 -31.53 19.65 -7.00
N SER C 28 -31.90 19.91 -8.24
CA SER C 28 -33.27 19.73 -8.65
C SER C 28 -33.31 18.65 -9.72
N LYS C 29 -34.49 18.07 -9.91
CA LYS C 29 -34.64 17.07 -10.95
C LYS C 29 -35.73 17.53 -11.91
N VAL C 30 -35.31 17.79 -13.14
CA VAL C 30 -36.09 18.64 -14.03
C VAL C 30 -36.66 17.92 -15.24
N GLY C 31 -37.94 18.12 -15.45
CA GLY C 31 -38.61 17.50 -16.55
C GLY C 31 -38.96 16.09 -16.17
N GLU C 32 -39.60 15.38 -17.10
CA GLU C 32 -39.98 14.01 -16.87
C GLU C 32 -38.73 13.12 -16.82
N GLU C 33 -37.68 13.56 -17.52
CA GLU C 33 -36.44 12.79 -17.60
C GLU C 33 -35.62 12.96 -16.35
N GLY C 34 -35.98 13.95 -15.54
CA GLY C 34 -35.36 14.21 -14.26
C GLY C 34 -33.97 14.77 -14.40
N LEU C 35 -33.74 15.54 -15.46
CA LEU C 35 -32.48 16.26 -15.69
C LEU C 35 -32.03 16.99 -14.44
N VAL C 36 -30.75 16.89 -14.12
CA VAL C 36 -30.22 17.45 -12.89
C VAL C 36 -29.95 18.95 -13.01
N GLY C 37 -30.32 19.72 -11.99
CA GLY C 37 -30.00 21.13 -11.98
C GLY C 37 -29.95 21.74 -10.60
N GLU C 38 -29.61 23.03 -10.53
CA GLU C 38 -29.44 23.73 -9.27
C GLU C 38 -30.31 24.97 -9.21
N ILE C 39 -31.00 25.14 -8.09
CA ILE C 39 -31.69 26.39 -7.79
C ILE C 39 -30.68 27.55 -7.62
N ILE C 40 -30.73 28.57 -8.47
CA ILE C 40 -29.77 29.68 -8.30
C ILE C 40 -30.43 30.94 -7.81
N ARG C 41 -31.75 30.91 -7.76
CA ARG C 41 -32.53 32.06 -7.36
C ARG C 41 -33.86 31.59 -6.80
N LEU C 42 -34.30 32.30 -5.77
CA LEU C 42 -35.63 32.10 -5.24
C LEU C 42 -36.33 33.41 -5.37
N ASP C 43 -37.44 33.41 -6.09
CA ASP C 43 -38.26 34.60 -6.21
C ASP C 43 -39.69 34.19 -5.95
N GLY C 44 -40.21 34.63 -4.81
CA GLY C 44 -41.57 34.32 -4.35
C GLY C 44 -41.87 32.83 -4.32
N ASP C 45 -42.59 32.38 -5.32
CA ASP C 45 -43.11 31.04 -5.38
C ASP C 45 -42.45 30.30 -6.51
N THR C 46 -41.27 30.79 -6.91
CA THR C 46 -40.58 30.29 -8.08
C THR C 46 -39.11 30.14 -7.74
N ALA C 47 -38.46 29.20 -8.40
CA ALA C 47 -37.05 28.95 -8.22
C ALA C 47 -36.48 28.91 -9.63
N PHE C 48 -35.33 29.59 -9.82
CA PHE C 48 -34.61 29.53 -11.06
C PHE C 48 -33.65 28.34 -10.98
N VAL C 49 -33.80 27.41 -11.90
CA VAL C 49 -32.99 26.22 -11.87
C VAL C 49 -32.06 26.21 -13.05
N GLN C 50 -30.76 26.07 -12.81
CA GLN C 50 -29.81 26.00 -13.93
C GLN C 50 -29.61 24.53 -14.26
N VAL C 51 -29.97 24.14 -15.47
CA VAL C 51 -29.99 22.74 -15.78
C VAL C 51 -28.62 22.37 -16.27
N TYR C 52 -28.02 21.36 -15.66
CA TYR C 52 -26.70 20.88 -16.07
C TYR C 52 -26.65 20.27 -17.46
N GLU C 53 -27.79 19.86 -18.01
CA GLU C 53 -27.74 19.23 -19.33
C GLU C 53 -28.72 19.88 -20.31
N ASP C 54 -28.62 19.54 -21.59
CA ASP C 54 -29.45 20.12 -22.63
C ASP C 54 -30.91 20.00 -22.31
N THR C 55 -31.64 21.11 -22.36
CA THR C 55 -33.06 21.13 -21.99
C THR C 55 -34.00 20.92 -23.16
N SER C 56 -33.45 20.99 -24.37
CA SER C 56 -34.28 21.04 -25.55
C SER C 56 -35.25 19.87 -25.55
N GLY C 57 -36.52 20.16 -25.76
CA GLY C 57 -37.54 19.11 -25.79
C GLY C 57 -38.55 19.23 -24.66
N LEU C 58 -38.11 19.83 -23.54
CA LEU C 58 -38.93 19.93 -22.34
C LEU C 58 -40.09 20.83 -22.61
N LYS C 59 -41.21 20.58 -21.94
CA LYS C 59 -42.38 21.42 -22.13
C LYS C 59 -42.76 22.08 -20.83
N VAL C 60 -43.31 23.28 -20.93
CA VAL C 60 -43.89 23.91 -19.79
C VAL C 60 -44.88 22.91 -19.16
N GLY C 61 -44.85 22.80 -17.82
CA GLY C 61 -45.83 22.02 -17.08
C GLY C 61 -45.27 20.73 -16.48
N GLU C 62 -44.06 20.32 -16.89
CA GLU C 62 -43.47 19.05 -16.44
C GLU C 62 -43.03 19.11 -14.97
N PRO C 63 -42.85 17.96 -14.31
CA PRO C 63 -42.44 18.04 -12.91
C PRO C 63 -41.04 18.63 -12.78
N VAL C 64 -40.82 19.26 -11.62
CA VAL C 64 -39.51 19.72 -11.17
C VAL C 64 -39.52 19.38 -9.67
N VAL C 65 -38.53 18.63 -9.19
CA VAL C 65 -38.52 18.24 -7.76
C VAL C 65 -37.17 18.42 -7.08
N SER C 66 -37.17 19.05 -5.89
CA SER C 66 -35.88 19.35 -5.24
C SER C 66 -35.39 18.14 -4.50
N THR C 67 -34.09 17.88 -4.61
CA THR C 67 -33.44 16.76 -3.98
C THR C 67 -33.16 17.13 -2.53
N GLY C 68 -33.34 18.41 -2.24
CA GLY C 68 -33.21 18.96 -0.91
C GLY C 68 -31.78 19.14 -0.44
N LEU C 69 -30.81 18.97 -1.33
CA LEU C 69 -29.38 18.96 -0.96
C LEU C 69 -28.49 19.60 -2.04
N PRO C 70 -27.45 20.35 -1.62
CA PRO C 70 -26.56 20.93 -2.65
C PRO C 70 -25.77 19.85 -3.41
N LEU C 71 -25.03 20.25 -4.43
CA LEU C 71 -24.23 19.31 -5.17
C LEU C 71 -23.23 18.62 -4.26
N ALA C 72 -23.28 17.29 -4.25
CA ALA C 72 -22.46 16.49 -3.36
C ALA C 72 -21.78 15.38 -4.11
N VAL C 73 -20.87 14.72 -3.40
CA VAL C 73 -20.05 13.68 -3.93
C VAL C 73 -20.23 12.43 -3.01
N GLU C 74 -20.07 11.22 -3.54
CA GLU C 74 -20.16 10.01 -2.72
C GLU C 74 -18.77 9.57 -2.30
N LEU C 75 -18.56 9.46 -0.99
CA LEU C 75 -17.24 9.22 -0.46
C LEU C 75 -17.18 7.88 0.23
N GLY C 76 -16.56 6.90 -0.40
CA GLY C 76 -16.36 5.58 0.20
C GLY C 76 -15.62 4.64 -0.76
N PRO C 77 -15.72 3.31 -0.52
CA PRO C 77 -15.04 2.39 -1.41
C PRO C 77 -15.72 2.35 -2.80
N GLY C 78 -14.90 2.49 -3.84
CA GLY C 78 -15.41 2.33 -5.19
C GLY C 78 -14.85 3.28 -6.21
N MET C 79 -13.95 4.16 -5.78
CA MET C 79 -13.45 5.26 -6.63
C MET C 79 -12.12 4.97 -7.29
N LEU C 80 -11.21 4.30 -6.58
CA LEU C 80 -9.90 3.99 -7.12
C LEU C 80 -10.04 3.13 -8.36
N ASN C 81 -9.15 3.34 -9.33
CA ASN C 81 -9.27 2.80 -10.70
C ASN C 81 -10.54 3.22 -11.43
N GLY C 82 -11.24 4.16 -10.86
CA GLY C 82 -12.46 4.62 -11.43
C GLY C 82 -12.22 5.78 -12.34
N ILE C 83 -13.19 6.02 -13.22
CA ILE C 83 -13.13 7.09 -14.20
C ILE C 83 -14.42 7.86 -14.12
N TYR C 84 -14.41 9.01 -13.45
CA TYR C 84 -15.62 9.81 -13.32
C TYR C 84 -15.54 11.07 -14.15
N ASP C 85 -16.72 11.58 -14.56
CA ASP C 85 -16.78 12.92 -15.12
C ASP C 85 -16.72 13.94 -13.97
N GLY C 86 -16.76 15.23 -14.32
CA GLY C 86 -16.59 16.31 -13.36
C GLY C 86 -17.67 16.45 -12.29
N ILE C 87 -18.75 15.66 -12.39
CA ILE C 87 -19.75 15.61 -11.32
C ILE C 87 -19.96 14.18 -10.80
N GLN C 88 -18.83 13.46 -10.73
CA GLN C 88 -18.73 12.14 -10.08
C GLN C 88 -19.75 11.12 -10.54
N ARG C 89 -19.81 10.93 -11.87
CA ARG C 89 -20.58 9.83 -12.46
C ARG C 89 -19.57 8.94 -13.20
N PRO C 90 -19.73 7.61 -13.06
CA PRO C 90 -18.79 6.66 -13.65
C PRO C 90 -19.01 6.54 -15.13
N LEU C 91 -18.02 6.99 -15.92
CA LEU C 91 -18.17 7.04 -17.37
C LEU C 91 -18.22 5.65 -17.99
N GLU C 92 -17.60 4.68 -17.32
CA GLU C 92 -17.65 3.26 -17.73
C GLU C 92 -19.07 2.71 -17.70
N ARG C 93 -19.76 2.87 -16.57
CA ARG C 93 -21.12 2.39 -16.44
C ARG C 93 -22.05 3.10 -17.42
N ILE C 94 -21.74 4.36 -17.72
CA ILE C 94 -22.56 5.11 -18.64
C ILE C 94 -22.43 4.49 -20.00
N ARG C 95 -21.19 4.23 -20.40
CA ARG C 95 -20.90 3.65 -21.72
C ARG C 95 -21.71 2.35 -21.86
N GLU C 96 -21.54 1.46 -20.89
CA GLU C 96 -22.30 0.20 -20.87
C GLU C 96 -23.82 0.44 -20.94
N LYS C 97 -24.31 1.47 -20.25
CA LYS C 97 -25.75 1.71 -20.22
C LYS C 97 -26.26 2.31 -21.50
N THR C 98 -25.43 3.13 -22.17
CA THR C 98 -25.90 3.96 -23.30
C THR C 98 -25.09 3.91 -24.59
N GLY C 99 -23.85 3.43 -24.52
CA GLY C 99 -23.02 3.24 -25.71
C GLY C 99 -21.91 4.26 -25.93
N ILE C 100 -21.68 4.60 -27.20
CA ILE C 100 -20.56 5.47 -27.53
C ILE C 100 -20.84 6.95 -27.21
N TYR C 101 -22.10 7.39 -27.36
CA TYR C 101 -22.45 8.79 -27.09
C TYR C 101 -23.02 8.94 -25.68
N ILE C 102 -22.94 10.15 -25.14
CA ILE C 102 -23.55 10.40 -23.83
C ILE C 102 -24.97 10.97 -23.90
N THR C 103 -25.92 10.11 -23.50
CA THR C 103 -27.33 10.40 -23.45
C THR C 103 -27.67 11.21 -22.20
N ARG C 104 -28.57 12.18 -22.32
CA ARG C 104 -28.93 12.99 -21.16
C ARG C 104 -29.80 12.21 -20.17
N GLY C 105 -29.79 12.63 -18.91
CA GLY C 105 -30.68 12.07 -17.90
C GLY C 105 -30.35 10.65 -17.47
N VAL C 106 -29.13 10.20 -17.71
CA VAL C 106 -28.72 8.88 -17.27
C VAL C 106 -28.46 8.89 -15.78
N VAL C 107 -29.03 7.93 -15.06
CA VAL C 107 -28.84 7.85 -13.61
C VAL C 107 -28.09 6.61 -13.11
N VAL C 108 -26.76 6.71 -13.03
CA VAL C 108 -25.88 5.74 -12.39
C VAL C 108 -25.35 6.27 -11.05
N HIS C 109 -24.59 5.46 -10.32
CA HIS C 109 -24.10 5.83 -8.97
C HIS C 109 -22.57 5.93 -8.87
N ALA C 110 -22.06 6.92 -8.15
CA ALA C 110 -20.60 7.10 -8.09
C ALA C 110 -19.95 5.82 -7.60
N LEU C 111 -20.58 5.21 -6.59
CA LEU C 111 -20.09 3.99 -5.98
C LEU C 111 -21.03 2.85 -6.30
N ASP C 112 -20.48 1.80 -6.88
CA ASP C 112 -21.21 0.59 -7.26
C ASP C 112 -21.92 -0.03 -6.05
N ARG C 113 -23.23 -0.18 -6.18
CA ARG C 113 -24.05 -0.72 -5.09
C ARG C 113 -24.11 -2.25 -5.08
N GLU C 114 -23.57 -2.89 -6.12
CA GLU C 114 -23.67 -4.35 -6.32
C GLU C 114 -22.46 -5.10 -5.77
N LYS C 115 -21.29 -4.52 -6.02
CA LYS C 115 -20.04 -5.04 -5.52
C LYS C 115 -20.06 -5.23 -4.00
N LYS C 116 -19.58 -6.39 -3.56
CA LYS C 116 -19.31 -6.68 -2.14
C LYS C 116 -17.90 -6.29 -1.66
N TRP C 117 -17.82 -5.67 -0.50
CA TRP C 117 -16.56 -5.29 0.09
C TRP C 117 -16.33 -5.99 1.42
N ALA C 118 -15.09 -6.32 1.73
CA ALA C 118 -14.74 -7.09 2.94
C ALA C 118 -14.56 -6.21 4.17
N TRP C 119 -15.63 -6.11 4.95
CA TRP C 119 -15.67 -5.29 6.14
C TRP C 119 -14.87 -5.89 7.26
N THR C 120 -13.96 -5.10 7.82
CA THR C 120 -13.35 -5.43 9.10
C THR C 120 -13.70 -4.33 10.09
N PRO C 121 -14.58 -4.62 11.05
CA PRO C 121 -15.00 -3.62 12.03
C PRO C 121 -13.90 -3.28 13.04
N MET C 122 -13.89 -2.03 13.49
CA MET C 122 -12.88 -1.53 14.40
C MET C 122 -13.51 -0.79 15.55
N VAL C 123 -14.79 -1.03 15.77
CA VAL C 123 -15.48 -0.41 16.89
C VAL C 123 -16.44 -1.45 17.47
N LYS C 124 -16.64 -1.40 18.78
CA LYS C 124 -17.59 -2.31 19.41
C LYS C 124 -18.74 -1.50 19.92
N PRO C 125 -19.86 -2.15 20.26
CA PRO C 125 -20.91 -1.37 20.92
C PRO C 125 -20.41 -0.67 22.20
N GLY C 126 -21.13 0.37 22.62
CA GLY C 126 -20.65 1.23 23.73
C GLY C 126 -19.53 2.19 23.36
N ASP C 127 -18.82 1.94 22.24
CA ASP C 127 -17.76 2.87 21.77
C ASP C 127 -18.29 4.27 21.41
N GLU C 128 -17.53 5.31 21.75
CA GLU C 128 -17.93 6.66 21.41
C GLU C 128 -17.24 7.04 20.13
N VAL C 129 -17.98 7.62 19.20
CA VAL C 129 -17.40 8.00 17.92
C VAL C 129 -17.69 9.47 17.63
N ARG C 130 -16.66 10.12 17.08
CA ARG C 130 -16.70 11.51 16.63
C ARG C 130 -16.47 11.52 15.13
N GLY C 131 -16.73 12.64 14.47
CA GLY C 131 -16.58 12.70 13.03
C GLY C 131 -15.13 12.45 12.63
N GLY C 132 -14.91 11.74 11.53
CA GLY C 132 -13.56 11.48 11.04
C GLY C 132 -12.89 10.20 11.56
N MET C 133 -13.44 9.62 12.61
CA MET C 133 -12.80 8.45 13.18
C MET C 133 -12.97 7.21 12.32
N VAL C 134 -12.16 6.18 12.57
CA VAL C 134 -12.22 4.99 11.76
C VAL C 134 -13.25 4.01 12.32
N LEU C 135 -14.21 3.60 11.49
CA LEU C 135 -15.20 2.65 11.96
C LEU C 135 -14.69 1.25 11.73
N GLY C 136 -13.87 1.12 10.70
CA GLY C 136 -13.51 -0.17 10.21
C GLY C 136 -12.74 0.01 8.95
N THR C 137 -12.53 -1.11 8.26
CA THR C 137 -11.57 -1.13 7.17
C THR C 137 -12.10 -2.04 6.08
N VAL C 138 -11.68 -1.80 4.85
CA VAL C 138 -12.06 -2.58 3.70
C VAL C 138 -10.87 -2.57 2.74
N PRO C 139 -10.49 -3.73 2.17
CA PRO C 139 -9.45 -3.60 1.15
C PRO C 139 -9.93 -2.93 -0.14
N GLU C 140 -9.17 -1.97 -0.64
CA GLU C 140 -9.36 -1.51 -2.01
C GLU C 140 -8.03 -1.58 -2.70
N PHE C 141 -7.88 -2.61 -3.52
CA PHE C 141 -6.64 -2.93 -4.20
C PHE C 141 -5.52 -3.08 -3.18
N GLY C 142 -4.52 -2.21 -3.26
CA GLY C 142 -3.44 -2.27 -2.30
C GLY C 142 -3.81 -1.58 -1.00
N PHE C 143 -4.74 -0.62 -1.06
CA PHE C 143 -4.97 0.21 0.10
C PHE C 143 -5.96 -0.29 1.11
N THR C 144 -5.61 -0.02 2.37
CA THR C 144 -6.51 -0.29 3.48
C THR C 144 -7.38 0.96 3.63
N HIS C 145 -8.51 0.92 2.92
CA HIS C 145 -9.52 1.99 2.88
C HIS C 145 -10.23 2.11 4.21
N LYS C 146 -10.12 3.27 4.85
CA LYS C 146 -10.73 3.42 6.15
C LYS C 146 -12.17 3.90 6.01
N ILE C 147 -13.07 3.29 6.78
CA ILE C 147 -14.46 3.69 6.77
C ILE C 147 -14.60 4.79 7.80
N LEU C 148 -15.00 5.99 7.36
CA LEU C 148 -15.00 7.12 8.27
C LEU C 148 -16.39 7.46 8.76
N VAL C 149 -16.46 7.90 10.01
CA VAL C 149 -17.63 8.62 10.48
C VAL C 149 -17.71 9.91 9.64
N PRO C 150 -18.88 10.17 9.05
CA PRO C 150 -18.96 11.49 8.41
C PRO C 150 -18.57 12.57 9.41
N PRO C 151 -17.91 13.65 8.97
CA PRO C 151 -17.66 14.72 9.92
C PRO C 151 -19.04 15.16 10.32
N ASP C 152 -19.20 15.82 11.45
CA ASP C 152 -20.57 16.19 11.81
C ASP C 152 -21.40 15.12 12.53
N VAL C 153 -21.12 13.84 12.30
CA VAL C 153 -21.84 12.80 13.03
C VAL C 153 -21.10 12.46 14.31
N ARG C 154 -21.83 12.02 15.34
CA ARG C 154 -21.28 11.46 16.58
C ARG C 154 -22.33 10.80 17.46
N GLY C 155 -21.87 9.96 18.37
CA GLY C 155 -22.74 9.28 19.32
C GLY C 155 -22.13 7.97 19.73
N ARG C 156 -22.93 7.11 20.37
CA ARG C 156 -22.41 5.83 20.86
C ARG C 156 -22.82 4.72 19.92
N VAL C 157 -21.93 3.74 19.76
CA VAL C 157 -22.23 2.57 18.96
C VAL C 157 -23.22 1.62 19.68
N LYS C 158 -24.33 1.30 19.02
CA LYS C 158 -25.29 0.30 19.51
C LYS C 158 -24.98 -1.09 18.94
N GLU C 159 -25.03 -1.21 17.62
CA GLU C 159 -24.61 -2.44 16.96
C GLU C 159 -23.61 -2.22 15.82
N VAL C 160 -22.96 -3.31 15.42
CA VAL C 160 -21.88 -3.30 14.44
C VAL C 160 -22.00 -4.56 13.62
N LYS C 161 -21.82 -4.45 12.30
CA LYS C 161 -21.86 -5.65 11.47
C LYS C 161 -20.58 -6.42 11.71
N PRO C 162 -20.70 -7.75 11.94
CA PRO C 162 -19.53 -8.62 12.11
C PRO C 162 -18.76 -8.71 10.80
N ALA C 163 -17.44 -8.86 10.89
CA ALA C 163 -16.59 -9.03 9.71
C ALA C 163 -17.36 -9.87 8.70
N GLY C 164 -17.35 -9.45 7.44
CA GLY C 164 -18.08 -10.16 6.41
C GLY C 164 -18.09 -9.39 5.12
N GLU C 165 -18.79 -9.91 4.13
CA GLU C 165 -18.84 -9.23 2.83
C GLU C 165 -20.13 -8.46 2.59
N TYR C 166 -20.00 -7.13 2.49
CA TYR C 166 -21.15 -6.22 2.36
C TYR C 166 -21.01 -5.25 1.18
N THR C 167 -22.12 -4.65 0.78
CA THR C 167 -22.08 -3.61 -0.24
C THR C 167 -21.98 -2.31 0.52
N VAL C 168 -21.72 -1.20 -0.17
CA VAL C 168 -21.55 0.11 0.45
C VAL C 168 -22.88 0.61 1.05
N GLU C 169 -23.98 -0.01 0.63
CA GLU C 169 -25.30 0.45 1.01
C GLU C 169 -25.68 0.00 2.42
N GLU C 170 -25.01 -1.02 2.92
CA GLU C 170 -25.33 -1.64 4.20
C GLU C 170 -24.89 -0.87 5.41
N PRO C 171 -25.77 -0.73 6.42
CA PRO C 171 -25.45 -0.11 7.69
C PRO C 171 -24.49 -0.98 8.49
N VAL C 172 -23.20 -0.77 8.29
CA VAL C 172 -22.17 -1.56 8.95
C VAL C 172 -22.11 -1.18 10.41
N VAL C 173 -22.46 0.05 10.73
CA VAL C 173 -22.43 0.48 12.12
C VAL C 173 -23.70 1.29 12.38
N VAL C 174 -24.35 1.05 13.51
CA VAL C 174 -25.56 1.79 13.89
C VAL C 174 -25.40 2.36 15.30
N LEU C 175 -25.81 3.62 15.46
CA LEU C 175 -25.69 4.32 16.73
C LEU C 175 -26.97 4.21 17.57
N GLU C 176 -26.86 4.55 18.87
CA GLU C 176 -28.01 4.61 19.78
C GLU C 176 -29.01 5.65 19.30
N ASP C 177 -28.47 6.75 18.79
CA ASP C 177 -29.21 7.76 18.07
C ASP C 177 -30.18 7.13 17.06
N GLY C 178 -29.88 5.90 16.62
CA GLY C 178 -30.51 5.30 15.45
C GLY C 178 -29.78 5.55 14.13
N THR C 179 -28.83 6.49 14.14
CA THR C 179 -28.05 6.82 12.93
C THR C 179 -27.35 5.61 12.36
N GLU C 180 -27.53 5.41 11.07
CA GLU C 180 -26.94 4.29 10.39
C GLU C 180 -25.75 4.82 9.65
N LEU C 181 -24.63 4.14 9.80
CA LEU C 181 -23.43 4.54 9.12
C LEU C 181 -23.07 3.46 8.15
N LYS C 182 -22.85 3.84 6.92
CA LYS C 182 -22.48 2.91 5.87
C LYS C 182 -20.98 3.02 5.51
N MET C 183 -20.59 2.33 4.44
CA MET C 183 -19.22 2.35 4.04
C MET C 183 -18.88 3.68 3.37
N TYR C 184 -19.91 4.42 2.97
CA TYR C 184 -19.73 5.75 2.39
C TYR C 184 -20.66 6.76 3.04
N HIS C 185 -20.35 8.03 2.80
CA HIS C 185 -21.30 9.11 3.10
C HIS C 185 -21.19 10.06 1.93
N THR C 186 -22.22 10.89 1.74
CA THR C 186 -22.10 11.97 0.77
C THR C 186 -21.61 13.22 1.48
N TRP C 187 -21.09 14.15 0.69
CA TRP C 187 -20.53 15.40 1.20
C TRP C 187 -20.61 16.50 0.13
N PRO C 188 -21.03 17.71 0.51
CA PRO C 188 -21.19 18.82 -0.45
C PRO C 188 -19.84 19.28 -0.96
N VAL C 189 -19.69 19.50 -2.27
CA VAL C 189 -18.33 19.70 -2.81
C VAL C 189 -17.80 21.11 -2.67
N ARG C 190 -18.67 22.09 -2.48
CA ARG C 190 -18.21 23.48 -2.36
C ARG C 190 -17.77 23.86 -0.93
N ARG C 191 -17.97 22.93 0.00
CA ARG C 191 -17.62 23.10 1.41
C ARG C 191 -16.37 22.28 1.71
N ALA C 192 -15.25 22.93 2.02
CA ALA C 192 -14.08 22.22 2.53
C ALA C 192 -14.43 21.18 3.59
N ARG C 193 -14.05 19.91 3.36
CA ARG C 193 -14.13 18.91 4.41
C ARG C 193 -13.21 19.37 5.53
N PRO C 194 -13.72 19.43 6.76
CA PRO C 194 -13.00 19.89 7.94
C PRO C 194 -11.78 19.06 8.28
N VAL C 195 -10.82 19.70 8.93
CA VAL C 195 -9.69 19.00 9.51
C VAL C 195 -9.54 19.51 10.94
N GLN C 196 -8.66 18.86 11.67
CA GLN C 196 -8.44 19.16 13.06
C GLN C 196 -7.49 20.36 13.14
N ARG C 197 -6.66 20.52 12.12
CA ARG C 197 -5.53 21.42 12.23
C ARG C 197 -4.66 21.46 10.96
N LYS C 198 -4.36 22.66 10.49
CA LYS C 198 -3.71 22.85 9.21
C LYS C 198 -2.18 23.06 9.43
N LEU C 199 -1.34 22.24 8.80
CA LEU C 199 0.11 22.23 9.15
C LEU C 199 1.05 22.97 8.22
N ASP C 200 2.20 23.38 8.75
CA ASP C 200 3.22 24.16 8.01
C ASP C 200 3.93 23.39 6.90
N PRO C 201 4.33 24.10 5.83
CA PRO C 201 5.14 23.53 4.72
C PRO C 201 6.56 23.04 5.09
N ASN C 202 6.83 22.74 6.36
CA ASN C 202 8.14 22.24 6.79
C ASN C 202 8.41 20.77 6.45
N THR C 203 7.85 20.28 5.36
CA THR C 203 8.19 18.94 4.89
C THR C 203 8.29 18.88 3.37
N PRO C 204 9.19 18.02 2.83
CA PRO C 204 9.32 17.95 1.38
C PRO C 204 8.22 17.12 0.75
N PHE C 205 7.76 17.54 -0.43
CA PHE C 205 7.04 16.65 -1.33
C PHE C 205 8.10 16.05 -2.27
N LEU C 206 8.29 14.74 -2.15
CA LEU C 206 9.30 14.06 -2.93
C LEU C 206 8.71 13.59 -4.23
N THR C 207 9.19 14.20 -5.30
CA THR C 207 8.62 13.99 -6.60
C THR C 207 9.41 12.94 -7.41
N GLY C 208 10.72 12.82 -7.10
CA GLY C 208 11.59 11.84 -7.74
C GLY C 208 12.52 12.49 -8.74
N MET C 209 12.05 13.58 -9.34
CA MET C 209 12.86 14.40 -10.24
C MET C 209 13.73 15.45 -9.51
N ARG C 210 15.05 15.30 -9.68
CA ARG C 210 16.03 16.22 -9.09
C ARG C 210 15.76 17.75 -9.17
N ILE C 211 15.56 18.35 -10.36
CA ILE C 211 15.36 19.82 -10.45
C ILE C 211 14.23 20.41 -9.62
N LEU C 212 13.15 19.65 -9.43
CA LEU C 212 12.05 20.14 -8.62
C LEU C 212 12.30 19.78 -7.17
N ASP C 213 13.01 18.66 -6.94
CA ASP C 213 13.32 18.17 -5.58
C ASP C 213 14.35 19.03 -4.86
N VAL C 214 15.44 19.28 -5.59
CA VAL C 214 16.60 20.05 -5.12
C VAL C 214 16.38 21.52 -5.36
N LEU C 215 15.98 21.88 -6.55
CA LEU C 215 15.93 23.30 -6.93
C LEU C 215 14.63 24.07 -6.64
N PHE C 216 13.48 23.56 -7.08
CA PHE C 216 12.21 24.27 -6.89
C PHE C 216 11.19 23.45 -6.10
N PRO C 217 11.62 22.82 -4.99
CA PRO C 217 10.80 21.86 -4.22
C PRO C 217 9.48 22.38 -3.63
N VAL C 218 8.53 21.47 -3.41
CA VAL C 218 7.26 21.79 -2.74
C VAL C 218 7.10 21.04 -1.41
N ALA C 219 6.59 21.77 -0.43
CA ALA C 219 6.23 21.15 0.82
C ALA C 219 5.11 20.14 0.65
N MET C 220 5.07 19.19 1.57
CA MET C 220 3.96 18.28 1.71
C MET C 220 2.68 19.12 1.88
N GLY C 221 1.78 19.04 0.89
CA GLY C 221 0.51 19.75 0.95
C GLY C 221 0.65 21.14 0.37
N GLY C 222 1.82 21.43 -0.19
CA GLY C 222 2.01 22.70 -0.85
C GLY C 222 1.20 22.74 -2.12
N THR C 223 1.32 23.83 -2.86
CA THR C 223 0.82 23.86 -4.23
C THR C 223 1.87 24.36 -5.23
N ALA C 224 1.51 24.30 -6.52
CA ALA C 224 2.49 24.44 -7.59
C ALA C 224 1.79 24.48 -8.95
N ALA C 225 2.31 25.32 -9.84
CA ALA C 225 1.84 25.34 -11.22
C ALA C 225 2.89 24.91 -12.25
N ILE C 226 2.38 24.37 -13.35
CA ILE C 226 3.16 24.05 -14.55
C ILE C 226 2.42 24.56 -15.81
N PRO C 227 3.17 25.12 -16.78
CA PRO C 227 2.53 25.83 -17.89
C PRO C 227 2.22 24.95 -19.11
N GLY C 228 2.23 23.64 -18.92
CA GLY C 228 2.13 22.66 -19.99
C GLY C 228 1.92 23.11 -21.42
N PRO C 229 2.96 23.75 -22.04
CA PRO C 229 2.84 24.11 -23.44
C PRO C 229 3.27 22.90 -24.27
N PHE C 230 2.76 22.82 -25.48
CA PHE C 230 3.18 21.76 -26.40
C PHE C 230 4.70 21.76 -26.63
N GLY C 231 5.24 20.63 -27.08
CA GLY C 231 6.66 20.54 -27.38
C GLY C 231 7.42 20.03 -26.17
N SER C 232 7.18 20.63 -25.00
CA SER C 232 7.72 20.10 -23.77
C SER C 232 6.90 18.89 -23.37
N GLY C 233 7.54 17.92 -22.70
CA GLY C 233 6.88 16.69 -22.26
C GLY C 233 6.04 16.84 -21.00
N LYS C 234 4.89 17.53 -21.10
CA LYS C 234 3.93 17.67 -19.98
C LYS C 234 3.49 16.31 -19.40
N SER C 235 2.76 15.52 -20.19
CA SER C 235 2.44 14.15 -19.80
C SER C 235 3.52 13.55 -18.93
N VAL C 236 4.59 13.08 -19.59
CA VAL C 236 5.69 12.34 -18.97
C VAL C 236 6.06 12.85 -17.57
N THR C 237 6.39 14.14 -17.49
CA THR C 237 6.72 14.82 -16.23
C THR C 237 5.61 14.68 -15.21
N GLN C 238 4.37 14.89 -15.68
CA GLN C 238 3.16 14.77 -14.86
C GLN C 238 3.00 13.34 -14.41
N GLN C 239 3.13 12.42 -15.34
CA GLN C 239 2.98 11.00 -15.04
C GLN C 239 4.00 10.47 -14.02
N SER C 240 5.26 10.87 -14.19
CA SER C 240 6.34 10.58 -13.26
C SER C 240 6.06 10.95 -11.79
N LEU C 241 5.31 12.01 -11.52
CA LEU C 241 5.10 12.41 -10.14
C LEU C 241 4.10 11.44 -9.53
N ALA C 242 3.15 11.00 -10.37
CA ALA C 242 2.09 10.10 -9.90
C ALA C 242 2.70 8.78 -9.51
N LYS C 243 3.71 8.37 -10.29
CA LYS C 243 4.39 7.11 -10.13
C LYS C 243 5.34 7.16 -8.95
N TRP C 244 6.09 8.25 -8.82
CA TRP C 244 7.24 8.24 -7.91
C TRP C 244 7.17 9.15 -6.68
N SER C 245 6.06 9.85 -6.51
CA SER C 245 5.93 10.81 -5.39
C SER C 245 5.67 10.11 -4.04
N ASN C 246 6.11 10.74 -2.95
CA ASN C 246 5.75 10.26 -1.62
C ASN C 246 4.27 10.54 -1.34
N ALA C 247 3.43 9.97 -2.19
CA ALA C 247 1.98 10.15 -2.09
C ALA C 247 1.30 8.79 -2.10
N ASP C 248 0.24 8.64 -1.33
CA ASP C 248 -0.39 7.34 -1.23
C ASP C 248 -1.41 7.15 -2.33
N VAL C 249 -1.97 8.27 -2.82
CA VAL C 249 -3.08 8.26 -3.77
C VAL C 249 -2.90 9.44 -4.70
N VAL C 250 -3.40 9.31 -5.92
CA VAL C 250 -3.34 10.39 -6.90
C VAL C 250 -4.71 10.59 -7.46
N VAL C 251 -5.26 11.79 -7.28
CA VAL C 251 -6.45 12.20 -7.99
C VAL C 251 -5.95 13.07 -9.09
N TYR C 252 -6.32 12.71 -10.32
CA TYR C 252 -6.10 13.59 -11.48
C TYR C 252 -7.43 14.10 -12.02
N VAL C 253 -7.85 15.30 -11.63
CA VAL C 253 -8.99 15.92 -12.34
C VAL C 253 -8.53 16.67 -13.57
N GLY C 254 -9.13 16.36 -14.70
CA GLY C 254 -8.83 17.11 -15.90
C GLY C 254 -10.12 17.32 -16.66
N SER C 255 -10.55 18.56 -16.81
CA SER C 255 -11.71 18.76 -17.68
C SER C 255 -11.60 20.00 -18.51
N GLY C 256 -12.51 20.08 -19.48
CA GLY C 256 -12.46 21.02 -20.57
C GLY C 256 -11.26 20.67 -21.43
N GLU C 257 -11.13 19.41 -21.82
CA GLU C 257 -9.97 19.04 -22.63
C GLU C 257 -10.38 18.65 -24.04
N ARG C 258 -9.43 18.72 -24.97
CA ARG C 258 -9.60 18.11 -26.27
C ARG C 258 -9.82 16.60 -26.07
N GLY C 259 -10.88 16.06 -26.64
CA GLY C 259 -11.21 14.61 -26.56
C GLY C 259 -10.05 13.64 -26.75
N ASN C 260 -9.11 13.99 -27.62
CA ASN C 260 -7.95 13.12 -27.86
C ASN C 260 -6.78 13.35 -26.89
N GLU C 261 -6.69 14.58 -26.36
CA GLU C 261 -5.89 14.94 -25.18
C GLU C 261 -6.36 14.13 -23.99
N MET C 262 -7.67 14.14 -23.77
CA MET C 262 -8.25 13.50 -22.61
C MET C 262 -8.08 12.02 -22.75
N THR C 263 -8.34 11.52 -23.95
CA THR C 263 -8.33 10.07 -24.20
C THR C 263 -6.91 9.52 -24.08
N ASP C 264 -5.94 10.34 -24.44
CA ASP C 264 -4.54 10.08 -24.16
C ASP C 264 -4.27 9.82 -22.68
N VAL C 265 -5.27 9.98 -21.82
CA VAL C 265 -5.10 9.78 -20.40
C VAL C 265 -5.78 8.51 -19.94
N LEU C 266 -6.86 8.14 -20.61
CA LEU C 266 -7.65 7.01 -20.17
C LEU C 266 -7.08 5.74 -20.78
N VAL C 267 -6.06 5.93 -21.59
CA VAL C 267 -5.45 4.83 -22.30
C VAL C 267 -3.99 4.67 -21.82
N GLU C 268 -3.32 5.79 -21.63
CA GLU C 268 -1.98 5.76 -21.10
C GLU C 268 -1.92 5.28 -19.66
N PHE C 269 -2.66 5.93 -18.77
CA PHE C 269 -2.65 5.56 -17.35
C PHE C 269 -2.78 4.06 -17.05
N PRO C 270 -3.78 3.37 -17.64
CA PRO C 270 -3.96 1.95 -17.37
C PRO C 270 -2.72 1.10 -17.65
N GLU C 271 -1.71 1.71 -18.27
CA GLU C 271 -0.47 1.01 -18.60
C GLU C 271 0.72 1.35 -17.71
N LEU C 272 0.64 2.44 -16.94
CA LEU C 272 1.74 2.83 -16.05
C LEU C 272 1.87 1.82 -14.93
N THR C 273 3.06 1.73 -14.35
CA THR C 273 3.31 0.77 -13.31
C THR C 273 3.53 1.49 -11.99
N ASP C 274 2.98 0.93 -10.92
CA ASP C 274 3.26 1.34 -9.56
C ASP C 274 4.58 0.74 -9.10
N PRO C 275 5.61 1.59 -8.94
CA PRO C 275 6.94 1.11 -8.53
C PRO C 275 6.94 0.44 -7.14
N LYS C 276 5.99 0.80 -6.29
CA LYS C 276 5.88 0.23 -4.95
C LYS C 276 5.39 -1.23 -4.97
N THR C 277 4.53 -1.57 -5.94
CA THR C 277 3.84 -2.86 -5.97
C THR C 277 4.25 -3.76 -7.15
N GLY C 278 4.51 -3.15 -8.31
CA GLY C 278 4.77 -3.90 -9.55
C GLY C 278 3.56 -4.01 -10.46
N GLY C 279 2.41 -3.57 -9.95
CA GLY C 279 1.14 -3.58 -10.69
C GLY C 279 0.69 -2.16 -10.99
N PRO C 280 -0.50 -1.99 -11.63
CA PRO C 280 -0.87 -0.72 -12.23
C PRO C 280 -0.89 0.40 -11.22
N LEU C 281 -0.67 1.62 -11.71
CA LEU C 281 -0.79 2.80 -10.88
C LEU C 281 -2.25 3.21 -10.77
N MET C 282 -3.05 2.75 -11.73
CA MET C 282 -4.48 3.02 -11.77
C MET C 282 -5.20 2.59 -10.49
N HIS C 283 -4.65 1.59 -9.83
CA HIS C 283 -5.23 1.01 -8.63
C HIS C 283 -5.04 1.89 -7.40
N ARG C 284 -4.56 3.12 -7.60
CA ARG C 284 -4.44 4.10 -6.50
C ARG C 284 -4.55 5.53 -7.06
N THR C 285 -5.43 5.65 -8.04
CA THR C 285 -5.72 6.89 -8.70
C THR C 285 -7.23 6.93 -8.93
N VAL C 286 -7.81 8.12 -8.74
CA VAL C 286 -9.12 8.42 -9.29
C VAL C 286 -8.79 9.38 -10.42
N LEU C 287 -9.43 9.20 -11.58
CA LEU C 287 -9.37 10.23 -12.60
C LEU C 287 -10.73 10.78 -12.86
N ILE C 288 -10.88 12.09 -12.69
CA ILE C 288 -12.05 12.81 -13.24
C ILE C 288 -11.62 13.32 -14.61
N ALA C 289 -12.42 13.01 -15.63
CA ALA C 289 -12.13 13.40 -17.01
C ALA C 289 -13.33 14.09 -17.69
N ASN C 290 -13.02 15.14 -18.48
CA ASN C 290 -14.01 16.03 -19.11
C ASN C 290 -13.54 16.75 -20.38
N THR C 291 -14.47 16.95 -21.31
CA THR C 291 -14.14 17.39 -22.64
C THR C 291 -14.80 18.69 -23.03
N SER C 292 -14.26 19.35 -24.04
CA SER C 292 -14.81 20.56 -24.65
C SER C 292 -16.33 20.64 -24.64
N ASN C 293 -17.00 19.64 -25.22
CA ASN C 293 -18.45 19.64 -25.45
C ASN C 293 -19.30 18.92 -24.39
N MET C 294 -18.63 18.35 -23.40
CA MET C 294 -19.33 17.83 -22.24
C MET C 294 -19.71 19.01 -21.34
N PRO C 295 -20.90 18.95 -20.73
CA PRO C 295 -21.68 20.06 -20.18
C PRO C 295 -20.88 21.04 -19.36
N VAL C 296 -21.24 22.32 -19.45
CA VAL C 296 -20.48 23.41 -18.87
C VAL C 296 -20.24 23.13 -17.40
N ALA C 297 -21.34 23.02 -16.66
CA ALA C 297 -21.34 22.71 -15.22
C ALA C 297 -20.35 21.61 -14.74
N ALA C 298 -20.14 20.54 -15.52
CA ALA C 298 -19.24 19.48 -15.07
C ALA C 298 -17.77 19.89 -15.12
N ARG C 299 -17.44 20.57 -16.21
CA ARG C 299 -16.12 21.14 -16.45
C ARG C 299 -15.71 22.15 -15.37
N GLU C 300 -16.71 22.66 -14.63
CA GLU C 300 -16.43 23.61 -13.55
C GLU C 300 -16.38 22.94 -12.18
N ALA C 301 -17.38 22.14 -11.85
CA ALA C 301 -17.30 21.26 -10.69
C ALA C 301 -15.98 20.44 -10.66
N SER C 302 -15.61 19.85 -11.79
CA SER C 302 -14.40 19.03 -11.95
C SER C 302 -13.33 19.20 -10.87
N ILE C 303 -12.65 20.34 -10.82
CA ILE C 303 -11.63 20.54 -9.78
C ILE C 303 -12.22 20.51 -8.36
N TYR C 304 -13.51 20.81 -8.19
CA TYR C 304 -14.09 20.78 -6.84
C TYR C 304 -14.45 19.36 -6.41
N VAL C 305 -15.20 18.66 -7.25
CA VAL C 305 -15.36 17.20 -7.11
C VAL C 305 -14.02 16.53 -6.84
N GLY C 306 -12.98 16.89 -7.59
CA GLY C 306 -11.66 16.30 -7.42
C GLY C 306 -11.01 16.73 -6.12
N VAL C 307 -11.28 17.96 -5.68
CA VAL C 307 -10.66 18.39 -4.43
C VAL C 307 -11.37 17.76 -3.23
N THR C 308 -12.71 17.63 -3.29
CA THR C 308 -13.43 16.90 -2.24
C THR C 308 -12.97 15.43 -2.17
N ILE C 309 -13.00 14.75 -3.31
CA ILE C 309 -12.47 13.42 -3.40
C ILE C 309 -11.05 13.45 -2.86
N ALA C 310 -10.23 14.39 -3.31
CA ALA C 310 -8.87 14.43 -2.79
C ALA C 310 -8.86 14.56 -1.27
N GLU C 311 -9.75 15.38 -0.74
CA GLU C 311 -9.84 15.64 0.70
C GLU C 311 -10.23 14.39 1.49
N TYR C 312 -11.20 13.64 0.95
CA TYR C 312 -11.63 12.38 1.54
C TYR C 312 -10.48 11.40 1.75
N PHE C 313 -9.75 11.10 0.67
CA PHE C 313 -8.48 10.32 0.76
C PHE C 313 -7.42 10.92 1.68
N ARG C 314 -7.28 12.23 1.69
CA ARG C 314 -6.45 12.86 2.72
C ARG C 314 -6.94 12.39 4.08
N ASP C 315 -8.25 12.44 4.30
CA ASP C 315 -8.84 12.25 5.62
C ASP C 315 -8.59 10.88 6.28
N GLN C 316 -8.31 9.88 5.47
CA GLN C 316 -7.99 8.56 5.98
C GLN C 316 -6.50 8.48 6.36
N GLY C 317 -5.79 9.59 6.19
CA GLY C 317 -4.41 9.73 6.66
C GLY C 317 -3.36 9.39 5.65
N PHE C 318 -3.66 9.57 4.36
CA PHE C 318 -2.68 9.36 3.30
C PHE C 318 -2.18 10.69 2.77
N SER C 319 -1.08 10.66 2.02
CA SER C 319 -0.72 11.81 1.20
C SER C 319 -1.41 11.61 -0.13
N VAL C 320 -2.02 12.68 -0.63
CA VAL C 320 -2.78 12.69 -1.88
C VAL C 320 -2.15 13.70 -2.80
N ALA C 321 -1.90 13.26 -4.02
CA ALA C 321 -1.39 14.14 -5.05
C ALA C 321 -2.56 14.42 -5.97
N LEU C 322 -2.92 15.68 -6.10
CA LEU C 322 -3.90 16.05 -7.08
C LEU C 322 -3.26 17.01 -8.07
N MET C 323 -3.25 16.59 -9.35
CA MET C 323 -2.99 17.50 -10.48
C MET C 323 -4.25 17.73 -11.33
N ALA C 324 -4.70 18.97 -11.38
CA ALA C 324 -5.68 19.36 -12.38
C ALA C 324 -4.99 19.95 -13.61
N ASP C 325 -5.46 19.52 -14.78
CA ASP C 325 -4.92 19.95 -16.05
C ASP C 325 -6.06 19.75 -17.08
N SER C 326 -6.61 20.84 -17.61
CA SER C 326 -6.02 22.16 -17.50
C SER C 326 -6.81 23.16 -16.67
N THR C 327 -6.04 23.97 -15.95
CA THR C 327 -6.53 24.95 -14.98
C THR C 327 -7.11 26.19 -15.69
N SER C 328 -6.50 26.53 -16.83
CA SER C 328 -7.01 27.58 -17.71
C SER C 328 -8.35 27.19 -18.35
N ARG C 329 -8.50 25.89 -18.61
CA ARG C 329 -9.72 25.37 -19.21
C ARG C 329 -10.87 25.30 -18.20
N TRP C 330 -10.51 24.98 -16.96
CA TRP C 330 -11.43 25.20 -15.86
C TRP C 330 -11.93 26.65 -15.88
N ALA C 331 -10.98 27.59 -15.90
CA ALA C 331 -11.29 29.00 -15.91
C ALA C 331 -12.18 29.42 -17.06
N GLU C 332 -11.96 28.83 -18.24
CA GLU C 332 -12.83 29.08 -19.37
C GLU C 332 -14.24 28.69 -18.94
N ALA C 333 -14.41 27.47 -18.44
CA ALA C 333 -15.71 27.01 -17.91
C ALA C 333 -16.35 28.01 -16.93
N LEU C 334 -15.58 28.52 -15.97
CA LEU C 334 -16.08 29.55 -15.04
C LEU C 334 -16.53 30.84 -15.74
N ARG C 335 -15.95 31.12 -16.89
CA ARG C 335 -16.32 32.32 -17.62
C ARG C 335 -17.70 32.12 -18.24
N GLU C 336 -17.87 30.95 -18.85
CA GLU C 336 -19.10 30.61 -19.56
C GLU C 336 -20.28 30.66 -18.61
N ILE C 337 -20.14 30.03 -17.45
CA ILE C 337 -21.21 30.04 -16.47
C ILE C 337 -21.58 31.49 -16.14
N SER C 338 -20.59 32.25 -15.66
CA SER C 338 -20.73 33.69 -15.46
C SER C 338 -21.57 34.36 -16.56
N SER C 339 -21.21 34.11 -17.82
CA SER C 339 -21.94 34.68 -18.94
C SER C 339 -23.37 34.14 -18.99
N ARG C 340 -23.53 32.82 -18.86
CA ARG C 340 -24.85 32.20 -18.92
C ARG C 340 -25.74 32.76 -17.83
N LEU C 341 -25.20 32.86 -16.62
CA LEU C 341 -25.85 33.63 -15.57
C LEU C 341 -25.97 35.10 -15.96
N GLU C 342 -25.88 35.35 -17.26
CA GLU C 342 -26.12 36.67 -17.84
C GLU C 342 -25.39 37.79 -17.09
N GLU C 343 -24.29 37.45 -16.41
CA GLU C 343 -23.49 38.44 -15.69
C GLU C 343 -22.69 39.27 -16.67
N MET C 344 -22.63 40.57 -16.37
CA MET C 344 -21.88 41.56 -17.17
C MET C 344 -20.39 41.23 -17.14
N PRO C 345 -19.79 41.03 -18.33
CA PRO C 345 -18.37 40.63 -18.47
C PRO C 345 -17.39 41.61 -17.82
N ALA C 346 -16.55 41.10 -16.94
CA ALA C 346 -15.61 41.92 -16.20
C ALA C 346 -14.42 42.20 -17.08
N GLU C 347 -13.50 43.02 -16.56
CA GLU C 347 -12.30 43.45 -17.27
C GLU C 347 -11.31 42.31 -17.55
N GLU C 348 -10.95 42.18 -18.84
CA GLU C 348 -10.08 41.11 -19.30
C GLU C 348 -10.75 39.73 -19.30
N GLY C 349 -11.83 39.63 -20.08
CA GLY C 349 -12.48 38.36 -20.42
C GLY C 349 -12.52 37.23 -19.39
N TYR C 350 -12.87 37.58 -18.16
CA TYR C 350 -13.13 36.63 -17.09
C TYR C 350 -13.98 37.36 -16.06
N PRO C 351 -14.96 36.65 -15.45
CA PRO C 351 -15.65 37.15 -14.26
C PRO C 351 -14.64 37.49 -13.15
N PRO C 352 -14.98 38.45 -12.28
CA PRO C 352 -14.09 38.91 -11.22
C PRO C 352 -14.06 37.99 -9.97
N TYR C 353 -14.69 36.82 -10.04
CA TYR C 353 -14.58 35.81 -8.99
C TYR C 353 -13.34 34.96 -9.24
N LEU C 354 -12.90 34.93 -10.49
CA LEU C 354 -11.77 34.08 -10.98
C LEU C 354 -10.66 33.76 -9.97
N ALA C 355 -10.03 34.81 -9.44
CA ALA C 355 -9.03 34.70 -8.37
C ALA C 355 -9.63 34.04 -7.13
N ALA C 356 -10.62 34.69 -6.53
CA ALA C 356 -11.29 34.19 -5.34
C ALA C 356 -11.41 32.66 -5.39
N ARG C 357 -11.94 32.20 -6.51
CA ARG C 357 -12.29 30.83 -6.68
C ARG C 357 -11.06 29.98 -6.89
N LEU C 358 -10.15 30.43 -7.75
CA LEU C 358 -8.87 29.74 -7.89
C LEU C 358 -8.28 29.44 -6.49
N ALA C 359 -8.82 30.15 -5.49
CA ALA C 359 -8.30 30.07 -4.13
C ALA C 359 -9.24 29.35 -3.16
N ALA C 360 -10.55 29.53 -3.30
CA ALA C 360 -11.48 28.63 -2.61
C ALA C 360 -11.17 27.18 -2.96
N PHE C 361 -10.63 26.95 -4.16
CA PHE C 361 -10.06 25.67 -4.54
C PHE C 361 -8.64 25.56 -4.02
N TYR C 362 -7.72 26.35 -4.57
CA TYR C 362 -6.32 26.13 -4.29
C TYR C 362 -5.99 26.12 -2.80
N GLU C 363 -6.70 26.93 -2.01
CA GLU C 363 -6.43 27.02 -0.58
C GLU C 363 -6.99 25.85 0.23
N ARG C 364 -7.88 25.05 -0.39
CA ARG C 364 -8.26 23.74 0.16
C ARG C 364 -7.10 22.74 0.16
N ALA C 365 -6.00 23.06 -0.50
CA ALA C 365 -4.79 22.25 -0.35
C ALA C 365 -4.29 22.42 1.05
N GLY C 366 -3.36 21.58 1.44
CA GLY C 366 -2.77 21.69 2.74
C GLY C 366 -2.44 20.33 3.29
N LYS C 367 -1.41 20.32 4.13
CA LYS C 367 -1.08 19.17 4.95
C LYS C 367 -1.66 19.40 6.33
N VAL C 368 -2.26 18.37 6.89
CA VAL C 368 -3.17 18.53 8.01
C VAL C 368 -3.05 17.36 8.95
N ILE C 369 -3.42 17.58 10.19
CA ILE C 369 -3.84 16.48 11.00
C ILE C 369 -5.37 16.38 10.85
N THR C 370 -5.82 15.27 10.27
CA THR C 370 -7.21 15.02 9.98
C THR C 370 -8.13 15.03 11.22
N LEU C 371 -9.43 14.99 11.00
CA LEU C 371 -10.34 14.77 12.13
C LEU C 371 -10.08 13.46 12.88
N GLY C 372 -9.50 12.47 12.21
CA GLY C 372 -9.25 11.19 12.85
C GLY C 372 -7.97 11.17 13.67
N GLY C 373 -7.20 12.25 13.58
CA GLY C 373 -5.92 12.34 14.29
C GLY C 373 -4.70 11.95 13.46
N GLU C 374 -4.87 11.10 12.46
CA GLU C 374 -3.77 10.82 11.55
C GLU C 374 -3.33 12.12 10.89
N GLU C 375 -2.24 12.05 10.14
CA GLU C 375 -1.73 13.15 9.36
C GLU C 375 -1.92 12.75 7.90
N GLY C 376 -2.33 13.70 7.07
CA GLY C 376 -2.47 13.46 5.64
C GLY C 376 -2.22 14.78 4.94
N ALA C 377 -2.24 14.77 3.61
CA ALA C 377 -2.03 16.00 2.91
C ALA C 377 -2.71 15.99 1.58
N VAL C 378 -2.84 17.17 1.00
CA VAL C 378 -3.20 17.34 -0.40
C VAL C 378 -2.20 18.34 -0.94
N THR C 379 -1.31 17.87 -1.81
CA THR C 379 -0.38 18.70 -2.52
C THR C 379 -1.02 18.87 -3.87
N ILE C 380 -1.16 20.10 -4.37
CA ILE C 380 -1.73 20.33 -5.70
C ILE C 380 -0.66 20.79 -6.71
N VAL C 381 -0.63 20.14 -7.87
CA VAL C 381 0.15 20.61 -9.02
C VAL C 381 -0.79 20.98 -10.18
N GLY C 382 -1.18 22.24 -10.25
CA GLY C 382 -2.04 22.68 -11.35
C GLY C 382 -1.22 22.96 -12.60
N ALA C 383 -1.83 22.77 -13.77
CA ALA C 383 -1.23 23.21 -15.03
C ALA C 383 -1.96 24.44 -15.54
N VAL C 384 -1.19 25.40 -16.03
CA VAL C 384 -1.73 26.59 -16.64
C VAL C 384 -1.45 26.37 -18.12
N SER C 385 -2.48 26.26 -18.95
CA SER C 385 -2.25 25.82 -20.35
C SER C 385 -2.81 26.74 -21.44
N PRO C 386 -2.09 27.85 -21.74
CA PRO C 386 -2.48 28.76 -22.83
C PRO C 386 -1.57 28.75 -24.08
N PRO C 387 -1.90 27.92 -25.11
CA PRO C 387 -1.24 27.91 -26.42
C PRO C 387 -0.77 29.26 -26.92
N GLY C 388 -1.43 30.33 -26.47
CA GLY C 388 -0.98 31.69 -26.76
C GLY C 388 0.43 31.92 -26.28
N GLY C 389 0.87 31.09 -25.32
CA GLY C 389 2.17 31.27 -24.68
C GLY C 389 2.21 32.63 -24.02
N ASP C 390 1.14 32.95 -23.31
CA ASP C 390 1.02 34.22 -22.60
C ASP C 390 0.86 34.05 -21.07
N MET C 391 1.94 34.37 -20.36
CA MET C 391 1.97 34.42 -18.90
C MET C 391 1.07 35.54 -18.33
N SER C 392 0.33 36.19 -19.22
CA SER C 392 -0.43 37.39 -18.90
C SER C 392 -1.86 37.06 -18.49
N GLU C 393 -2.39 36.00 -19.11
CA GLU C 393 -3.62 35.36 -18.70
C GLU C 393 -3.89 35.70 -17.22
N PRO C 394 -4.99 36.44 -16.95
CA PRO C 394 -5.30 36.64 -15.55
C PRO C 394 -5.30 35.30 -14.81
N VAL C 395 -5.52 34.22 -15.55
CA VAL C 395 -5.47 32.89 -14.97
C VAL C 395 -4.09 32.63 -14.35
N THR C 396 -3.05 32.75 -15.15
CA THR C 396 -1.66 32.53 -14.71
C THR C 396 -1.21 33.45 -13.53
N GLN C 397 -1.44 34.76 -13.65
CA GLN C 397 -1.26 35.71 -12.53
C GLN C 397 -1.86 35.19 -11.22
N SER C 398 -3.17 34.98 -11.20
CA SER C 398 -3.90 34.59 -9.97
C SER C 398 -3.31 33.32 -9.38
N THR C 399 -3.35 32.24 -10.15
CA THR C 399 -2.61 30.99 -9.85
C THR C 399 -1.25 31.20 -9.15
N LEU C 400 -0.38 31.98 -9.82
CA LEU C 400 1.00 32.28 -9.43
C LEU C 400 1.08 33.28 -8.28
N ARG C 401 -0.02 33.97 -8.04
CA ARG C 401 -0.06 34.92 -6.96
C ARG C 401 -0.27 34.09 -5.70
N ILE C 402 -0.50 32.78 -5.93
CA ILE C 402 -1.02 31.85 -4.92
C ILE C 402 -0.21 30.57 -4.70
N VAL C 403 0.22 29.89 -5.77
CA VAL C 403 1.01 28.68 -5.58
C VAL C 403 2.38 28.96 -4.93
N GLY C 404 2.94 27.95 -4.26
CA GLY C 404 4.23 28.09 -3.57
C GLY C 404 5.46 27.77 -4.40
N ALA C 405 5.24 27.45 -5.68
CA ALA C 405 6.33 27.18 -6.61
C ALA C 405 5.73 27.21 -8.00
N PHE C 406 6.59 27.41 -9.00
CA PHE C 406 6.23 27.28 -10.40
C PHE C 406 7.32 26.42 -11.09
N TRP C 407 6.86 25.39 -11.81
CA TRP C 407 7.74 24.58 -12.64
C TRP C 407 7.51 24.92 -14.11
N ARG C 408 8.31 25.84 -14.64
CA ARG C 408 8.17 26.35 -16.01
C ARG C 408 8.75 25.37 -17.03
N LEU C 409 7.87 24.64 -17.68
CA LEU C 409 8.26 23.79 -18.79
C LEU C 409 8.37 24.65 -20.03
N ASP C 410 9.09 24.11 -21.01
CA ASP C 410 9.69 24.89 -22.06
C ASP C 410 10.01 23.94 -23.19
N ALA C 411 9.35 24.14 -24.33
CA ALA C 411 9.46 23.26 -25.49
C ALA C 411 10.79 23.46 -26.16
N SER C 412 11.43 24.56 -25.79
CA SER C 412 12.72 24.95 -26.30
C SER C 412 13.75 23.98 -25.77
N LEU C 413 13.64 23.70 -24.48
CA LEU C 413 14.56 22.80 -23.82
C LEU C 413 14.34 21.39 -24.33
N ALA C 414 13.08 21.05 -24.52
CA ALA C 414 12.71 19.77 -25.09
C ALA C 414 13.40 19.58 -26.43
N PHE C 415 13.32 20.58 -27.30
CA PHE C 415 13.94 20.51 -28.62
C PHE C 415 15.43 20.15 -28.53
N ARG C 416 16.13 20.78 -27.58
CA ARG C 416 17.55 20.49 -27.32
C ARG C 416 17.76 19.07 -26.81
N ARG C 417 16.67 18.41 -26.42
CA ARG C 417 16.67 17.05 -25.87
C ARG C 417 16.97 17.00 -24.37
N HIS C 418 16.81 18.14 -23.71
CA HIS C 418 16.95 18.23 -22.26
C HIS C 418 15.62 18.00 -21.53
N PHE C 419 15.63 16.98 -20.67
CA PHE C 419 14.45 16.42 -20.02
C PHE C 419 14.63 16.16 -18.54
N PRO C 420 13.60 16.47 -17.73
CA PRO C 420 12.33 17.00 -18.21
C PRO C 420 12.45 18.51 -18.42
N ALA C 421 11.81 19.01 -19.47
CA ALA C 421 12.07 20.36 -19.99
C ALA C 421 11.69 21.49 -19.07
N ILE C 422 12.14 21.46 -17.82
CA ILE C 422 11.85 22.58 -16.92
C ILE C 422 12.97 23.62 -16.91
N ASN C 423 12.57 24.89 -16.91
CA ASN C 423 13.52 26.00 -17.02
C ASN C 423 13.96 26.50 -15.65
N TRP C 424 15.26 26.37 -15.35
CA TRP C 424 15.81 26.81 -14.07
C TRP C 424 15.75 28.33 -13.83
N ASN C 425 15.87 29.13 -14.89
CA ASN C 425 15.75 30.58 -14.76
C ASN C 425 14.30 31.07 -14.53
N GLY C 426 13.35 30.45 -15.23
CA GLY C 426 11.96 30.85 -15.13
C GLY C 426 11.25 30.31 -13.89
N SER C 427 11.60 29.08 -13.50
CA SER C 427 10.93 28.44 -12.40
C SER C 427 11.48 28.91 -11.06
N TYR C 428 10.73 28.66 -10.00
CA TYR C 428 11.13 29.03 -8.63
C TYR C 428 10.42 28.18 -7.57
N SER C 429 10.80 28.35 -6.30
CA SER C 429 10.15 27.74 -5.16
C SER C 429 10.04 28.71 -3.97
N LEU C 430 8.90 28.69 -3.29
CA LEU C 430 8.62 29.62 -2.16
C LEU C 430 8.80 28.92 -0.83
N PHE C 431 8.92 27.59 -0.90
CA PHE C 431 8.87 26.73 0.27
C PHE C 431 10.26 26.48 0.85
N THR C 432 11.24 26.61 -0.04
CA THR C 432 12.67 26.38 0.20
C THR C 432 13.23 26.81 1.56
N SER C 433 12.89 28.01 1.99
CA SER C 433 13.40 28.56 3.24
C SER C 433 13.08 27.69 4.48
N ALA C 434 11.84 27.23 4.57
CA ALA C 434 11.36 26.48 5.73
C ALA C 434 11.55 24.94 5.66
N LEU C 435 12.07 24.46 4.53
CA LEU C 435 12.46 23.04 4.38
C LEU C 435 13.93 22.78 4.75
N ASP C 436 14.69 23.85 4.95
CA ASP C 436 16.10 23.71 5.27
C ASP C 436 16.32 22.94 6.58
N PRO C 437 15.60 23.30 7.66
CA PRO C 437 15.69 22.43 8.85
C PRO C 437 15.53 20.93 8.55
N TRP C 438 14.44 20.51 7.89
CA TRP C 438 14.26 19.10 7.51
C TRP C 438 15.45 18.61 6.73
N TYR C 439 15.93 19.45 5.80
CA TYR C 439 17.06 19.10 4.95
C TYR C 439 18.28 18.78 5.80
N ARG C 440 18.72 19.75 6.59
CA ARG C 440 19.90 19.59 7.44
C ARG C 440 19.74 18.35 8.33
N GLU C 441 18.49 18.09 8.71
CA GLU C 441 18.18 16.98 9.60
C GLU C 441 18.11 15.64 8.86
N ASN C 442 17.78 15.67 7.57
CA ASN C 442 17.35 14.44 6.93
C ASN C 442 18.12 14.03 5.72
N VAL C 443 18.95 14.94 5.26
CA VAL C 443 19.70 14.73 4.05
C VAL C 443 21.19 14.90 4.36
N ALA C 444 21.56 15.96 5.05
CA ALA C 444 22.94 16.33 5.33
C ALA C 444 22.99 17.71 5.94
N GLU C 445 23.79 17.87 6.99
CA GLU C 445 23.91 19.15 7.67
C GLU C 445 24.13 20.29 6.68
N ASP C 446 24.88 19.99 5.62
CA ASP C 446 25.22 20.97 4.59
C ASP C 446 24.49 20.73 3.28
N TYR C 447 23.17 20.63 3.35
CA TYR C 447 22.35 20.51 2.14
C TYR C 447 22.18 21.85 1.41
N PRO C 448 21.52 22.84 2.05
CA PRO C 448 21.26 24.14 1.44
C PRO C 448 22.46 24.76 0.75
N GLU C 449 23.59 24.83 1.44
CA GLU C 449 24.84 25.33 0.85
C GLU C 449 25.16 24.63 -0.47
N LEU C 450 25.21 23.29 -0.46
CA LEU C 450 25.49 22.51 -1.67
C LEU C 450 24.52 22.78 -2.83
N ARG C 451 23.22 22.84 -2.54
CA ARG C 451 22.23 23.19 -3.56
C ARG C 451 22.34 24.69 -3.90
N ASP C 452 22.75 25.49 -2.93
CA ASP C 452 22.93 26.91 -3.19
C ASP C 452 24.12 27.10 -4.11
N ALA C 453 25.17 26.32 -3.89
CA ALA C 453 26.38 26.37 -4.73
C ALA C 453 26.09 25.93 -6.18
N ILE C 454 25.05 25.10 -6.34
CA ILE C 454 24.68 24.58 -7.65
C ILE C 454 23.85 25.58 -8.43
N SER C 455 22.80 26.13 -7.80
CA SER C 455 22.01 27.17 -8.44
C SER C 455 22.88 28.41 -8.68
N GLU C 456 23.96 28.55 -7.89
CA GLU C 456 24.92 29.65 -8.07
C GLU C 456 25.82 29.51 -9.29
N LEU C 457 26.31 28.28 -9.53
CA LEU C 457 27.02 28.00 -10.77
C LEU C 457 26.09 28.09 -11.97
N LEU C 458 24.81 27.75 -11.79
CA LEU C 458 23.84 27.84 -12.86
C LEU C 458 23.62 29.30 -13.34
N GLN C 459 23.30 30.19 -12.40
CA GLN C 459 23.18 31.61 -12.72
C GLN C 459 24.37 32.04 -13.54
N ARG C 460 25.56 31.79 -12.98
CA ARG C 460 26.83 32.18 -13.59
C ARG C 460 27.08 31.55 -14.98
N GLU C 461 26.76 30.26 -15.14
CA GLU C 461 26.71 29.66 -16.47
C GLU C 461 25.77 30.46 -17.37
N ALA C 462 24.57 30.74 -16.86
CA ALA C 462 23.53 31.47 -17.59
C ALA C 462 24.01 32.86 -18.02
N GLY C 463 24.78 33.53 -17.16
CA GLY C 463 25.31 34.86 -17.40
C GLY C 463 26.70 34.88 -18.01
N LEU C 464 27.13 33.75 -18.57
CA LEU C 464 28.39 33.68 -19.29
C LEU C 464 28.19 33.38 -20.77
N GLN C 465 27.32 32.42 -21.08
CA GLN C 465 26.90 32.19 -22.46
C GLN C 465 26.33 33.49 -23.02
N GLU C 466 26.17 34.48 -22.14
CA GLU C 466 25.66 35.81 -22.46
C GLU C 466 26.79 36.79 -22.83
N ILE C 467 27.92 36.71 -22.11
CA ILE C 467 29.12 37.49 -22.45
C ILE C 467 30.10 36.67 -23.29
N VAL C 468 29.66 35.49 -23.71
CA VAL C 468 30.29 34.75 -24.80
C VAL C 468 29.51 35.13 -26.05
N GLN C 469 28.23 35.46 -25.81
CA GLN C 469 27.28 35.81 -26.85
C GLN C 469 27.66 37.07 -27.65
N LEU C 470 28.28 38.04 -26.98
CA LEU C 470 28.56 39.33 -27.61
C LEU C 470 30.06 39.70 -27.70
N VAL C 471 30.94 38.84 -27.17
CA VAL C 471 32.40 39.07 -27.24
C VAL C 471 33.20 37.79 -27.51
N GLY C 472 32.52 36.73 -27.93
CA GLY C 472 33.17 35.46 -28.23
C GLY C 472 33.79 34.79 -27.01
N PRO C 473 33.94 33.46 -27.08
CA PRO C 473 34.51 32.65 -25.97
C PRO C 473 36.02 32.85 -25.76
N ASP C 474 36.67 33.58 -26.66
CA ASP C 474 38.10 33.88 -26.58
C ASP C 474 38.41 34.83 -25.43
N ALA C 475 37.50 35.77 -25.19
CA ALA C 475 37.63 36.78 -24.15
C ALA C 475 37.31 36.24 -22.74
N LEU C 476 37.32 34.92 -22.60
CA LEU C 476 37.01 34.26 -21.33
C LEU C 476 38.27 33.90 -20.53
N GLN C 477 38.37 34.48 -19.33
CA GLN C 477 39.40 34.13 -18.35
C GLN C 477 39.33 32.60 -18.11
N ASP C 478 40.36 31.98 -17.55
CA ASP C 478 40.33 30.52 -17.39
C ASP C 478 39.15 29.98 -16.60
N ALA C 479 38.91 30.60 -15.45
CA ALA C 479 37.87 30.17 -14.56
C ALA C 479 36.48 30.15 -15.23
N GLU C 480 36.37 30.75 -16.40
CA GLU C 480 35.12 30.81 -17.17
C GLU C 480 34.89 29.53 -17.95
N ARG C 481 35.87 29.12 -18.76
CA ARG C 481 35.82 27.86 -19.51
C ARG C 481 35.48 26.69 -18.60
N LEU C 482 35.83 26.86 -17.32
CA LEU C 482 35.47 25.89 -16.30
C LEU C 482 34.00 26.01 -15.87
N VAL C 483 33.62 27.20 -15.39
CA VAL C 483 32.23 27.55 -15.03
C VAL C 483 31.20 27.05 -16.05
N ILE C 484 31.40 27.40 -17.32
CA ILE C 484 30.59 26.86 -18.39
C ILE C 484 30.63 25.33 -18.43
N GLU C 485 31.80 24.73 -18.21
CA GLU C 485 31.97 23.29 -18.39
C GLU C 485 31.40 22.43 -17.26
N VAL C 486 31.16 23.02 -16.10
CA VAL C 486 30.49 22.34 -15.03
C VAL C 486 28.99 22.66 -15.04
N GLY C 487 28.65 23.88 -15.43
CA GLY C 487 27.30 24.24 -15.78
C GLY C 487 26.78 23.19 -16.73
N ARG C 488 27.60 22.89 -17.73
CA ARG C 488 27.33 21.80 -18.64
C ARG C 488 27.13 20.49 -17.87
N ILE C 489 28.13 20.11 -17.05
CA ILE C 489 28.11 18.86 -16.28
C ILE C 489 26.85 18.71 -15.47
N ILE C 490 26.41 19.81 -14.83
CA ILE C 490 25.18 19.79 -14.02
C ILE C 490 23.99 19.58 -14.93
N ARG C 491 23.97 20.25 -16.08
CA ARG C 491 22.89 20.07 -17.04
C ARG C 491 22.78 18.58 -17.42
N GLU C 492 23.85 18.04 -18.01
CA GLU C 492 23.78 16.69 -18.54
C GLU C 492 23.78 15.58 -17.48
N ASP C 493 24.40 15.80 -16.33
CA ASP C 493 24.47 14.76 -15.28
C ASP C 493 23.68 15.06 -14.00
N PHE C 494 23.05 16.22 -13.93
CA PHE C 494 22.22 16.45 -12.75
C PHE C 494 20.77 16.96 -12.96
N LEU C 495 20.54 17.78 -14.00
CA LEU C 495 19.16 18.21 -14.33
C LEU C 495 18.46 17.18 -15.21
N GLN C 496 19.25 16.46 -16.00
CA GLN C 496 18.69 15.44 -16.87
C GLN C 496 18.40 14.16 -16.14
N GLN C 497 17.14 13.77 -16.24
CA GLN C 497 16.61 12.61 -15.58
C GLN C 497 15.88 11.83 -16.67
N ASN C 498 16.41 10.64 -17.00
CA ASN C 498 15.71 9.78 -17.95
C ASN C 498 14.47 9.20 -17.28
N ALA C 499 13.30 9.49 -17.84
CA ALA C 499 12.06 9.09 -17.24
C ALA C 499 11.71 7.65 -17.59
N TYR C 500 12.13 7.17 -18.78
CA TYR C 500 11.87 5.78 -19.15
C TYR C 500 12.99 4.86 -18.68
N HIS C 501 13.92 5.41 -17.90
CA HIS C 501 15.05 4.61 -17.45
C HIS C 501 14.74 3.85 -16.16
N GLU C 502 15.22 2.62 -16.08
CA GLU C 502 14.92 1.74 -14.97
C GLU C 502 15.54 2.21 -13.65
N VAL C 503 16.61 3.02 -13.74
CA VAL C 503 17.19 3.66 -12.54
C VAL C 503 16.99 5.17 -12.46
N ASP C 504 17.58 5.92 -13.39
CA ASP C 504 17.47 7.40 -13.37
C ASP C 504 15.98 7.89 -13.36
N ALA C 505 15.04 6.98 -13.64
CA ALA C 505 13.61 7.29 -13.53
C ALA C 505 13.26 7.93 -12.19
N TYR C 506 14.03 7.55 -11.16
CA TYR C 506 13.88 8.08 -9.79
C TYR C 506 15.25 8.38 -9.18
N SER C 507 15.32 9.45 -8.37
CA SER C 507 16.52 9.80 -7.56
C SER C 507 16.06 10.39 -6.19
N SER C 508 16.59 9.90 -5.08
CA SER C 508 16.26 10.47 -3.76
C SER C 508 17.23 11.56 -3.32
N MET C 509 16.92 12.26 -2.22
CA MET C 509 17.76 13.37 -1.77
C MET C 509 19.22 12.93 -1.51
N LYS C 510 19.40 11.73 -0.95
CA LYS C 510 20.71 11.18 -0.62
C LYS C 510 21.60 11.04 -1.86
N LYS C 511 21.02 10.44 -2.88
CA LYS C 511 21.74 10.21 -4.13
C LYS C 511 21.96 11.56 -4.80
N ALA C 512 20.94 12.42 -4.72
CA ALA C 512 21.03 13.76 -5.29
C ALA C 512 22.08 14.60 -4.56
N TYR C 513 22.30 14.28 -3.28
CA TYR C 513 23.34 14.95 -2.51
C TYR C 513 24.72 14.51 -2.99
N GLY C 514 24.83 13.22 -3.30
CA GLY C 514 26.08 12.65 -3.80
C GLY C 514 26.47 13.18 -5.17
N ILE C 515 25.53 13.12 -6.11
CA ILE C 515 25.75 13.62 -7.46
C ILE C 515 26.10 15.11 -7.46
N MET C 516 25.53 15.84 -6.50
CA MET C 516 25.90 17.23 -6.29
C MET C 516 27.33 17.37 -5.77
N LYS C 517 27.59 16.74 -4.63
CA LYS C 517 28.89 16.82 -3.94
C LYS C 517 30.08 16.47 -4.86
N MET C 518 29.91 15.43 -5.68
CA MET C 518 30.90 15.00 -6.67
C MET C 518 31.20 16.10 -7.68
N ILE C 519 30.16 16.75 -8.19
CA ILE C 519 30.32 17.87 -9.13
C ILE C 519 31.22 18.96 -8.51
N LEU C 520 30.84 19.44 -7.33
CA LEU C 520 31.57 20.52 -6.63
C LEU C 520 32.95 20.10 -6.17
N ALA C 521 33.11 18.81 -5.86
CA ALA C 521 34.42 18.25 -5.55
C ALA C 521 35.32 18.33 -6.78
N PHE C 522 34.86 17.72 -7.88
CA PHE C 522 35.53 17.83 -9.17
C PHE C 522 35.80 19.30 -9.52
N TYR C 523 34.78 20.13 -9.35
CA TYR C 523 34.86 21.55 -9.63
C TYR C 523 36.05 22.20 -8.92
N LYS C 524 36.05 22.16 -7.59
CA LYS C 524 37.09 22.84 -6.79
C LYS C 524 38.50 22.24 -6.90
N GLU C 525 38.61 21.05 -7.49
CA GLU C 525 39.90 20.41 -7.73
C GLU C 525 40.42 20.87 -9.09
N ALA C 526 39.49 21.25 -9.97
CA ALA C 526 39.84 21.89 -11.24
C ALA C 526 40.16 23.36 -10.98
N GLU C 527 39.47 23.94 -10.00
CA GLU C 527 39.64 25.34 -9.63
C GLU C 527 41.07 25.59 -9.16
N ALA C 528 41.59 24.63 -8.38
CA ALA C 528 42.96 24.67 -7.87
C ALA C 528 43.95 24.11 -8.88
N ALA C 529 43.45 23.53 -9.98
CA ALA C 529 44.31 22.95 -11.02
C ALA C 529 44.72 23.97 -12.08
N ILE C 530 43.76 24.72 -12.60
CA ILE C 530 44.06 25.76 -13.61
C ILE C 530 44.92 26.88 -13.02
N LYS C 531 44.67 27.17 -11.75
CA LYS C 531 45.39 28.17 -10.96
C LYS C 531 46.85 27.75 -10.74
N ARG C 532 47.15 26.50 -11.09
CA ARG C 532 48.44 25.85 -10.83
C ARG C 532 49.16 25.53 -12.15
N GLY C 533 48.60 26.02 -13.25
CA GLY C 533 49.17 25.85 -14.58
C GLY C 533 48.80 24.55 -15.30
N VAL C 534 47.66 23.98 -14.96
CA VAL C 534 47.19 22.73 -15.58
C VAL C 534 46.22 23.03 -16.72
N SER C 535 46.34 22.26 -17.79
CA SER C 535 45.50 22.43 -18.98
C SER C 535 44.01 22.14 -18.68
N ILE C 536 43.16 23.14 -18.90
CA ILE C 536 41.71 22.98 -18.74
C ILE C 536 41.23 21.85 -19.64
N ASP C 537 41.95 21.71 -20.72
CA ASP C 537 41.59 20.76 -21.75
C ASP C 537 42.00 19.35 -21.29
N GLU C 538 43.11 19.30 -20.52
CA GLU C 538 43.60 18.09 -19.84
C GLU C 538 42.67 17.73 -18.67
N ILE C 539 42.21 18.75 -17.94
CA ILE C 539 41.15 18.57 -16.96
C ILE C 539 39.98 17.91 -17.66
N LEU C 540 39.58 18.48 -18.80
CA LEU C 540 38.44 18.00 -19.55
C LEU C 540 38.65 16.64 -20.25
N GLN C 541 39.82 16.03 -20.03
CA GLN C 541 40.11 14.72 -20.61
C GLN C 541 39.99 13.61 -19.58
N LEU C 542 39.90 14.00 -18.31
CA LEU C 542 39.91 13.05 -17.20
C LEU C 542 38.79 12.03 -17.27
N PRO C 543 39.16 10.74 -17.25
CA PRO C 543 38.23 9.59 -17.32
C PRO C 543 37.28 9.43 -16.11
N VAL C 544 37.38 10.32 -15.12
CA VAL C 544 36.46 10.33 -13.98
C VAL C 544 35.32 11.33 -14.20
N LEU C 545 35.29 11.95 -15.38
CA LEU C 545 34.12 12.70 -15.78
C LEU C 545 32.96 11.73 -16.01
N GLU C 546 33.33 10.51 -16.36
CA GLU C 546 32.39 9.44 -16.68
C GLU C 546 31.84 8.70 -15.45
N ARG C 547 32.56 8.78 -14.33
CA ARG C 547 32.08 8.23 -13.06
C ARG C 547 30.95 9.12 -12.58
N ILE C 548 31.12 10.42 -12.83
CA ILE C 548 30.04 11.38 -12.61
C ILE C 548 28.95 11.09 -13.62
N GLY C 549 29.29 11.22 -14.91
CA GLY C 549 28.38 10.99 -16.01
C GLY C 549 27.45 9.82 -15.81
N ARG C 550 28.02 8.65 -15.49
CA ARG C 550 27.22 7.45 -15.36
C ARG C 550 26.79 7.12 -13.93
N ALA C 551 26.61 8.16 -13.12
CA ALA C 551 26.17 8.01 -11.72
C ALA C 551 24.65 7.87 -11.58
N ARG C 552 23.93 8.81 -12.18
CA ARG C 552 22.47 8.84 -12.17
C ARG C 552 21.88 7.52 -12.66
N TYR C 553 22.72 6.69 -13.29
CA TYR C 553 22.26 5.42 -13.84
C TYR C 553 22.57 4.24 -12.92
N VAL C 554 23.15 4.53 -11.75
CA VAL C 554 23.54 3.48 -10.82
C VAL C 554 22.48 3.28 -9.74
N SER C 555 22.02 2.03 -9.63
CA SER C 555 21.18 1.56 -8.55
C SER C 555 21.28 2.45 -7.31
N GLU C 556 20.15 2.66 -6.64
CA GLU C 556 20.10 3.50 -5.45
C GLU C 556 20.87 2.88 -4.28
N GLU C 557 20.82 1.56 -4.22
CA GLU C 557 21.46 0.81 -3.17
C GLU C 557 22.98 0.74 -3.37
N GLU C 558 23.42 0.68 -4.62
CA GLU C 558 24.84 0.57 -4.95
C GLU C 558 25.55 1.93 -4.99
N PHE C 559 24.79 2.99 -4.73
CA PHE C 559 25.29 4.36 -4.88
C PHE C 559 26.22 4.86 -3.77
N PRO C 560 25.91 4.56 -2.49
CA PRO C 560 26.78 4.95 -1.36
C PRO C 560 28.25 4.57 -1.54
N ALA C 561 28.50 3.36 -2.06
CA ALA C 561 29.85 2.91 -2.33
C ALA C 561 30.40 3.60 -3.59
N TYR C 562 29.53 3.80 -4.57
CA TYR C 562 29.87 4.50 -5.80
C TYR C 562 30.27 5.94 -5.51
N PHE C 563 29.54 6.59 -4.60
CA PHE C 563 29.88 7.93 -4.15
C PHE C 563 31.21 7.97 -3.38
N GLU C 564 31.36 7.08 -2.40
CA GLU C 564 32.56 7.00 -1.56
C GLU C 564 33.84 6.74 -2.37
N GLU C 565 33.76 5.83 -3.36
CA GLU C 565 34.91 5.51 -4.20
C GLU C 565 35.20 6.62 -5.21
N ALA C 566 34.16 7.17 -5.82
CA ALA C 566 34.33 8.22 -6.81
C ALA C 566 34.85 9.50 -6.16
N MET C 567 34.39 9.79 -4.95
CA MET C 567 34.87 10.95 -4.19
C MET C 567 36.37 10.81 -3.96
N LYS C 568 36.80 9.57 -3.73
CA LYS C 568 38.20 9.21 -3.52
C LYS C 568 39.01 9.25 -4.83
N GLU C 569 38.31 9.12 -5.96
CA GLU C 569 38.97 9.08 -7.26
C GLU C 569 39.16 10.48 -7.83
N ILE C 570 38.38 11.43 -7.32
CA ILE C 570 38.52 12.84 -7.67
C ILE C 570 39.84 13.38 -7.11
N GLN C 571 40.20 12.93 -5.90
CA GLN C 571 41.45 13.31 -5.27
C GLN C 571 42.64 12.80 -6.08
N GLY C 572 42.71 11.47 -6.21
CA GLY C 572 43.85 10.78 -6.83
C GLY C 572 44.11 11.12 -8.29
N ALA C 573 43.03 11.29 -9.06
CA ALA C 573 43.15 11.66 -10.47
C ALA C 573 43.61 13.12 -10.65
N PHE C 574 43.24 13.98 -9.71
CA PHE C 574 43.65 15.38 -9.71
C PHE C 574 45.02 15.58 -9.06
N LYS C 575 45.30 14.79 -8.02
CA LYS C 575 46.61 14.79 -7.37
C LYS C 575 47.67 14.24 -8.33
N ALA C 576 47.25 13.34 -9.20
CA ALA C 576 48.12 12.77 -10.24
C ALA C 576 48.56 13.81 -11.26
N LEU C 577 47.68 14.76 -11.58
CA LEU C 577 48.02 15.83 -12.50
C LEU C 577 48.82 16.91 -11.78
N ALA C 578 50.10 16.63 -11.55
CA ALA C 578 51.00 17.57 -10.89
C ALA C 578 51.10 18.90 -11.66
N LYS D 5 -53.95 19.12 -37.14
CA LYS D 5 -52.99 19.56 -36.09
C LYS D 5 -53.24 21.01 -35.65
N LYS D 6 -52.89 21.31 -34.40
CA LYS D 6 -53.09 22.65 -33.88
C LYS D 6 -52.50 23.75 -34.76
N GLU D 7 -53.19 24.88 -34.80
CA GLU D 7 -52.67 26.13 -35.33
C GLU D 7 -52.69 27.07 -34.16
N TYR D 8 -51.60 27.81 -33.93
CA TYR D 8 -51.64 28.82 -32.87
C TYR D 8 -51.76 30.17 -33.53
N THR D 9 -52.81 30.89 -33.22
CA THR D 9 -53.08 32.18 -33.85
C THR D 9 -52.95 33.39 -32.91
N GLY D 10 -52.75 33.15 -31.62
CA GLY D 10 -52.65 34.24 -30.64
C GLY D 10 -51.29 34.92 -30.61
N ILE D 11 -50.90 35.48 -31.75
CA ILE D 11 -49.66 36.23 -31.90
C ILE D 11 -49.85 37.61 -31.31
N THR D 12 -48.99 37.98 -30.37
CA THR D 12 -49.15 39.24 -29.64
C THR D 12 -48.12 40.30 -29.99
N TYR D 13 -47.04 39.91 -30.69
CA TYR D 13 -45.88 40.78 -30.85
C TYR D 13 -44.89 40.22 -31.84
N ILE D 14 -44.45 41.07 -32.78
CA ILE D 14 -43.35 40.74 -33.69
C ILE D 14 -42.36 41.87 -33.72
N SER D 15 -41.08 41.52 -33.60
CA SER D 15 -40.01 42.52 -33.71
C SER D 15 -38.69 41.85 -34.00
N GLY D 16 -38.02 42.37 -35.02
CA GLY D 16 -36.76 41.81 -35.48
C GLY D 16 -37.02 40.40 -35.95
N PRO D 17 -36.24 39.44 -35.43
CA PRO D 17 -36.52 38.04 -35.75
C PRO D 17 -37.52 37.39 -34.80
N LEU D 18 -37.97 38.09 -33.77
CA LEU D 18 -38.76 37.38 -32.77
C LEU D 18 -40.25 37.54 -32.98
N LEU D 19 -40.99 36.45 -32.89
CA LEU D 19 -42.46 36.60 -32.72
C LEU D 19 -42.96 35.90 -31.44
N PHE D 20 -43.97 36.45 -30.78
CA PHE D 20 -44.49 35.82 -29.57
C PHE D 20 -45.89 35.28 -29.84
N VAL D 21 -46.10 34.01 -29.48
CA VAL D 21 -47.39 33.37 -29.53
C VAL D 21 -47.97 33.13 -28.13
N GLU D 22 -49.21 33.54 -27.92
CA GLU D 22 -49.88 33.30 -26.67
C GLU D 22 -50.43 31.89 -26.63
N ASN D 23 -50.82 31.45 -25.44
CA ASN D 23 -51.45 30.15 -25.30
C ASN D 23 -50.74 29.03 -26.08
N ALA D 24 -49.45 28.87 -25.85
CA ALA D 24 -48.67 27.86 -26.56
C ALA D 24 -47.84 26.96 -25.64
N LYS D 25 -48.17 26.95 -24.36
CA LYS D 25 -47.63 25.99 -23.43
C LYS D 25 -47.28 24.62 -24.04
N ASP D 26 -47.97 24.21 -25.09
CA ASP D 26 -47.76 22.86 -25.63
C ASP D 26 -46.68 22.75 -26.68
N LEU D 27 -46.07 23.87 -27.04
CA LEU D 27 -44.87 23.88 -27.89
C LEU D 27 -43.63 23.65 -27.03
N ALA D 28 -42.84 22.64 -27.40
CA ALA D 28 -41.60 22.33 -26.67
C ALA D 28 -40.46 23.28 -27.01
N TYR D 29 -39.63 23.55 -26.02
CA TYR D 29 -38.51 24.40 -26.19
C TYR D 29 -37.57 23.86 -27.27
N GLY D 30 -37.24 24.70 -28.24
CA GLY D 30 -36.37 24.28 -29.32
C GLY D 30 -37.10 23.62 -30.47
N ALA D 31 -38.42 23.55 -30.39
CA ALA D 31 -39.23 22.97 -31.44
C ALA D 31 -39.08 23.77 -32.71
N ILE D 32 -39.03 23.06 -33.83
CA ILE D 32 -39.11 23.67 -35.14
C ILE D 32 -40.58 23.97 -35.44
N VAL D 33 -40.88 25.17 -35.89
CA VAL D 33 -42.25 25.49 -36.23
C VAL D 33 -42.39 26.01 -37.64
N ASP D 34 -43.63 26.00 -38.13
CA ASP D 34 -44.00 26.57 -39.42
C ASP D 34 -44.85 27.77 -39.15
N ILE D 35 -44.74 28.77 -40.01
CA ILE D 35 -45.41 30.04 -39.84
C ILE D 35 -46.01 30.43 -41.18
N LYS D 36 -47.33 30.48 -41.27
CA LYS D 36 -47.95 30.94 -42.50
C LYS D 36 -48.50 32.33 -42.36
N ASP D 37 -48.30 33.14 -43.41
CA ASP D 37 -48.83 34.51 -43.48
C ASP D 37 -50.13 34.56 -44.29
N GLY D 38 -50.73 35.73 -44.37
CA GLY D 38 -51.99 35.91 -45.11
C GLY D 38 -51.88 35.44 -46.54
N THR D 39 -50.84 35.88 -47.23
CA THR D 39 -50.56 35.47 -48.62
C THR D 39 -50.52 33.96 -48.83
N GLY D 40 -50.41 33.19 -47.75
CA GLY D 40 -50.29 31.74 -47.87
C GLY D 40 -48.85 31.19 -47.90
N ARG D 41 -47.87 32.08 -47.99
CA ARG D 41 -46.46 31.70 -47.92
C ARG D 41 -46.13 31.17 -46.54
N VAL D 42 -45.28 30.13 -46.47
CA VAL D 42 -44.91 29.48 -45.20
C VAL D 42 -43.44 29.65 -44.82
N ARG D 43 -43.20 29.79 -43.52
CA ARG D 43 -41.89 30.20 -42.99
C ARG D 43 -41.47 29.42 -41.75
N GLY D 44 -40.17 29.13 -41.67
CA GLY D 44 -39.60 28.42 -40.54
C GLY D 44 -39.24 29.34 -39.38
N GLY D 45 -39.28 28.76 -38.18
CA GLY D 45 -38.78 29.38 -36.96
C GLY D 45 -38.50 28.30 -35.92
N GLN D 46 -38.09 28.71 -34.74
CA GLN D 46 -37.70 27.78 -33.70
C GLN D 46 -38.17 28.36 -32.38
N VAL D 47 -38.71 27.51 -31.52
CA VAL D 47 -39.11 27.97 -30.19
C VAL D 47 -37.87 28.14 -29.36
N ILE D 48 -37.56 29.37 -28.97
CA ILE D 48 -36.33 29.61 -28.23
C ILE D 48 -36.63 29.94 -26.80
N GLU D 49 -37.90 30.03 -26.48
CA GLU D 49 -38.33 30.26 -25.11
C GLU D 49 -39.85 29.96 -25.00
N VAL D 50 -40.26 29.45 -23.86
CA VAL D 50 -41.62 28.99 -23.67
C VAL D 50 -41.97 29.16 -22.22
N SER D 51 -43.15 29.72 -21.98
CA SER D 51 -43.66 29.87 -20.63
C SER D 51 -45.17 29.70 -20.65
N GLU D 52 -45.83 29.92 -19.52
CA GLU D 52 -47.29 29.91 -19.47
C GLU D 52 -47.84 31.07 -20.28
N GLU D 53 -47.21 32.24 -20.19
CA GLU D 53 -47.70 33.40 -20.94
C GLU D 53 -47.61 33.26 -22.45
N TYR D 54 -46.46 32.79 -22.96
CA TYR D 54 -46.27 32.75 -24.41
C TYR D 54 -44.97 32.07 -24.77
N ALA D 55 -44.81 31.78 -26.05
CA ALA D 55 -43.62 31.18 -26.56
C ALA D 55 -42.95 32.20 -27.48
N VAL D 56 -41.61 32.28 -27.42
CA VAL D 56 -40.90 33.20 -28.28
C VAL D 56 -40.38 32.35 -29.41
N ILE D 57 -40.73 32.73 -30.63
CA ILE D 57 -40.22 32.01 -31.77
C ILE D 57 -39.25 32.90 -32.52
N GLN D 58 -38.10 32.35 -32.86
CA GLN D 58 -37.15 33.05 -33.69
C GLN D 58 -37.35 32.62 -35.13
N VAL D 59 -37.83 33.54 -35.95
CA VAL D 59 -38.18 33.28 -37.32
C VAL D 59 -36.93 33.12 -38.18
N PHE D 60 -36.94 32.17 -39.11
CA PHE D 60 -35.77 31.92 -39.96
C PHE D 60 -35.56 32.99 -41.02
N GLU D 61 -36.56 33.23 -41.85
CA GLU D 61 -36.45 34.20 -42.93
C GLU D 61 -36.83 35.60 -42.42
N GLU D 62 -36.76 36.58 -43.31
CA GLU D 62 -37.18 37.92 -42.96
C GLU D 62 -38.57 37.86 -42.37
N THR D 63 -39.00 38.96 -41.79
CA THR D 63 -40.21 38.97 -41.05
C THR D 63 -41.33 39.67 -41.84
N THR D 64 -40.94 40.23 -42.99
CA THR D 64 -41.80 41.01 -43.89
C THR D 64 -43.03 40.22 -44.24
N GLY D 65 -44.19 40.81 -43.97
CA GLY D 65 -45.45 40.20 -44.34
C GLY D 65 -46.25 39.68 -43.16
N LEU D 66 -45.56 39.37 -42.08
CA LEU D 66 -46.23 38.82 -40.91
C LEU D 66 -47.06 39.90 -40.26
N ASP D 67 -48.20 39.48 -39.70
CA ASP D 67 -49.08 40.38 -38.94
C ASP D 67 -49.67 39.60 -37.79
N LEU D 68 -50.46 40.26 -36.96
CA LEU D 68 -50.94 39.62 -35.75
C LEU D 68 -52.31 38.99 -35.92
N ALA D 69 -52.91 39.17 -37.08
CA ALA D 69 -54.31 38.82 -37.31
C ALA D 69 -54.52 37.65 -38.27
N THR D 70 -53.62 37.46 -39.23
CA THR D 70 -53.79 36.43 -40.23
C THR D 70 -52.66 35.39 -40.23
N THR D 71 -51.84 35.42 -39.18
CA THR D 71 -50.62 34.62 -39.07
C THR D 71 -50.82 33.48 -38.05
N SER D 72 -50.47 32.26 -38.44
CA SER D 72 -50.59 31.12 -37.55
C SER D 72 -49.30 30.32 -37.49
N VAL D 73 -48.94 29.88 -36.29
CA VAL D 73 -47.76 29.04 -36.08
C VAL D 73 -48.24 27.60 -35.89
N SER D 74 -47.37 26.62 -36.16
CA SER D 74 -47.70 25.20 -35.92
C SER D 74 -46.44 24.36 -35.85
N LEU D 75 -46.48 23.33 -35.00
CA LEU D 75 -45.40 22.36 -34.84
C LEU D 75 -44.99 21.61 -36.12
N VAL D 76 -43.71 21.70 -36.47
CA VAL D 76 -43.16 20.87 -37.55
C VAL D 76 -42.47 19.66 -36.96
N GLU D 77 -41.78 19.89 -35.84
CA GLU D 77 -41.05 18.83 -35.16
C GLU D 77 -40.50 19.32 -33.85
N ASP D 78 -40.37 18.44 -32.87
CA ASP D 78 -40.01 18.87 -31.53
C ASP D 78 -38.51 19.13 -31.39
N VAL D 79 -37.72 18.43 -32.20
CA VAL D 79 -36.29 18.64 -32.28
C VAL D 79 -35.88 18.67 -33.76
N ALA D 80 -34.96 19.56 -34.15
CA ALA D 80 -34.50 19.55 -35.55
C ALA D 80 -33.71 18.28 -35.91
N ARG D 81 -34.28 17.45 -36.79
CA ARG D 81 -33.69 16.17 -37.17
C ARG D 81 -33.34 16.15 -38.64
N LEU D 82 -32.60 15.12 -39.06
CA LEU D 82 -32.22 15.02 -40.46
C LEU D 82 -32.50 13.65 -41.05
N GLY D 83 -33.18 13.68 -42.20
CA GLY D 83 -33.33 12.52 -43.05
C GLY D 83 -31.95 12.12 -43.53
N VAL D 84 -31.50 10.94 -43.10
CA VAL D 84 -30.16 10.47 -43.37
C VAL D 84 -30.15 9.00 -43.77
N SER D 85 -29.36 8.66 -44.79
CA SER D 85 -29.09 7.27 -45.14
C SER D 85 -27.71 7.26 -45.75
N LYS D 86 -27.29 6.13 -46.33
CA LYS D 86 -25.99 6.09 -46.99
C LYS D 86 -26.09 6.33 -48.49
N GLU D 87 -27.29 6.70 -48.95
CA GLU D 87 -27.51 7.01 -50.35
C GLU D 87 -27.35 8.51 -50.62
N MET D 88 -26.75 9.20 -49.66
CA MET D 88 -26.52 10.64 -49.76
C MET D 88 -25.25 10.98 -50.55
N LEU D 89 -24.50 9.96 -50.94
CA LEU D 89 -23.27 10.16 -51.71
C LEU D 89 -23.60 10.73 -53.08
N GLY D 90 -22.65 11.45 -53.67
CA GLY D 90 -22.87 12.11 -54.96
C GLY D 90 -23.95 13.17 -54.95
N ARG D 91 -24.62 13.34 -53.82
CA ARG D 91 -25.71 14.30 -53.68
C ARG D 91 -25.18 15.69 -53.36
N ARG D 92 -26.08 16.65 -53.17
CA ARG D 92 -25.69 18.05 -53.03
C ARG D 92 -26.83 18.94 -52.47
N PHE D 93 -26.78 19.16 -51.16
CA PHE D 93 -27.84 19.84 -50.43
C PHE D 93 -27.49 21.29 -50.08
N ASN D 94 -28.37 21.93 -49.31
CA ASN D 94 -28.16 23.29 -48.84
C ASN D 94 -28.08 23.37 -47.30
N GLY D 95 -28.03 24.59 -46.77
CA GLY D 95 -28.15 24.85 -45.34
C GLY D 95 -28.98 23.84 -44.56
N ILE D 96 -30.29 23.79 -44.81
CA ILE D 96 -31.20 22.85 -44.11
C ILE D 96 -31.19 21.41 -44.65
N GLY D 97 -30.40 21.15 -45.68
CA GLY D 97 -30.26 19.79 -46.20
C GLY D 97 -31.40 19.33 -47.10
N LYS D 98 -31.99 20.28 -47.82
CA LYS D 98 -32.93 19.95 -48.88
C LYS D 98 -32.16 19.99 -50.20
N PRO D 99 -32.53 19.12 -51.16
CA PRO D 99 -31.77 18.85 -52.39
C PRO D 99 -31.63 20.05 -53.34
N ILE D 100 -30.43 20.21 -53.90
CA ILE D 100 -30.12 21.37 -54.75
C ILE D 100 -29.45 20.96 -56.06
N ASP D 101 -29.31 19.65 -56.27
CA ASP D 101 -28.65 19.13 -57.45
C ASP D 101 -29.67 18.86 -58.56
N GLY D 102 -30.89 19.35 -58.37
CA GLY D 102 -31.97 19.11 -59.30
C GLY D 102 -32.36 17.64 -59.37
N LEU D 103 -31.94 16.87 -58.37
CA LEU D 103 -32.32 15.46 -58.30
C LEU D 103 -33.50 15.27 -57.33
N PRO D 104 -33.96 14.02 -57.15
CA PRO D 104 -35.13 13.82 -56.29
C PRO D 104 -34.81 13.91 -54.80
N PRO D 105 -35.77 14.41 -53.98
CA PRO D 105 -35.67 14.29 -52.53
C PRO D 105 -35.55 12.83 -52.12
N ILE D 106 -34.77 12.56 -51.08
CA ILE D 106 -34.28 11.21 -50.78
C ILE D 106 -34.93 10.50 -49.59
N THR D 107 -34.89 9.17 -49.60
CA THR D 107 -35.53 8.34 -48.58
C THR D 107 -34.56 8.00 -47.47
N PRO D 108 -34.91 8.33 -46.21
CA PRO D 108 -34.03 8.22 -45.06
C PRO D 108 -34.27 6.97 -44.21
N GLU D 109 -33.19 6.31 -43.80
CA GLU D 109 -33.30 5.13 -42.95
C GLU D 109 -33.50 5.50 -41.48
N LYS D 110 -33.14 6.74 -41.14
CA LYS D 110 -33.41 7.30 -39.81
C LYS D 110 -33.42 8.83 -39.85
N ARG D 111 -34.13 9.43 -38.92
CA ARG D 111 -34.05 10.87 -38.68
C ARG D 111 -33.24 11.12 -37.40
N LEU D 112 -32.13 11.83 -37.52
CA LEU D 112 -31.28 12.03 -36.36
C LEU D 112 -31.29 13.47 -35.89
N PRO D 113 -31.25 13.69 -34.56
CA PRO D 113 -31.12 15.03 -34.02
C PRO D 113 -29.82 15.62 -34.55
N ILE D 114 -29.92 16.70 -35.32
CA ILE D 114 -28.72 17.23 -35.96
C ILE D 114 -27.76 17.88 -34.96
N THR D 115 -28.22 18.09 -33.74
CA THR D 115 -27.35 18.53 -32.65
C THR D 115 -26.32 17.47 -32.20
N GLY D 116 -26.62 16.19 -32.45
CA GLY D 116 -25.74 15.10 -32.04
C GLY D 116 -25.58 14.96 -30.54
N LEU D 117 -24.60 14.18 -30.11
CA LEU D 117 -24.34 13.96 -28.70
C LEU D 117 -22.84 13.87 -28.46
N PRO D 118 -22.38 14.25 -27.25
CA PRO D 118 -20.91 14.12 -27.08
C PRO D 118 -20.49 12.64 -26.99
N LEU D 119 -19.36 12.29 -27.59
CA LEU D 119 -18.82 10.92 -27.49
C LEU D 119 -18.40 10.74 -26.06
N ASN D 120 -18.62 9.55 -25.52
CA ASN D 120 -18.13 9.21 -24.21
C ASN D 120 -16.62 9.04 -24.30
N PRO D 121 -15.84 9.86 -23.56
CA PRO D 121 -14.37 9.85 -23.63
C PRO D 121 -13.78 8.44 -23.55
N VAL D 122 -14.42 7.61 -22.73
CA VAL D 122 -14.01 6.24 -22.45
C VAL D 122 -14.23 5.31 -23.65
N ALA D 123 -15.03 5.78 -24.61
CA ALA D 123 -15.40 5.02 -25.79
C ALA D 123 -14.56 5.44 -26.98
N ARG D 124 -13.66 6.39 -26.77
CA ARG D 124 -12.79 6.83 -27.86
C ARG D 124 -11.60 5.88 -28.05
N ARG D 125 -10.55 6.36 -28.72
CA ARG D 125 -9.52 5.50 -29.28
C ARG D 125 -8.47 6.42 -29.87
N LYS D 126 -7.24 6.38 -29.37
CA LYS D 126 -6.19 7.24 -29.93
C LYS D 126 -6.17 7.11 -31.45
N PRO D 127 -6.35 8.24 -32.16
CA PRO D 127 -6.26 8.24 -33.61
C PRO D 127 -4.87 7.83 -34.08
N GLU D 128 -4.81 6.88 -35.01
CA GLU D 128 -3.55 6.23 -35.36
C GLU D 128 -3.18 6.17 -36.86
N GLN D 129 -4.18 6.01 -37.72
CA GLN D 129 -3.92 5.89 -39.15
C GLN D 129 -3.80 7.27 -39.76
N PHE D 130 -2.97 7.41 -40.78
CA PHE D 130 -2.84 8.69 -41.49
C PHE D 130 -3.77 8.72 -42.69
N ILE D 131 -3.98 9.91 -43.23
CA ILE D 131 -4.74 10.11 -44.47
C ILE D 131 -3.80 10.87 -45.39
N GLN D 132 -3.66 10.38 -46.59
CA GLN D 132 -2.76 10.99 -47.53
C GLN D 132 -3.46 12.17 -48.23
N THR D 133 -3.03 13.40 -47.96
CA THR D 133 -3.72 14.54 -48.56
C THR D 133 -3.24 14.78 -49.97
N GLY D 134 -2.00 14.41 -50.23
CA GLY D 134 -1.38 14.66 -51.53
C GLY D 134 -0.51 15.90 -51.54
N ILE D 135 -0.54 16.65 -50.44
CA ILE D 135 0.35 17.79 -50.25
C ILE D 135 1.48 17.36 -49.32
N SER D 136 2.72 17.55 -49.78
CA SER D 136 3.92 17.20 -49.02
C SER D 136 4.04 17.91 -47.66
N THR D 137 3.80 19.22 -47.63
CA THR D 137 3.89 19.95 -46.38
C THR D 137 2.90 19.37 -45.38
N ILE D 138 1.69 19.02 -45.80
CA ILE D 138 0.80 18.35 -44.87
C ILE D 138 1.33 16.94 -44.66
N ASP D 139 1.18 16.09 -45.66
CA ASP D 139 1.45 14.65 -45.53
C ASP D 139 2.73 14.25 -44.77
N VAL D 140 3.87 14.80 -45.20
CA VAL D 140 5.14 14.45 -44.60
C VAL D 140 5.37 15.14 -43.25
N MET D 141 5.00 16.42 -43.16
CA MET D 141 5.37 17.22 -42.01
C MET D 141 4.28 17.32 -40.93
N ASN D 142 3.03 17.50 -41.36
CA ASN D 142 1.96 17.83 -40.43
C ASN D 142 0.81 16.87 -40.58
N THR D 143 1.13 15.60 -40.68
CA THR D 143 0.19 14.59 -41.17
C THR D 143 -1.21 14.74 -40.60
N LEU D 144 -2.18 14.68 -41.48
CA LEU D 144 -3.54 14.54 -41.07
C LEU D 144 -3.63 13.08 -40.67
N VAL D 145 -4.03 12.82 -39.42
CA VAL D 145 -4.35 11.45 -39.02
C VAL D 145 -5.86 11.26 -38.83
N ARG D 146 -6.32 10.05 -39.14
CA ARG D 146 -7.74 9.72 -39.09
C ARG D 146 -8.33 9.86 -37.70
N GLY D 147 -9.33 10.74 -37.59
CA GLY D 147 -9.94 11.06 -36.28
C GLY D 147 -9.57 12.44 -35.75
N GLN D 148 -8.65 13.12 -36.45
CA GLN D 148 -8.13 14.43 -36.03
C GLN D 148 -9.00 15.57 -36.57
N LYS D 149 -8.93 16.70 -35.87
CA LYS D 149 -9.37 17.98 -36.45
C LYS D 149 -8.16 18.87 -36.61
N LEU D 150 -7.87 19.23 -37.85
CA LEU D 150 -6.67 19.96 -38.19
C LEU D 150 -7.07 21.08 -39.16
N PRO D 151 -7.19 22.32 -38.64
CA PRO D 151 -7.76 23.29 -39.58
C PRO D 151 -6.73 24.00 -40.38
N ILE D 152 -7.17 24.53 -41.52
CA ILE D 152 -6.39 25.49 -42.33
C ILE D 152 -6.69 26.91 -41.89
N PHE D 153 -5.62 27.61 -41.52
CA PHE D 153 -5.65 29.04 -41.18
C PHE D 153 -5.23 29.86 -42.38
N SER D 154 -6.19 30.52 -43.02
CA SER D 154 -5.89 31.27 -44.25
C SER D 154 -6.10 32.79 -44.08
N GLY D 155 -6.33 33.49 -45.17
CA GLY D 155 -6.62 34.92 -45.13
C GLY D 155 -7.52 35.34 -46.28
N SER D 156 -8.38 36.33 -46.03
CA SER D 156 -9.11 36.96 -47.13
C SER D 156 -8.10 37.37 -48.20
N GLY D 157 -8.34 36.94 -49.42
CA GLY D 157 -7.36 37.06 -50.49
C GLY D 157 -6.86 35.66 -50.78
N LEU D 158 -6.14 35.09 -49.83
CA LEU D 158 -5.57 33.73 -49.95
C LEU D 158 -6.54 32.64 -50.46
N PRO D 159 -5.98 31.61 -51.14
CA PRO D 159 -6.69 30.59 -51.91
C PRO D 159 -7.05 29.31 -51.13
N ALA D 160 -7.89 29.45 -50.11
CA ALA D 160 -8.24 28.31 -49.28
C ALA D 160 -9.14 27.36 -50.03
N ASN D 161 -10.14 27.93 -50.70
CA ASN D 161 -11.00 27.18 -51.60
C ASN D 161 -10.24 26.14 -52.44
N GLU D 162 -9.21 26.61 -53.14
CA GLU D 162 -8.33 25.74 -53.93
C GLU D 162 -7.69 24.56 -53.13
N ILE D 163 -7.11 24.87 -51.98
CA ILE D 163 -6.57 23.85 -51.10
C ILE D 163 -7.67 22.91 -50.69
N ALA D 164 -8.77 23.48 -50.17
CA ALA D 164 -9.96 22.70 -49.80
C ALA D 164 -10.34 21.78 -50.95
N ALA D 165 -10.63 22.38 -52.09
CA ALA D 165 -10.97 21.61 -53.26
C ALA D 165 -9.93 20.49 -53.55
N GLN D 166 -8.65 20.80 -53.29
CA GLN D 166 -7.57 19.92 -53.68
C GLN D 166 -7.48 18.71 -52.75
N ILE D 167 -7.47 18.96 -51.45
CA ILE D 167 -7.44 17.87 -50.49
C ILE D 167 -8.67 16.99 -50.72
N ALA D 168 -9.79 17.61 -51.07
CA ALA D 168 -11.02 16.89 -51.33
C ALA D 168 -10.83 15.91 -52.49
N ARG D 169 -10.16 16.37 -53.56
CA ARG D 169 -9.91 15.51 -54.73
C ARG D 169 -8.86 14.45 -54.46
N GLN D 170 -7.81 14.83 -53.72
CA GLN D 170 -6.62 14.01 -53.58
C GLN D 170 -6.72 13.00 -52.44
N ALA D 171 -7.27 13.42 -51.31
CA ALA D 171 -7.26 12.60 -50.09
C ALA D 171 -7.58 11.13 -50.32
N THR D 172 -6.94 10.27 -49.52
CA THR D 172 -7.18 8.84 -49.58
C THR D 172 -6.54 8.07 -48.44
N VAL D 173 -7.08 6.89 -48.22
CA VAL D 173 -6.64 5.99 -47.17
C VAL D 173 -5.60 5.07 -47.78
N ARG D 174 -4.62 4.65 -47.00
CA ARG D 174 -3.52 3.83 -47.51
C ARG D 174 -3.47 2.40 -46.93
N PRO D 175 -4.43 1.55 -47.32
CA PRO D 175 -4.57 0.19 -46.82
C PRO D 175 -3.35 -0.68 -47.13
N ASP D 176 -2.80 -0.51 -48.33
CA ASP D 176 -1.64 -1.29 -48.77
C ASP D 176 -0.38 -1.03 -47.92
N LEU D 177 -0.41 0.04 -47.13
CA LEU D 177 0.70 0.35 -46.23
C LEU D 177 0.43 -0.15 -44.83
N SER D 178 -0.82 -0.51 -44.56
CA SER D 178 -1.25 -1.03 -43.25
C SER D 178 -1.79 -2.45 -43.35
N GLY D 179 -1.63 -3.07 -44.52
CA GLY D 179 -2.09 -4.44 -44.75
C GLY D 179 -3.59 -4.60 -44.83
N GLU D 180 -4.29 -3.67 -44.20
CA GLU D 180 -5.75 -3.68 -44.01
C GLU D 180 -6.55 -4.10 -45.24
N GLY D 181 -7.53 -4.97 -45.00
CA GLY D 181 -8.55 -5.29 -45.99
C GLY D 181 -9.28 -4.01 -46.38
N GLU D 182 -9.55 -3.84 -47.67
CA GLU D 182 -10.12 -2.59 -48.18
C GLU D 182 -11.65 -2.52 -48.02
N LYS D 183 -12.27 -3.64 -47.62
CA LYS D 183 -13.74 -3.71 -47.53
C LYS D 183 -14.38 -2.80 -46.48
N GLU D 184 -13.96 -2.92 -45.22
CA GLU D 184 -14.46 -2.03 -44.15
C GLU D 184 -13.81 -0.64 -44.24
N GLU D 185 -13.50 -0.19 -45.45
CA GLU D 185 -12.71 1.02 -45.63
C GLU D 185 -13.17 2.01 -46.72
N PRO D 186 -14.50 2.10 -46.97
CA PRO D 186 -14.89 3.14 -47.92
C PRO D 186 -14.53 4.55 -47.40
N PHE D 187 -14.12 5.42 -48.31
CA PHE D 187 -13.71 6.79 -47.95
C PHE D 187 -14.66 7.84 -48.54
N ALA D 188 -15.22 8.69 -47.68
CA ALA D 188 -16.17 9.69 -48.13
C ALA D 188 -15.84 11.10 -47.64
N VAL D 189 -16.19 12.08 -48.45
CA VAL D 189 -15.94 13.47 -48.12
C VAL D 189 -17.23 14.22 -47.81
N VAL D 190 -17.36 14.72 -46.59
CA VAL D 190 -18.49 15.62 -46.32
C VAL D 190 -18.08 17.11 -46.35
N PHE D 191 -18.48 17.78 -47.42
CA PHE D 191 -18.10 19.17 -47.69
C PHE D 191 -19.20 20.06 -47.16
N ALA D 192 -18.81 21.05 -46.37
CA ALA D 192 -19.79 21.95 -45.79
C ALA D 192 -19.31 23.36 -45.98
N ALA D 193 -20.05 24.11 -46.78
CA ALA D 193 -19.65 25.45 -47.11
C ALA D 193 -20.60 26.42 -46.47
N MET D 194 -20.05 27.35 -45.70
CA MET D 194 -20.83 28.33 -44.99
C MET D 194 -20.60 29.73 -45.53
N GLY D 195 -21.69 30.32 -46.02
CA GLY D 195 -21.69 31.70 -46.48
C GLY D 195 -20.82 31.91 -47.70
N ILE D 196 -20.85 30.96 -48.63
CA ILE D 196 -20.08 31.11 -49.86
C ILE D 196 -20.84 31.96 -50.87
N THR D 197 -20.12 32.54 -51.82
CA THR D 197 -20.74 33.30 -52.89
C THR D 197 -20.99 32.39 -54.07
N GLN D 198 -21.98 32.74 -54.88
CA GLN D 198 -22.33 31.98 -56.08
C GLN D 198 -21.09 31.63 -56.92
N ARG D 199 -20.16 32.58 -57.02
CA ARG D 199 -18.92 32.38 -57.77
C ARG D 199 -18.11 31.21 -57.20
N GLU D 200 -18.11 31.07 -55.88
CA GLU D 200 -17.36 30.02 -55.19
C GLU D 200 -18.09 28.70 -55.24
N LEU D 201 -19.42 28.74 -55.12
CA LEU D 201 -20.25 27.55 -55.23
C LEU D 201 -20.02 26.91 -56.61
N SER D 202 -20.20 27.73 -57.64
CA SER D 202 -19.93 27.39 -59.02
C SER D 202 -18.62 26.62 -59.10
N TYR D 203 -17.60 27.11 -58.40
CA TYR D 203 -16.28 26.49 -58.34
C TYR D 203 -16.29 25.11 -57.66
N PHE D 204 -16.68 25.04 -56.39
CA PHE D 204 -16.72 23.74 -55.70
C PHE D 204 -17.52 22.68 -56.45
N ILE D 205 -18.65 23.06 -57.02
CA ILE D 205 -19.40 22.11 -57.83
C ILE D 205 -18.56 21.66 -59.01
N GLN D 206 -18.09 22.60 -59.80
CA GLN D 206 -17.21 22.30 -60.93
C GLN D 206 -16.11 21.32 -60.51
N GLU D 207 -15.46 21.65 -59.40
CA GLU D 207 -14.33 20.88 -58.89
C GLU D 207 -14.68 19.46 -58.44
N PHE D 208 -15.88 19.28 -57.88
CA PHE D 208 -16.32 17.97 -57.46
C PHE D 208 -16.78 17.11 -58.63
N GLU D 209 -17.10 17.75 -59.74
CA GLU D 209 -17.57 17.02 -60.90
C GLU D 209 -16.43 16.68 -61.85
N ARG D 210 -15.54 17.65 -62.03
CA ARG D 210 -14.47 17.58 -63.02
C ARG D 210 -13.73 16.23 -63.09
N THR D 211 -13.41 15.65 -61.95
CA THR D 211 -12.72 14.35 -61.91
C THR D 211 -13.46 13.31 -61.07
N GLY D 212 -14.78 13.49 -60.95
CA GLY D 212 -15.65 12.51 -60.31
C GLY D 212 -15.58 12.45 -58.79
N ALA D 213 -14.89 13.42 -58.20
CA ALA D 213 -14.80 13.51 -56.74
C ALA D 213 -16.18 13.51 -56.11
N LEU D 214 -17.18 13.96 -56.88
CA LEU D 214 -18.55 14.13 -56.41
C LEU D 214 -19.19 12.82 -55.98
N SER D 215 -18.90 11.74 -56.70
CA SER D 215 -19.55 10.45 -56.48
C SER D 215 -19.38 9.89 -55.06
N ARG D 216 -18.37 10.36 -54.34
CA ARG D 216 -18.12 9.91 -52.96
C ARG D 216 -18.20 11.06 -51.93
N SER D 217 -19.05 12.04 -52.21
CA SER D 217 -19.14 13.19 -51.33
C SER D 217 -20.58 13.46 -50.98
N VAL D 218 -20.78 14.26 -49.93
CA VAL D 218 -22.10 14.82 -49.65
C VAL D 218 -21.85 16.32 -49.43
N LEU D 219 -22.43 17.16 -50.27
CA LEU D 219 -22.15 18.60 -50.17
C LEU D 219 -23.26 19.32 -49.40
N PHE D 220 -22.89 20.12 -48.42
CA PHE D 220 -23.84 21.01 -47.78
C PHE D 220 -23.43 22.44 -48.09
N LEU D 221 -23.98 22.94 -49.19
CA LEU D 221 -23.63 24.27 -49.68
C LEU D 221 -24.54 25.35 -49.08
N ASN D 222 -23.92 26.36 -48.52
CA ASN D 222 -24.69 27.47 -47.97
C ASN D 222 -24.11 28.79 -48.45
N LYS D 223 -25.01 29.64 -48.96
CA LYS D 223 -24.63 30.88 -49.58
C LYS D 223 -24.62 32.04 -48.58
N ALA D 224 -23.91 33.10 -48.95
CA ALA D 224 -23.85 34.30 -48.16
C ALA D 224 -25.24 34.96 -48.09
N ASP D 225 -26.04 34.82 -49.14
CA ASP D 225 -27.34 35.48 -49.18
C ASP D 225 -28.48 34.67 -48.54
N ASP D 226 -28.16 33.49 -48.05
CA ASP D 226 -29.15 32.63 -47.43
C ASP D 226 -29.51 33.16 -46.05
N PRO D 227 -30.67 32.74 -45.50
CA PRO D 227 -31.00 33.15 -44.13
C PRO D 227 -29.92 32.62 -43.21
N THR D 228 -29.40 33.49 -42.34
CA THR D 228 -28.22 33.18 -41.57
C THR D 228 -28.34 31.90 -40.75
N ILE D 229 -29.46 31.70 -40.07
CA ILE D 229 -29.59 30.46 -39.28
C ILE D 229 -29.26 29.16 -40.07
N GLU D 230 -29.51 29.15 -41.38
CA GLU D 230 -29.04 28.03 -42.20
C GLU D 230 -27.53 27.82 -42.06
N ARG D 231 -26.77 28.89 -41.81
CA ARG D 231 -25.32 28.80 -41.64
C ARG D 231 -24.98 28.04 -40.35
N ILE D 232 -25.72 28.33 -39.28
CA ILE D 232 -25.54 27.65 -38.00
C ILE D 232 -25.80 26.15 -38.11
N LEU D 233 -26.78 25.78 -38.95
CA LEU D 233 -27.23 24.40 -39.10
C LEU D 233 -26.37 23.55 -40.01
N THR D 234 -25.77 24.19 -41.03
CA THR D 234 -24.89 23.49 -41.98
C THR D 234 -23.87 22.51 -41.34
N PRO D 235 -22.97 23.04 -40.46
CA PRO D 235 -21.96 22.19 -39.87
C PRO D 235 -22.57 21.04 -39.11
N ARG D 236 -23.73 21.27 -38.49
CA ARG D 236 -24.45 20.24 -37.76
C ARG D 236 -25.05 19.17 -38.69
N MET D 237 -25.57 19.59 -39.85
CA MET D 237 -26.14 18.65 -40.81
C MET D 237 -25.01 17.74 -41.24
N ALA D 238 -23.94 18.36 -41.73
CA ALA D 238 -22.71 17.70 -42.19
C ALA D 238 -22.21 16.64 -41.23
N LEU D 239 -22.10 17.02 -39.96
CA LEU D 239 -21.49 16.15 -38.97
C LEU D 239 -22.43 15.03 -38.59
N THR D 240 -23.72 15.29 -38.75
CA THR D 240 -24.73 14.29 -38.50
C THR D 240 -24.66 13.20 -39.56
N VAL D 241 -24.50 13.60 -40.83
CA VAL D 241 -24.32 12.63 -41.91
C VAL D 241 -22.98 11.92 -41.77
N ALA D 242 -22.00 12.63 -41.23
CA ALA D 242 -20.63 12.13 -41.07
C ALA D 242 -20.49 11.14 -39.92
N GLU D 243 -21.11 11.45 -38.78
CA GLU D 243 -21.12 10.50 -37.65
C GLU D 243 -21.82 9.22 -38.09
N TYR D 244 -22.87 9.39 -38.90
CA TYR D 244 -23.73 8.29 -39.35
C TYR D 244 -23.00 7.35 -40.29
N LEU D 245 -22.42 7.91 -41.35
CA LEU D 245 -21.62 7.11 -42.28
C LEU D 245 -20.41 6.50 -41.56
N ALA D 246 -19.81 7.24 -40.64
CA ALA D 246 -18.64 6.73 -39.94
C ALA D 246 -18.98 5.61 -38.94
N PHE D 247 -19.84 5.90 -37.97
CA PHE D 247 -20.01 5.01 -36.82
C PHE D 247 -21.14 3.98 -36.91
N GLU D 248 -21.71 3.85 -38.09
CA GLU D 248 -22.71 2.82 -38.34
C GLU D 248 -22.48 2.13 -39.67
N HIS D 249 -21.57 2.69 -40.46
CA HIS D 249 -21.30 2.18 -41.81
C HIS D 249 -19.80 2.03 -42.13
N ASP D 250 -18.96 2.31 -41.14
CA ASP D 250 -17.53 2.05 -41.21
C ASP D 250 -16.84 2.88 -42.27
N TYR D 251 -17.46 3.97 -42.70
CA TYR D 251 -16.79 4.92 -43.59
C TYR D 251 -15.75 5.67 -42.82
N HIS D 252 -14.63 5.93 -43.49
CA HIS D 252 -13.73 6.98 -43.06
C HIS D 252 -14.20 8.25 -43.75
N VAL D 253 -14.54 9.25 -42.95
CA VAL D 253 -15.10 10.48 -43.49
C VAL D 253 -14.14 11.61 -43.23
N LEU D 254 -14.00 12.44 -44.24
CA LEU D 254 -13.20 13.63 -44.10
C LEU D 254 -14.20 14.76 -44.24
N VAL D 255 -14.29 15.59 -43.19
CA VAL D 255 -15.21 16.72 -43.22
C VAL D 255 -14.41 17.98 -43.41
N ILE D 256 -14.83 18.77 -44.39
CA ILE D 256 -14.17 20.04 -44.67
C ILE D 256 -15.22 21.10 -44.45
N LEU D 257 -14.90 22.07 -43.58
CA LEU D 257 -15.83 23.13 -43.26
C LEU D 257 -15.20 24.47 -43.64
N THR D 258 -15.75 25.09 -44.67
CA THR D 258 -15.28 26.36 -45.15
C THR D 258 -16.55 27.17 -45.32
N ASP D 259 -16.64 28.34 -44.70
CA ASP D 259 -15.51 29.02 -44.06
C ASP D 259 -15.94 29.39 -42.63
N MET D 260 -15.20 28.92 -41.64
CA MET D 260 -15.65 29.02 -40.27
C MET D 260 -15.76 30.45 -39.75
N THR D 261 -15.05 31.38 -40.38
CA THR D 261 -15.22 32.78 -40.02
C THR D 261 -16.66 33.19 -40.34
N ASN D 262 -17.15 32.79 -41.53
CA ASN D 262 -18.55 33.02 -41.91
C ASN D 262 -19.48 32.35 -40.89
N TYR D 263 -19.14 31.13 -40.45
CA TYR D 263 -19.89 30.51 -39.37
C TYR D 263 -19.95 31.39 -38.12
N SER D 264 -18.78 31.80 -37.61
CA SER D 264 -18.73 32.54 -36.35
C SER D 264 -19.42 33.89 -36.54
N GLU D 265 -19.20 34.50 -37.71
CA GLU D 265 -19.88 35.74 -38.08
C GLU D 265 -21.41 35.63 -38.07
N ALA D 266 -21.91 34.45 -38.41
CA ALA D 266 -23.32 34.15 -38.31
C ALA D 266 -23.75 33.89 -36.87
N LEU D 267 -22.92 33.19 -36.11
CA LEU D 267 -23.25 32.86 -34.73
C LEU D 267 -23.58 34.09 -33.90
N ARG D 268 -22.77 35.15 -34.09
CA ARG D 268 -22.89 36.37 -33.30
C ARG D 268 -24.15 37.14 -33.70
N GLU D 269 -24.30 37.33 -35.03
CA GLU D 269 -25.46 37.97 -35.66
C GLU D 269 -26.75 37.44 -35.05
N ILE D 270 -26.91 36.12 -35.08
CA ILE D 270 -28.00 35.43 -34.41
C ILE D 270 -28.05 35.82 -32.94
N GLY D 271 -27.08 36.61 -32.48
CA GLY D 271 -26.98 37.08 -31.09
C GLY D 271 -27.23 38.57 -30.93
N ALA D 272 -26.71 39.36 -31.87
CA ALA D 272 -27.05 40.78 -31.96
C ALA D 272 -28.56 40.90 -32.20
N ALA D 273 -29.15 39.80 -32.68
CA ALA D 273 -30.58 39.75 -32.99
C ALA D 273 -31.36 38.86 -32.01
N ARG D 274 -30.72 38.51 -30.90
CA ARG D 274 -31.41 37.79 -29.86
C ARG D 274 -31.09 38.50 -28.56
N GLU D 275 -30.38 39.62 -28.67
CA GLU D 275 -30.15 40.58 -27.58
C GLU D 275 -28.74 40.56 -27.00
N GLU D 276 -28.09 39.40 -27.16
CA GLU D 276 -26.94 38.98 -26.35
C GLU D 276 -25.73 39.92 -26.35
N ILE D 277 -25.25 40.22 -25.14
CA ILE D 277 -24.06 41.04 -24.92
C ILE D 277 -22.79 40.31 -25.36
N PRO D 278 -22.06 40.87 -26.34
CA PRO D 278 -20.90 40.22 -26.97
C PRO D 278 -19.70 40.01 -26.02
N GLY D 279 -18.96 38.94 -26.25
CA GLY D 279 -17.73 38.67 -25.53
C GLY D 279 -16.50 39.29 -26.19
N ARG D 280 -15.33 38.72 -25.88
CA ARG D 280 -14.03 39.29 -26.30
C ARG D 280 -14.09 39.64 -27.78
N ARG D 281 -13.37 40.70 -28.15
CA ARG D 281 -13.45 41.34 -29.48
C ARG D 281 -14.83 41.24 -30.16
N GLY D 282 -15.88 41.24 -29.34
CA GLY D 282 -17.24 41.37 -29.81
C GLY D 282 -17.90 40.22 -30.55
N TYR D 283 -17.66 38.96 -30.12
CA TYR D 283 -18.46 37.77 -30.54
C TYR D 283 -19.10 37.09 -29.31
N PRO D 284 -20.04 36.13 -29.51
CA PRO D 284 -20.79 35.52 -28.40
C PRO D 284 -19.97 34.88 -27.26
N GLY D 285 -20.27 35.24 -26.02
CA GLY D 285 -19.56 34.70 -24.86
C GLY D 285 -19.34 33.19 -24.82
N TYR D 286 -20.27 32.43 -25.42
CA TYR D 286 -20.17 30.97 -25.42
C TYR D 286 -19.67 30.46 -26.77
N MET D 287 -18.87 31.25 -27.48
CA MET D 287 -18.47 30.85 -28.81
C MET D 287 -17.51 29.68 -28.70
N TYR D 288 -16.71 29.63 -27.63
CA TYR D 288 -15.81 28.49 -27.44
C TYR D 288 -16.65 27.20 -27.30
N THR D 289 -17.68 27.23 -26.47
CA THR D 289 -18.52 26.05 -26.25
C THR D 289 -19.20 25.65 -27.55
N ASP D 290 -19.82 26.62 -28.17
CA ASP D 290 -20.44 26.39 -29.44
C ASP D 290 -19.51 25.68 -30.43
N LEU D 291 -18.35 26.27 -30.76
CA LEU D 291 -17.40 25.62 -31.68
C LEU D 291 -16.98 24.24 -31.15
N ALA D 292 -16.73 24.14 -29.84
CA ALA D 292 -16.48 22.82 -29.26
C ALA D 292 -17.55 21.81 -29.72
N THR D 293 -18.82 22.16 -29.59
CA THR D 293 -19.85 21.22 -29.97
C THR D 293 -19.85 20.89 -31.45
N ILE D 294 -19.06 21.62 -32.26
CA ILE D 294 -18.87 21.26 -33.66
C ILE D 294 -17.58 20.46 -33.90
N TYR D 295 -16.44 21.04 -33.53
CA TYR D 295 -15.17 20.44 -33.79
C TYR D 295 -14.98 19.10 -33.10
N GLU D 296 -15.53 18.96 -31.88
CA GLU D 296 -15.40 17.75 -31.05
C GLU D 296 -16.17 16.54 -31.60
N ARG D 297 -17.01 16.77 -32.59
CA ARG D 297 -17.76 15.70 -33.21
C ARG D 297 -16.87 15.03 -34.23
N ALA D 298 -15.75 14.50 -33.81
CA ALA D 298 -14.78 13.90 -34.72
C ALA D 298 -13.95 12.94 -33.91
N GLY D 299 -13.43 11.91 -34.55
CA GLY D 299 -12.58 10.98 -33.82
C GLY D 299 -12.82 9.56 -34.21
N VAL D 300 -12.18 8.67 -33.46
CA VAL D 300 -12.29 7.25 -33.70
C VAL D 300 -12.66 6.57 -32.38
N VAL D 301 -13.33 5.43 -32.49
CA VAL D 301 -14.00 4.74 -31.36
C VAL D 301 -13.61 3.26 -31.31
N GLU D 302 -13.52 2.68 -30.11
CA GLU D 302 -13.20 1.26 -29.97
C GLU D 302 -14.33 0.41 -30.51
N GLY D 303 -13.97 -0.61 -31.27
CA GLY D 303 -14.95 -1.54 -31.83
C GLY D 303 -15.58 -1.08 -33.13
N LYS D 304 -15.02 -0.01 -33.71
CA LYS D 304 -15.54 0.56 -34.95
C LYS D 304 -14.42 0.79 -35.96
N LYS D 305 -14.56 0.23 -37.14
CA LYS D 305 -13.53 0.36 -38.18
C LYS D 305 -13.43 1.78 -38.81
N GLY D 306 -14.51 2.57 -38.69
CA GLY D 306 -14.62 3.87 -39.36
C GLY D 306 -14.18 5.10 -38.56
N SER D 307 -14.33 6.29 -39.13
CA SER D 307 -13.77 7.49 -38.52
C SER D 307 -14.35 8.83 -39.03
N VAL D 308 -14.25 9.87 -38.21
CA VAL D 308 -14.60 11.21 -38.66
C VAL D 308 -13.42 12.14 -38.47
N THR D 309 -13.03 12.81 -39.56
CA THR D 309 -11.88 13.68 -39.54
C THR D 309 -12.36 15.03 -40.02
N GLN D 310 -11.91 16.12 -39.38
CA GLN D 310 -12.39 17.43 -39.74
C GLN D 310 -11.31 18.38 -40.20
N ILE D 311 -11.52 19.03 -41.35
CA ILE D 311 -10.65 20.15 -41.71
C ILE D 311 -11.47 21.43 -41.76
N PRO D 312 -11.62 22.11 -40.62
CA PRO D 312 -12.24 23.42 -40.70
C PRO D 312 -11.26 24.38 -41.39
N ILE D 313 -11.78 25.47 -41.93
CA ILE D 313 -11.01 26.41 -42.74
C ILE D 313 -11.48 27.80 -42.36
N LEU D 314 -10.56 28.69 -42.06
CA LEU D 314 -10.97 29.98 -41.52
C LEU D 314 -10.03 31.14 -41.93
N SER D 315 -10.60 32.17 -42.52
CA SER D 315 -9.84 33.37 -42.81
C SER D 315 -9.74 34.23 -41.56
N MET D 316 -8.52 34.42 -41.07
CA MET D 316 -8.32 35.27 -39.90
C MET D 316 -8.55 36.73 -40.31
N PRO D 317 -9.40 37.46 -39.55
CA PRO D 317 -9.79 38.83 -39.94
C PRO D 317 -8.68 39.80 -40.42
N ASP D 318 -7.56 39.89 -39.72
CA ASP D 318 -6.43 40.70 -40.20
C ASP D 318 -5.10 39.95 -40.03
N ASP D 319 -5.07 38.68 -40.43
CA ASP D 319 -3.92 37.80 -40.17
C ASP D 319 -3.56 37.74 -38.69
N ASP D 320 -4.55 38.02 -37.85
CA ASP D 320 -4.39 38.09 -36.40
C ASP D 320 -4.76 36.76 -35.77
N ARG D 321 -3.75 35.92 -35.53
CA ARG D 321 -3.95 34.61 -34.93
C ARG D 321 -4.52 34.69 -33.52
N THR D 322 -4.55 35.91 -32.97
CA THR D 322 -5.08 36.16 -31.63
C THR D 322 -6.55 36.61 -31.68
N HIS D 323 -7.14 36.63 -32.87
CA HIS D 323 -8.56 36.93 -32.99
C HIS D 323 -9.38 35.82 -32.32
N PRO D 324 -10.55 36.15 -31.74
CA PRO D 324 -11.34 35.11 -31.12
C PRO D 324 -11.54 33.90 -32.00
N ILE D 325 -11.88 34.11 -33.28
CA ILE D 325 -12.21 33.02 -34.18
C ILE D 325 -11.10 31.97 -34.20
N PRO D 326 -9.87 32.35 -34.64
CA PRO D 326 -8.75 31.40 -34.72
C PRO D 326 -8.21 31.00 -33.37
N ASP D 327 -8.31 31.89 -32.39
CA ASP D 327 -7.73 31.68 -31.07
C ASP D 327 -8.48 30.57 -30.39
N LEU D 328 -9.82 30.68 -30.39
CA LEU D 328 -10.69 29.66 -29.81
C LEU D 328 -10.70 28.37 -30.64
N THR D 329 -10.81 28.48 -31.97
CA THR D 329 -10.60 27.31 -32.79
C THR D 329 -9.27 26.59 -32.41
N GLY D 330 -8.21 27.38 -32.17
CA GLY D 330 -6.90 26.88 -31.77
C GLY D 330 -6.92 26.10 -30.46
N TYR D 331 -7.68 26.57 -29.47
CA TYR D 331 -7.78 25.87 -28.18
C TYR D 331 -8.56 24.56 -28.24
N ILE D 332 -9.28 24.31 -29.35
CA ILE D 332 -10.11 23.12 -29.44
C ILE D 332 -9.51 22.11 -30.40
N THR D 333 -9.00 22.58 -31.55
CA THR D 333 -8.52 21.69 -32.61
C THR D 333 -7.06 21.28 -32.38
N GLU D 334 -6.63 20.24 -33.09
CA GLU D 334 -5.35 19.62 -32.82
C GLU D 334 -4.20 20.12 -33.72
N GLY D 335 -4.00 21.44 -33.71
CA GLY D 335 -2.91 22.00 -34.49
C GLY D 335 -3.46 22.93 -35.53
N GLN D 336 -2.77 23.04 -36.66
CA GLN D 336 -3.28 23.82 -37.78
C GLN D 336 -2.28 23.92 -38.90
N ILE D 337 -2.79 24.20 -40.08
CA ILE D 337 -1.99 24.53 -41.23
C ILE D 337 -2.19 26.00 -41.53
N GLN D 338 -1.10 26.75 -41.68
CA GLN D 338 -1.23 28.19 -41.90
C GLN D 338 -0.77 28.64 -43.26
N LEU D 339 -1.55 29.55 -43.82
CA LEU D 339 -1.28 30.02 -45.16
C LEU D 339 -0.53 31.34 -45.10
N SER D 340 0.75 31.26 -45.46
CA SER D 340 1.67 32.38 -45.48
C SER D 340 1.46 33.26 -46.70
N ARG D 341 1.02 34.49 -46.47
CA ARG D 341 1.03 35.55 -47.48
C ARG D 341 2.43 35.63 -48.10
N GLU D 342 3.44 35.33 -47.28
CA GLU D 342 4.84 35.38 -47.70
C GLU D 342 5.15 34.45 -48.87
N LEU D 343 4.53 33.27 -48.86
CA LEU D 343 4.74 32.29 -49.90
C LEU D 343 3.83 32.59 -51.07
N HIS D 344 2.84 33.46 -50.84
CA HIS D 344 1.89 33.79 -51.88
C HIS D 344 2.51 34.67 -52.97
N ARG D 345 3.30 35.67 -52.59
CA ARG D 345 3.94 36.54 -53.58
C ARG D 345 5.02 35.80 -54.38
N LYS D 346 5.98 35.19 -53.68
CA LYS D 346 7.01 34.36 -54.32
C LYS D 346 6.43 33.35 -55.32
N GLY D 347 5.13 33.44 -55.56
CA GLY D 347 4.43 32.63 -56.57
C GLY D 347 4.11 31.21 -56.15
N ILE D 348 4.34 30.90 -54.88
CA ILE D 348 4.18 29.53 -54.39
C ILE D 348 2.74 29.18 -54.04
N TYR D 349 2.36 27.94 -54.41
CA TYR D 349 1.07 27.34 -54.08
C TYR D 349 1.29 25.83 -53.86
N PRO D 350 0.60 25.23 -52.88
CA PRO D 350 -0.25 25.80 -51.83
C PRO D 350 0.61 26.44 -50.75
N PRO D 351 0.42 27.76 -50.52
CA PRO D 351 1.23 28.57 -49.61
C PRO D 351 1.18 28.09 -48.16
N ILE D 352 1.81 26.95 -47.88
CA ILE D 352 1.83 26.39 -46.54
C ILE D 352 3.26 26.39 -46.00
N ASP D 353 3.58 27.32 -45.10
CA ASP D 353 4.89 27.26 -44.47
C ASP D 353 4.87 26.42 -43.19
N PRO D 354 5.74 25.39 -43.12
CA PRO D 354 5.76 24.35 -42.08
C PRO D 354 6.04 24.77 -40.63
N LEU D 355 6.73 25.88 -40.42
CA LEU D 355 7.19 26.23 -39.06
C LEU D 355 6.07 26.69 -38.11
N PRO D 356 5.13 27.52 -38.61
CA PRO D 356 3.95 27.90 -37.82
C PRO D 356 2.89 26.81 -37.86
N SER D 357 3.06 25.88 -38.79
CA SER D 357 2.14 24.76 -38.88
C SER D 357 2.51 23.70 -37.85
N LEU D 358 1.54 22.86 -37.55
CA LEU D 358 1.67 21.81 -36.54
C LEU D 358 0.45 20.94 -36.61
N SER D 359 0.69 19.66 -36.45
CA SER D 359 -0.31 18.63 -36.44
C SER D 359 0.04 17.80 -35.20
N ARG D 360 -0.70 18.05 -34.14
CA ARG D 360 -0.43 17.49 -32.84
C ARG D 360 -0.61 15.99 -32.75
N LEU D 361 -1.37 15.40 -33.66
CA LEU D 361 -1.66 13.97 -33.58
C LEU D 361 -0.78 13.15 -34.51
N MET D 362 0.18 13.84 -35.13
CA MET D 362 1.04 13.28 -36.17
C MET D 362 1.83 12.07 -35.72
N ASN D 363 2.60 12.24 -34.65
CA ASN D 363 3.58 11.25 -34.23
C ASN D 363 3.00 9.85 -34.01
N ASN D 364 1.68 9.78 -34.01
CA ASN D 364 0.97 8.53 -33.79
C ASN D 364 0.22 8.02 -35.03
N GLY D 365 0.57 8.57 -36.19
CA GLY D 365 -0.07 8.18 -37.44
C GLY D 365 0.93 7.75 -38.52
N VAL D 366 2.17 8.16 -38.35
CA VAL D 366 3.25 7.80 -39.23
C VAL D 366 3.92 6.45 -38.79
N GLY D 367 4.92 6.00 -39.54
CA GLY D 367 5.78 4.89 -39.10
C GLY D 367 5.48 3.51 -39.66
N LYS D 368 6.30 2.54 -39.25
CA LYS D 368 6.14 1.17 -39.71
C LYS D 368 4.68 0.70 -39.69
N GLY D 369 4.20 0.21 -40.83
CA GLY D 369 2.84 -0.27 -40.96
C GLY D 369 1.81 0.79 -41.34
N LYS D 370 2.15 2.06 -41.12
CA LYS D 370 1.22 3.15 -41.41
C LYS D 370 1.65 3.92 -42.66
N THR D 371 2.94 4.23 -42.71
CA THR D 371 3.56 4.88 -43.86
C THR D 371 4.84 4.12 -44.20
N ARG D 372 5.95 4.84 -44.29
CA ARG D 372 7.28 4.23 -44.40
C ARG D 372 7.98 4.50 -43.07
N GLU D 373 8.97 3.69 -42.72
CA GLU D 373 9.51 3.70 -41.37
C GLU D 373 10.59 4.76 -41.09
N ASP D 374 10.97 5.50 -42.13
CA ASP D 374 11.90 6.61 -41.99
C ASP D 374 11.12 7.86 -41.68
N HIS D 375 9.82 7.79 -41.96
CA HIS D 375 8.89 8.93 -41.96
C HIS D 375 9.07 9.94 -40.81
N LYS D 376 8.81 9.47 -39.59
CA LYS D 376 8.81 10.28 -38.37
C LYS D 376 10.08 11.11 -38.26
N GLN D 377 11.21 10.40 -38.32
CA GLN D 377 12.53 10.99 -38.23
C GLN D 377 12.80 11.94 -39.37
N VAL D 378 12.43 11.54 -40.57
CA VAL D 378 12.72 12.34 -41.75
C VAL D 378 12.03 13.69 -41.60
N SER D 379 10.77 13.63 -41.16
CA SER D 379 9.90 14.80 -40.94
C SER D 379 10.48 15.77 -39.92
N ASP D 380 11.04 15.22 -38.84
CA ASP D 380 11.71 16.02 -37.83
C ASP D 380 12.98 16.66 -38.40
N GLN D 381 13.77 15.88 -39.14
CA GLN D 381 14.95 16.46 -39.75
C GLN D 381 14.53 17.61 -40.63
N LEU D 382 13.59 17.33 -41.54
CA LEU D 382 13.10 18.32 -42.49
C LEU D 382 12.70 19.61 -41.80
N TYR D 383 12.00 19.47 -40.67
CA TYR D 383 11.74 20.60 -39.81
C TYR D 383 13.10 21.16 -39.41
N SER D 384 13.68 20.59 -38.35
CA SER D 384 15.01 20.97 -37.89
C SER D 384 15.82 21.73 -38.95
N ALA D 385 16.03 21.13 -40.12
CA ALA D 385 16.88 21.72 -41.16
C ALA D 385 16.30 22.98 -41.85
N TYR D 386 15.05 23.28 -41.58
CA TYR D 386 14.42 24.45 -42.17
C TYR D 386 14.40 25.57 -41.13
N ALA D 387 14.08 25.18 -39.90
CA ALA D 387 14.23 26.03 -38.72
C ALA D 387 15.68 26.49 -38.60
N ASN D 388 16.60 25.55 -38.76
CA ASN D 388 18.03 25.83 -38.79
C ASN D 388 18.42 26.66 -40.02
N GLY D 389 17.70 26.44 -41.13
CA GLY D 389 17.95 27.17 -42.37
C GLY D 389 17.32 28.56 -42.36
N VAL D 390 16.17 28.68 -41.71
CA VAL D 390 15.48 29.97 -41.59
C VAL D 390 16.22 30.93 -40.65
N ASP D 391 16.73 30.41 -39.55
CA ASP D 391 17.42 31.23 -38.55
C ASP D 391 18.74 31.82 -39.05
N ILE D 392 19.30 31.24 -40.11
CA ILE D 392 20.48 31.78 -40.78
C ILE D 392 20.07 32.94 -41.70
N ARG D 393 18.92 32.80 -42.36
CA ARG D 393 18.35 33.87 -43.18
C ARG D 393 18.21 35.17 -42.40
N LYS D 394 17.75 35.05 -41.14
CA LYS D 394 17.61 36.19 -40.22
C LYS D 394 18.98 36.76 -39.84
N LEU D 395 19.99 35.90 -39.74
CA LEU D 395 21.35 36.31 -39.38
C LEU D 395 22.00 37.20 -40.45
N VAL D 396 21.76 36.85 -41.72
CA VAL D 396 22.37 37.56 -42.86
C VAL D 396 21.29 38.25 -43.69
N ALA D 397 20.46 39.06 -43.05
CA ALA D 397 19.25 39.58 -43.68
C ALA D 397 19.36 41.02 -44.24
N ILE D 398 19.03 42.02 -43.43
CA ILE D 398 18.76 43.36 -43.97
C ILE D 398 20.00 44.24 -44.26
N ILE D 399 21.04 44.14 -43.43
CA ILE D 399 22.17 45.08 -43.52
C ILE D 399 23.27 44.70 -44.54
N GLY D 400 23.80 43.49 -44.45
CA GLY D 400 24.93 43.09 -45.30
C GLY D 400 24.99 41.63 -45.68
N GLU D 401 24.93 41.35 -46.98
CA GLU D 401 24.94 39.98 -47.51
C GLU D 401 26.35 39.37 -47.52
N ASP D 402 26.40 38.04 -47.42
CA ASP D 402 27.65 37.26 -47.46
C ASP D 402 28.39 37.16 -46.12
N ALA D 403 27.66 37.34 -45.02
CA ALA D 403 28.22 37.15 -43.69
C ALA D 403 28.04 35.68 -43.26
N LEU D 404 28.62 34.76 -44.04
CA LEU D 404 28.35 33.34 -43.85
C LEU D 404 29.52 32.40 -44.15
N THR D 405 29.56 31.28 -43.42
CA THR D 405 30.60 30.26 -43.56
C THR D 405 30.34 29.34 -44.76
N GLU D 406 31.01 28.19 -44.79
CA GLU D 406 30.77 27.18 -45.81
C GLU D 406 29.48 26.39 -45.55
N ASN D 407 29.42 25.74 -44.39
CA ASN D 407 28.33 24.84 -44.06
C ASN D 407 26.96 25.51 -44.02
N ASP D 408 26.89 26.64 -43.31
CA ASP D 408 25.67 27.42 -43.20
C ASP D 408 25.24 28.02 -44.54
N ARG D 409 26.15 28.02 -45.51
CA ARG D 409 25.83 28.36 -46.89
C ARG D 409 24.94 27.27 -47.46
N ARG D 410 25.16 26.04 -47.00
CA ARG D 410 24.49 24.85 -47.54
C ARG D 410 23.15 24.50 -46.89
N TYR D 411 23.01 24.84 -45.61
CA TYR D 411 21.71 24.85 -44.92
C TYR D 411 20.85 25.95 -45.51
N LEU D 412 21.49 26.87 -46.24
CA LEU D 412 20.81 28.01 -46.85
C LEU D 412 20.14 27.63 -48.18
N GLN D 413 20.88 26.97 -49.06
CA GLN D 413 20.33 26.49 -50.34
C GLN D 413 19.35 25.31 -50.17
N PHE D 414 19.23 24.83 -48.94
CA PHE D 414 18.29 23.77 -48.56
C PHE D 414 16.93 24.40 -48.20
N ALA D 415 16.93 25.70 -47.97
CA ALA D 415 15.73 26.46 -47.71
C ALA D 415 15.11 26.98 -49.02
N ASP D 416 15.96 27.43 -49.94
CA ASP D 416 15.49 27.91 -51.24
C ASP D 416 14.73 26.83 -52.00
N ALA D 417 15.34 25.65 -52.11
CA ALA D 417 14.80 24.55 -52.91
C ALA D 417 13.74 23.71 -52.18
N PHE D 418 13.79 23.70 -50.85
CA PHE D 418 12.67 23.18 -50.06
C PHE D 418 11.33 23.89 -50.37
N GLU D 419 11.40 25.18 -50.73
CA GLU D 419 10.23 25.92 -51.22
C GLU D 419 9.93 25.48 -52.66
N ARG D 420 10.84 25.81 -53.57
CA ARG D 420 10.69 25.54 -54.99
C ARG D 420 10.25 24.11 -55.35
N PHE D 421 10.67 23.13 -54.55
CA PHE D 421 10.35 21.73 -54.83
C PHE D 421 9.34 21.12 -53.86
N PHE D 422 9.64 21.18 -52.56
CA PHE D 422 8.76 20.59 -51.55
C PHE D 422 7.44 21.38 -51.42
N ILE D 423 7.53 22.57 -50.83
CA ILE D 423 6.39 23.44 -50.60
C ILE D 423 5.61 23.75 -51.85
N ASN D 424 6.31 24.03 -52.95
CA ASN D 424 5.67 24.51 -54.18
C ASN D 424 5.37 23.40 -55.18
N GLN D 425 4.25 22.69 -54.98
CA GLN D 425 3.89 21.55 -55.83
C GLN D 425 2.70 21.80 -56.74
N GLY D 426 2.10 22.98 -56.64
CA GLY D 426 0.97 23.33 -57.48
C GLY D 426 -0.21 22.38 -57.30
N GLN D 427 -0.47 21.58 -58.32
CA GLN D 427 -1.63 20.67 -58.34
C GLN D 427 -1.22 19.21 -58.47
N GLN D 428 0.05 18.94 -58.18
CA GLN D 428 0.52 17.57 -58.20
C GLN D 428 -0.11 16.82 -57.03
N ASN D 429 -0.58 15.61 -57.32
CA ASN D 429 -1.00 14.71 -56.25
C ASN D 429 0.16 13.80 -55.81
N ARG D 430 0.92 14.22 -54.81
CA ARG D 430 2.09 13.46 -54.39
C ARG D 430 1.74 12.42 -53.34
N SER D 431 2.02 11.15 -53.67
CA SER D 431 1.92 10.06 -52.70
C SER D 431 2.99 10.21 -51.62
N ILE D 432 2.72 9.71 -50.42
CA ILE D 432 3.66 9.75 -49.30
C ILE D 432 5.06 9.27 -49.71
N GLU D 433 5.14 8.27 -50.56
CA GLU D 433 6.43 7.81 -51.04
C GLU D 433 7.15 8.88 -51.84
N GLU D 434 6.44 9.50 -52.78
CA GLU D 434 7.01 10.57 -53.61
C GLU D 434 7.41 11.77 -52.77
N SER D 435 6.63 12.01 -51.72
CA SER D 435 6.91 13.07 -50.77
C SER D 435 8.20 12.76 -50.00
N LEU D 436 8.36 11.48 -49.64
CA LEU D 436 9.55 11.05 -48.91
C LEU D 436 10.77 10.84 -49.81
N GLN D 437 10.53 10.73 -51.11
CA GLN D 437 11.60 10.68 -52.07
C GLN D 437 12.20 12.07 -52.27
N ILE D 438 11.33 13.05 -52.51
CA ILE D 438 11.77 14.44 -52.67
C ILE D 438 12.42 14.89 -51.37
N ALA D 439 11.81 14.47 -50.26
CA ALA D 439 12.29 14.78 -48.94
C ALA D 439 13.74 14.33 -48.83
N TRP D 440 13.99 13.13 -49.33
CA TRP D 440 15.30 12.51 -49.25
C TRP D 440 16.34 13.09 -50.19
N ALA D 441 15.91 13.61 -51.33
CA ALA D 441 16.84 14.27 -52.26
C ALA D 441 17.01 15.74 -51.87
N LEU D 442 16.12 16.25 -51.04
CA LEU D 442 16.34 17.56 -50.47
C LEU D 442 17.33 17.42 -49.33
N LEU D 443 17.11 16.45 -48.44
CA LEU D 443 18.02 16.19 -47.33
C LEU D 443 19.49 16.02 -47.78
N SER D 444 19.72 15.08 -48.70
CA SER D 444 21.06 14.66 -49.09
C SER D 444 21.95 15.80 -49.63
N MET D 445 21.40 17.01 -49.67
CA MET D 445 22.19 18.22 -49.93
C MET D 445 23.14 18.45 -48.75
N LEU D 446 22.64 18.19 -47.55
CA LEU D 446 23.45 18.23 -46.34
C LEU D 446 24.29 16.96 -46.28
N PRO D 447 25.44 17.02 -45.58
CA PRO D 447 26.26 15.85 -45.32
C PRO D 447 25.61 14.90 -44.31
N GLN D 448 26.06 13.65 -44.28
CA GLN D 448 25.44 12.60 -43.46
C GLN D 448 25.35 12.86 -41.96
N GLY D 449 26.45 13.34 -41.37
CA GLY D 449 26.52 13.56 -39.92
C GLY D 449 25.64 14.67 -39.40
N GLU D 450 25.03 15.43 -40.32
CA GLU D 450 24.17 16.55 -39.97
C GLU D 450 22.70 16.14 -39.81
N LEU D 451 22.35 15.01 -40.42
CA LEU D 451 21.05 14.39 -40.22
C LEU D 451 21.01 13.73 -38.83
N LYS D 452 20.78 14.52 -37.79
CA LYS D 452 20.94 14.04 -36.40
C LYS D 452 19.69 13.42 -35.81
N ARG D 453 18.53 13.76 -36.38
CA ARG D 453 17.25 13.25 -35.87
C ARG D 453 16.88 11.93 -36.54
N ILE D 454 17.83 11.35 -37.28
CA ILE D 454 17.59 10.12 -38.05
C ILE D 454 18.57 9.01 -37.65
N SER D 455 18.02 7.82 -37.38
CA SER D 455 18.82 6.65 -37.05
C SER D 455 19.79 6.31 -38.19
N LYS D 456 21.06 6.10 -37.83
CA LYS D 456 22.18 6.04 -38.79
C LYS D 456 21.92 5.23 -40.05
N ASP D 457 21.21 4.11 -39.89
CA ASP D 457 20.94 3.22 -41.01
C ASP D 457 19.96 3.80 -42.04
N HIS D 458 18.81 4.30 -41.57
CA HIS D 458 17.81 4.91 -42.46
C HIS D 458 18.48 5.77 -43.52
N ILE D 459 19.40 6.61 -43.06
CA ILE D 459 20.26 7.42 -43.92
C ILE D 459 20.74 6.61 -45.13
N GLY D 460 21.59 5.60 -44.86
CA GLY D 460 22.21 4.77 -45.91
C GLY D 460 21.26 4.14 -46.91
N LYS D 461 20.00 4.00 -46.52
CA LYS D 461 18.95 3.48 -47.40
C LYS D 461 18.51 4.47 -48.49
N TYR D 462 18.11 5.67 -48.06
CA TYR D 462 17.36 6.59 -48.92
C TYR D 462 18.19 7.78 -49.31
N TYR D 463 19.42 7.81 -48.83
CA TYR D 463 20.31 8.94 -49.01
C TYR D 463 21.21 8.62 -50.21
N GLY D 464 21.58 7.33 -50.30
CA GLY D 464 22.35 6.79 -51.42
C GLY D 464 21.74 5.50 -51.99
#